data_9JR1
#
_entry.id   9JR1
#
_cell.length_a   61.696
_cell.length_b   229.087
_cell.length_c   116.581
_cell.angle_alpha   90.00
_cell.angle_beta   101.26
_cell.angle_gamma   90.00
#
_symmetry.space_group_name_H-M   'P 1 21 1'
#
loop_
_entity.id
_entity.type
_entity.pdbx_description
1 polymer 'Carboxyl-terminal protease'
2 polymer 'Unidentified protein'
#
loop_
_entity_poly.entity_id
_entity_poly.type
_entity_poly.pdbx_seq_one_letter_code
_entity_poly.pdbx_strand_id
1 'polypeptide(L)'
;MHHHHHHMFSRFSNVVSEIEKKYVDKISISEIMTKAIEGLLSNLDAHSAYLNEKKFKEFQAQTEGEFGGLGITVGMRDGV
LTVIAPLEGTPAYKAGVKSGDNILKINNESTLSMSIDDAINLMRGKPKTPIQITIVRKNEPKPLVFNIIRDIIKLPSVYV
KKIKETPYLYVRVSGFDKNVTKSVLEGLKANPKAKGIVLDLRGNPGGLLNQAVGLSNLFIKEGVLVSQKGKNKEESLEYK
ANGRAPYTNLPIAVLVNGGSASASEIVAGALQDHKRAVIIGEKTFGKGSVQMLLPVNKDEAIKITTARYYLPSGRTIQAK
GITPDIVIYPGKVPENENKFSLKEADLKHHLEQELKKLDDKTPNSKEADKDKKNEEEKEVTPKMINDDIQLKTAIDSLKT
WSIVDEKMDEKAPKKK
;
A,B,C,D,F,E
2 'polypeptide(L)'
;(UNK)(UNK)(UNK)(UNK)(UNK)(UNK)(UNK)(UNK)(UNK)(UNK)(UNK)(UNK)(UNK)(UNK)(UNK)(UNK)
(UNK)(UNK)(UNK)(UNK)(UNK)
;
S,T,H,G,K,L,I,J,N,O
#
# COMPACT_ATOMS: atom_id res chain seq x y z
N HIS A 7 27.07 -16.59 65.36
CA HIS A 7 27.26 -17.78 64.55
C HIS A 7 27.25 -17.44 63.06
N MET A 8 28.07 -18.15 62.29
CA MET A 8 28.21 -17.92 60.86
C MET A 8 27.49 -18.98 60.03
N PHE A 9 27.92 -20.24 60.17
CA PHE A 9 27.35 -21.34 59.39
C PHE A 9 26.02 -21.83 59.94
N SER A 10 25.48 -21.19 60.97
CA SER A 10 24.25 -21.68 61.60
C SER A 10 23.06 -21.58 60.64
N ARG A 11 22.87 -20.42 60.03
CA ARG A 11 21.77 -20.28 59.07
C ARG A 11 21.95 -21.23 57.88
N PHE A 12 23.19 -21.48 57.49
CA PHE A 12 23.45 -22.46 56.44
C PHE A 12 23.18 -23.88 56.94
N SER A 13 23.61 -24.19 58.17
CA SER A 13 23.40 -25.52 58.71
C SER A 13 21.92 -25.83 58.89
N ASN A 14 21.10 -24.82 59.21
CA ASN A 14 19.66 -25.05 59.31
C ASN A 14 19.05 -25.36 57.96
N VAL A 15 19.56 -24.72 56.90
CA VAL A 15 19.03 -24.96 55.56
C VAL A 15 19.33 -26.38 55.12
N VAL A 16 20.56 -26.83 55.33
CA VAL A 16 20.93 -28.20 54.97
C VAL A 16 20.12 -29.21 55.79
N SER A 17 19.85 -28.87 57.06
CA SER A 17 19.08 -29.76 57.92
C SER A 17 17.66 -29.93 57.41
N GLU A 18 16.96 -28.82 57.16
CA GLU A 18 15.57 -28.91 56.75
C GLU A 18 15.41 -29.46 55.35
N ILE A 19 16.42 -29.33 54.49
CA ILE A 19 16.37 -30.03 53.20
C ILE A 19 16.35 -31.53 53.42
N GLU A 20 17.26 -32.04 54.25
CA GLU A 20 17.36 -33.48 54.47
C GLU A 20 16.05 -34.06 55.00
N LYS A 21 15.24 -33.26 55.69
CA LYS A 21 14.01 -33.75 56.31
C LYS A 21 12.74 -33.30 55.60
N LYS A 22 12.79 -32.24 54.79
CA LYS A 22 11.59 -31.75 54.11
C LYS A 22 11.62 -31.90 52.60
N TYR A 23 12.79 -32.14 52.00
CA TYR A 23 12.88 -32.22 50.55
C TYR A 23 12.19 -33.49 50.06
N VAL A 24 11.72 -33.44 48.80
CA VAL A 24 10.90 -34.52 48.26
C VAL A 24 11.72 -35.80 48.08
N ASP A 25 12.98 -35.65 47.70
CA ASP A 25 13.77 -36.85 47.37
C ASP A 25 14.84 -37.08 48.43
N LYS A 26 15.59 -38.16 48.30
CA LYS A 26 16.69 -38.44 49.23
C LYS A 26 17.96 -37.88 48.63
N ILE A 27 18.62 -36.97 49.34
CA ILE A 27 19.90 -36.39 48.85
C ILE A 27 20.97 -36.59 49.92
N SER A 28 22.17 -36.96 49.51
CA SER A 28 23.26 -37.07 50.47
C SER A 28 23.80 -35.70 50.84
N ILE A 29 24.43 -35.62 52.02
CA ILE A 29 25.09 -34.39 52.43
C ILE A 29 26.20 -34.03 51.46
N SER A 30 26.96 -35.04 51.00
CA SER A 30 27.98 -34.79 50.00
C SER A 30 27.39 -34.25 48.71
N GLU A 31 26.18 -34.69 48.35
CA GLU A 31 25.51 -34.14 47.19
C GLU A 31 25.03 -32.72 47.44
N ILE A 32 24.60 -32.43 48.68
CA ILE A 32 24.14 -31.09 49.01
C ILE A 32 25.29 -30.09 48.90
N MET A 33 26.49 -30.48 49.30
CA MET A 33 27.60 -29.55 49.25
C MET A 33 27.94 -29.17 47.82
N THR A 34 27.86 -30.12 46.89
CA THR A 34 28.06 -29.80 45.49
C THR A 34 26.97 -28.86 44.97
N LYS A 35 25.75 -28.99 45.49
CA LYS A 35 24.72 -28.00 45.20
C LYS A 35 25.10 -26.64 45.76
N ALA A 36 25.71 -26.62 46.96
CA ALA A 36 26.03 -25.36 47.62
C ALA A 36 27.23 -24.66 46.99
N ILE A 37 28.26 -25.42 46.63
CA ILE A 37 29.43 -24.82 45.99
C ILE A 37 29.07 -24.28 44.61
N GLU A 38 28.33 -25.07 43.82
CA GLU A 38 27.88 -24.60 42.51
C GLU A 38 26.96 -23.40 42.64
N GLY A 39 26.12 -23.39 43.68
CA GLY A 39 25.21 -22.27 43.86
C GLY A 39 25.93 -21.01 44.32
N LEU A 40 26.90 -21.15 45.23
CA LEU A 40 27.67 -20.00 45.68
C LEU A 40 28.43 -19.37 44.51
N LEU A 41 29.06 -20.20 43.69
CA LEU A 41 29.80 -19.69 42.54
C LEU A 41 28.87 -19.10 41.51
N SER A 42 27.67 -19.68 41.33
CA SER A 42 26.72 -19.16 40.35
C SER A 42 26.15 -17.81 40.74
N ASN A 43 26.13 -17.48 42.02
CA ASN A 43 25.62 -16.20 42.50
C ASN A 43 26.74 -15.22 42.80
N LEU A 44 27.99 -15.60 42.55
CA LEU A 44 29.15 -14.74 42.74
C LEU A 44 29.56 -14.03 41.45
N ASP A 45 29.65 -14.77 40.34
CA ASP A 45 30.13 -14.25 39.08
C ASP A 45 29.43 -14.97 37.94
N ALA A 46 29.41 -14.32 36.78
CA ALA A 46 28.91 -14.97 35.58
C ALA A 46 30.03 -15.72 34.87
N HIS A 47 31.27 -15.55 35.33
CA HIS A 47 32.43 -16.25 34.79
C HIS A 47 32.92 -17.33 35.74
N SER A 48 32.21 -17.58 36.82
CA SER A 48 32.65 -18.54 37.81
C SER A 48 32.19 -19.93 37.43
N ALA A 49 32.96 -20.93 37.84
CA ALA A 49 32.60 -22.32 37.58
C ALA A 49 33.27 -23.22 38.60
N TYR A 50 32.60 -24.31 38.93
CA TYR A 50 33.14 -25.35 39.80
C TYR A 50 33.50 -26.54 38.92
N LEU A 51 34.71 -27.04 39.07
CA LEU A 51 35.23 -28.10 38.21
C LEU A 51 35.24 -29.41 39.00
N ASN A 52 34.35 -30.31 38.62
CA ASN A 52 34.22 -31.61 39.27
C ASN A 52 35.48 -32.44 39.03
N GLU A 53 35.66 -33.48 39.86
CA GLU A 53 36.94 -34.18 39.85
C GLU A 53 37.23 -34.83 38.50
N LYS A 54 36.19 -35.24 37.78
CA LYS A 54 36.36 -35.79 36.45
C LYS A 54 36.55 -34.68 35.41
N LYS A 55 36.01 -33.49 35.68
CA LYS A 55 36.08 -32.37 34.75
C LYS A 55 37.38 -31.57 34.88
N PHE A 56 38.10 -31.73 35.98
CA PHE A 56 39.42 -31.11 36.09
C PHE A 56 40.44 -31.80 35.18
N LYS A 57 40.44 -33.13 35.16
CA LYS A 57 41.37 -33.84 34.29
C LYS A 57 41.00 -33.66 32.82
N GLU A 58 39.72 -33.44 32.51
CA GLU A 58 39.34 -33.14 31.13
C GLU A 58 39.75 -31.74 30.72
N PHE A 59 39.83 -30.81 31.70
CA PHE A 59 40.30 -29.47 31.39
C PHE A 59 41.80 -29.46 31.11
N GLN A 60 42.54 -30.42 31.63
CA GLN A 60 43.98 -30.47 31.44
C GLN A 60 44.38 -31.21 30.17
N ALA A 61 43.44 -31.88 29.50
CA ALA A 61 43.75 -32.66 28.31
C ALA A 61 43.56 -31.87 27.02
N GLN A 62 43.23 -30.58 27.10
CA GLN A 62 43.12 -29.78 25.90
C GLN A 62 44.51 -29.34 25.43
N THR A 63 44.58 -28.89 24.18
CA THR A 63 45.84 -28.51 23.57
C THR A 63 45.66 -27.14 22.92
N GLU A 64 46.63 -26.78 22.06
CA GLU A 64 46.46 -25.61 21.20
C GLU A 64 45.34 -25.84 20.20
N GLY A 65 45.27 -27.02 19.60
CA GLY A 65 44.17 -27.39 18.75
C GLY A 65 42.89 -27.71 19.49
N GLU A 66 42.88 -27.59 20.81
CA GLU A 66 41.70 -27.80 21.64
C GLU A 66 41.21 -29.24 21.40
N PHE A 67 39.91 -29.48 21.60
CA PHE A 67 39.26 -30.66 21.05
C PHE A 67 38.58 -30.37 19.73
N GLY A 68 38.21 -29.12 19.49
CA GLY A 68 37.43 -28.69 18.35
C GLY A 68 36.25 -27.89 18.89
N GLY A 69 35.75 -26.97 18.08
CA GLY A 69 34.66 -26.14 18.57
C GLY A 69 33.80 -25.55 17.47
N LEU A 70 32.93 -24.62 17.90
CA LEU A 70 32.02 -23.93 17.00
C LEU A 70 32.55 -22.60 16.51
N GLY A 71 33.31 -21.90 17.34
CA GLY A 71 33.85 -20.61 17.00
C GLY A 71 33.08 -19.39 17.46
N ILE A 72 32.17 -19.54 18.43
CA ILE A 72 31.47 -18.40 19.03
C ILE A 72 32.04 -18.19 20.43
N THR A 73 32.44 -16.96 20.72
CA THR A 73 32.77 -16.58 22.09
C THR A 73 31.49 -16.04 22.73
N VAL A 74 31.06 -16.69 23.81
CA VAL A 74 29.80 -16.40 24.46
C VAL A 74 30.07 -15.74 25.80
N GLY A 75 29.21 -14.80 26.17
CA GLY A 75 29.27 -14.15 27.46
C GLY A 75 27.86 -13.79 27.88
N MET A 76 27.71 -13.44 29.15
CA MET A 76 26.41 -13.06 29.69
C MET A 76 26.39 -11.57 29.97
N ARG A 77 25.44 -10.88 29.34
CA ARG A 77 25.17 -9.47 29.61
C ARG A 77 23.67 -9.32 29.76
N ASP A 78 23.25 -8.43 30.65
CA ASP A 78 21.86 -8.35 31.14
C ASP A 78 21.58 -9.69 31.83
N GLY A 79 20.47 -10.36 31.54
CA GLY A 79 20.17 -11.63 32.17
C GLY A 79 20.20 -12.86 31.29
N VAL A 80 20.71 -12.78 30.06
CA VAL A 80 20.73 -13.91 29.15
C VAL A 80 22.12 -14.06 28.57
N LEU A 81 22.43 -15.28 28.11
CA LEU A 81 23.68 -15.56 27.44
C LEU A 81 23.65 -15.01 26.04
N THR A 82 24.66 -14.20 25.69
CA THR A 82 24.72 -13.53 24.41
C THR A 82 26.03 -13.83 23.71
N VAL A 83 25.98 -13.87 22.39
CA VAL A 83 27.20 -14.04 21.60
C VAL A 83 27.99 -12.75 21.61
N ILE A 84 29.21 -12.80 22.13
CA ILE A 84 30.11 -11.65 22.03
C ILE A 84 30.47 -11.40 20.57
N ALA A 85 31.10 -12.40 19.93
CA ALA A 85 31.40 -12.35 18.52
C ALA A 85 31.78 -13.75 18.03
N PRO A 86 31.30 -14.18 16.87
CA PRO A 86 31.88 -15.37 16.24
C PRO A 86 33.19 -15.04 15.55
N LEU A 87 34.17 -15.92 15.71
CA LEU A 87 35.49 -15.66 15.17
C LEU A 87 35.49 -15.79 13.65
N GLU A 88 36.30 -14.96 13.01
CA GLU A 88 36.33 -14.88 11.55
C GLU A 88 36.77 -16.19 10.93
N GLY A 89 35.98 -16.69 9.99
CA GLY A 89 36.26 -17.91 9.27
C GLY A 89 35.86 -19.19 9.96
N THR A 90 35.21 -19.11 11.11
CA THR A 90 34.77 -20.28 11.86
C THR A 90 33.40 -20.74 11.38
N PRO A 91 33.02 -22.00 11.67
CA PRO A 91 31.70 -22.48 11.24
C PRO A 91 30.54 -21.60 11.67
N ALA A 92 30.57 -21.09 12.90
CA ALA A 92 29.48 -20.23 13.36
C ALA A 92 29.47 -18.91 12.59
N TYR A 93 30.65 -18.37 12.28
CA TYR A 93 30.73 -17.15 11.49
C TYR A 93 30.17 -17.38 10.08
N LYS A 94 30.54 -18.50 9.47
CA LYS A 94 30.03 -18.82 8.14
C LYS A 94 28.54 -19.17 8.17
N ALA A 95 28.06 -19.68 9.30
CA ALA A 95 26.65 -20.07 9.39
C ALA A 95 25.72 -18.88 9.50
N GLY A 96 26.23 -17.71 9.87
CA GLY A 96 25.43 -16.51 9.96
C GLY A 96 25.03 -16.09 11.37
N VAL A 97 25.69 -16.61 12.39
CA VAL A 97 25.50 -16.09 13.74
C VAL A 97 26.22 -14.76 13.87
N LYS A 98 25.59 -13.79 14.51
CA LYS A 98 26.12 -12.44 14.62
C LYS A 98 26.35 -12.07 16.07
N SER A 99 27.05 -10.97 16.27
CA SER A 99 27.33 -10.46 17.62
C SER A 99 26.04 -9.96 18.25
N GLY A 100 25.97 -10.06 19.58
CA GLY A 100 24.83 -9.62 20.33
C GLY A 100 23.64 -10.55 20.28
N ASP A 101 23.70 -11.61 19.48
CA ASP A 101 22.61 -12.58 19.44
C ASP A 101 22.47 -13.27 20.79
N ASN A 102 21.25 -13.29 21.32
CA ASN A 102 20.98 -13.97 22.57
C ASN A 102 20.62 -15.42 22.28
N ILE A 103 21.39 -16.34 22.84
CA ILE A 103 21.18 -17.77 22.62
C ILE A 103 20.11 -18.25 23.60
N LEU A 104 19.07 -18.90 23.07
CA LEU A 104 17.93 -19.33 23.88
C LEU A 104 17.96 -20.81 24.23
N LYS A 105 18.43 -21.68 23.34
CA LYS A 105 18.61 -23.09 23.66
C LYS A 105 19.84 -23.62 22.95
N ILE A 106 20.56 -24.52 23.60
CA ILE A 106 21.72 -25.19 23.03
C ILE A 106 21.38 -26.67 22.89
N ASN A 107 21.31 -27.13 21.64
CA ASN A 107 20.93 -28.52 21.33
C ASN A 107 19.62 -28.89 21.99
N ASN A 108 18.64 -27.99 21.88
CA ASN A 108 17.28 -28.14 22.38
C ASN A 108 17.22 -28.14 23.92
N GLU A 109 18.26 -27.65 24.59
CA GLU A 109 18.27 -27.50 26.03
C GLU A 109 18.20 -26.02 26.39
N SER A 110 17.26 -25.67 27.26
CA SER A 110 17.02 -24.27 27.60
C SER A 110 18.29 -23.61 28.15
N THR A 111 18.39 -22.30 27.93
CA THR A 111 19.60 -21.55 28.27
C THR A 111 19.48 -20.77 29.58
N LEU A 112 18.29 -20.60 30.13
CA LEU A 112 18.19 -19.88 31.39
C LEU A 112 18.92 -20.67 32.48
N SER A 113 19.33 -19.96 33.53
CA SER A 113 20.13 -20.50 34.62
C SER A 113 21.22 -21.44 34.11
N MET A 114 21.95 -20.99 33.09
CA MET A 114 23.08 -21.70 32.52
C MET A 114 24.31 -20.81 32.63
N SER A 115 25.46 -21.39 32.93
CA SER A 115 26.67 -20.61 33.09
C SER A 115 27.36 -20.45 31.75
N ILE A 116 28.28 -19.48 31.69
CA ILE A 116 29.06 -19.29 30.47
C ILE A 116 29.91 -20.52 30.17
N ASP A 117 30.38 -21.21 31.22
CA ASP A 117 31.19 -22.40 31.02
C ASP A 117 30.37 -23.61 30.61
N ASP A 118 29.13 -23.71 31.10
CA ASP A 118 28.25 -24.79 30.65
C ASP A 118 27.97 -24.68 29.16
N ALA A 119 27.69 -23.47 28.67
CA ALA A 119 27.46 -23.27 27.25
C ALA A 119 28.72 -23.57 26.44
N ILE A 120 29.88 -23.15 26.95
CA ILE A 120 31.14 -23.40 26.24
C ILE A 120 31.41 -24.90 26.15
N ASN A 121 31.11 -25.63 27.23
CA ASN A 121 31.36 -27.07 27.22
C ASN A 121 30.41 -27.81 26.30
N LEU A 122 29.18 -27.32 26.13
CA LEU A 122 28.24 -27.96 25.21
C LEU A 122 28.60 -27.66 23.76
N MET A 123 29.15 -26.47 23.48
CA MET A 123 29.49 -26.10 22.11
C MET A 123 30.79 -26.75 21.66
N ARG A 124 31.75 -26.92 22.57
CA ARG A 124 33.00 -27.58 22.24
C ARG A 124 32.77 -29.07 22.04
N GLY A 125 33.59 -29.68 21.19
CA GLY A 125 33.44 -31.09 20.91
C GLY A 125 34.32 -31.51 19.76
N LYS A 126 34.24 -32.80 19.44
CA LYS A 126 35.10 -33.36 18.41
C LYS A 126 34.65 -32.87 17.03
N PRO A 127 35.58 -32.54 16.14
CA PRO A 127 35.22 -31.90 14.87
C PRO A 127 34.30 -32.77 14.01
N LYS A 128 33.65 -32.10 13.05
CA LYS A 128 32.77 -32.76 12.09
C LYS A 128 31.61 -33.48 12.77
N THR A 129 31.09 -32.88 13.84
CA THR A 129 29.89 -33.37 14.49
C THR A 129 28.85 -32.26 14.58
N PRO A 130 27.58 -32.58 14.38
CA PRO A 130 26.54 -31.54 14.37
C PRO A 130 26.19 -31.04 15.76
N ILE A 131 25.74 -29.79 15.80
CA ILE A 131 25.25 -29.16 17.02
C ILE A 131 24.23 -28.10 16.60
N GLN A 132 23.15 -28.00 17.36
CA GLN A 132 22.08 -27.05 17.06
C GLN A 132 22.06 -25.95 18.10
N ILE A 133 21.98 -24.71 17.63
CA ILE A 133 21.84 -23.54 18.49
C ILE A 133 20.68 -22.71 17.97
N THR A 134 19.86 -22.20 18.88
CA THR A 134 18.76 -21.32 18.54
C THR A 134 18.92 -20.00 19.29
N ILE A 135 18.85 -18.89 18.56
CA ILE A 135 19.17 -17.57 19.08
C ILE A 135 18.02 -16.62 18.76
N VAL A 136 18.03 -15.49 19.46
CA VAL A 136 17.01 -14.44 19.31
C VAL A 136 17.71 -13.14 18.91
N ARG A 137 17.05 -12.37 18.04
CA ARG A 137 17.59 -11.12 17.54
C ARG A 137 16.56 -10.01 17.72
N LYS A 138 17.02 -8.77 17.56
CA LYS A 138 16.17 -7.61 17.83
C LYS A 138 15.20 -7.32 16.69
N ASN A 139 15.60 -7.56 15.45
CA ASN A 139 14.76 -7.27 14.29
C ASN A 139 14.26 -8.55 13.61
N GLU A 140 14.05 -9.61 14.39
CA GLU A 140 13.41 -10.82 13.91
C GLU A 140 12.21 -11.12 14.81
N PRO A 141 11.11 -11.64 14.26
CA PRO A 141 9.93 -11.88 15.09
C PRO A 141 10.04 -13.10 15.98
N LYS A 142 10.74 -14.13 15.51
CA LYS A 142 10.85 -15.40 16.22
C LYS A 142 12.29 -15.81 16.34
N PRO A 143 12.61 -16.69 17.29
CA PRO A 143 13.99 -17.17 17.42
C PRO A 143 14.48 -17.88 16.16
N LEU A 144 15.76 -17.67 15.85
CA LEU A 144 16.41 -18.28 14.70
C LEU A 144 17.12 -19.55 15.14
N VAL A 145 17.04 -20.60 14.32
CA VAL A 145 17.65 -21.89 14.63
C VAL A 145 18.77 -22.16 13.63
N PHE A 146 19.98 -22.35 14.15
CA PHE A 146 21.18 -22.61 13.35
C PHE A 146 21.67 -24.03 13.62
N ASN A 147 21.80 -24.83 12.55
CA ASN A 147 22.36 -26.16 12.61
C ASN A 147 23.80 -26.09 12.08
N ILE A 148 24.78 -26.18 12.98
CA ILE A 148 26.17 -25.92 12.64
C ILE A 148 26.99 -27.18 12.93
N ILE A 149 28.08 -27.33 12.19
CA ILE A 149 28.98 -28.47 12.31
C ILE A 149 30.28 -27.99 12.96
N ARG A 150 30.72 -28.71 13.98
CA ARG A 150 31.96 -28.37 14.65
C ARG A 150 33.15 -28.59 13.71
N ASP A 151 34.23 -27.86 13.98
CA ASP A 151 35.43 -27.92 13.14
C ASP A 151 36.63 -27.46 13.95
N ILE A 152 37.81 -27.78 13.43
CA ILE A 152 39.05 -27.31 14.04
C ILE A 152 39.15 -25.79 13.91
N ILE A 153 39.33 -25.12 15.04
CA ILE A 153 39.35 -23.66 15.06
C ILE A 153 40.76 -23.18 14.72
N LYS A 154 41.04 -23.01 13.43
CA LYS A 154 42.31 -22.46 12.99
C LYS A 154 42.11 -21.01 12.57
N LEU A 155 43.10 -20.17 12.86
CA LEU A 155 42.94 -18.73 12.63
C LEU A 155 44.20 -18.09 12.08
N PRO A 156 44.19 -17.61 10.84
CA PRO A 156 45.17 -16.60 10.45
C PRO A 156 44.90 -15.34 11.25
N SER A 157 45.67 -15.15 12.32
CA SER A 157 45.29 -14.15 13.31
C SER A 157 45.37 -12.72 12.80
N VAL A 158 46.31 -12.43 11.89
CA VAL A 158 46.50 -11.07 11.39
C VAL A 158 46.91 -11.11 9.92
N TYR A 159 46.31 -10.22 9.13
CA TYR A 159 46.79 -9.93 7.78
C TYR A 159 46.84 -8.42 7.58
N VAL A 160 47.77 -7.97 6.74
CA VAL A 160 48.03 -6.55 6.52
C VAL A 160 47.92 -6.25 5.04
N LYS A 161 47.20 -5.18 4.70
CA LYS A 161 46.97 -4.78 3.32
C LYS A 161 47.25 -3.29 3.14
N LYS A 162 47.90 -2.95 2.03
CA LYS A 162 48.03 -1.56 1.64
C LYS A 162 46.67 -1.07 1.12
N ILE A 163 46.32 0.16 1.45
CA ILE A 163 45.04 0.73 1.06
C ILE A 163 45.24 1.49 -0.25
N LYS A 164 44.51 1.09 -1.29
CA LYS A 164 44.73 1.63 -2.62
C LYS A 164 44.31 3.09 -2.67
N GLU A 165 45.05 3.86 -3.48
CA GLU A 165 44.90 5.31 -3.66
C GLU A 165 45.24 6.11 -2.41
N THR A 166 45.81 5.49 -1.39
CA THR A 166 46.22 6.16 -0.16
C THR A 166 47.58 5.61 0.27
N PRO A 167 48.35 6.41 1.01
CA PRO A 167 49.59 5.86 1.60
C PRO A 167 49.38 4.96 2.80
N TYR A 168 48.14 4.82 3.27
CA TYR A 168 47.83 4.14 4.51
C TYR A 168 47.69 2.64 4.28
N LEU A 169 47.75 1.87 5.37
CA LEU A 169 47.69 0.42 5.31
C LEU A 169 46.68 -0.12 6.31
N TYR A 170 45.98 -1.17 5.91
CA TYR A 170 44.92 -1.80 6.69
C TYR A 170 45.48 -2.99 7.46
N VAL A 171 45.40 -2.93 8.79
CA VAL A 171 45.87 -4.00 9.66
C VAL A 171 44.66 -4.64 10.32
N ARG A 172 44.38 -5.88 9.96
CA ARG A 172 43.25 -6.63 10.49
C ARG A 172 43.75 -7.69 11.46
N VAL A 173 43.30 -7.62 12.71
CA VAL A 173 43.57 -8.64 13.71
C VAL A 173 42.24 -9.33 14.03
N SER A 174 42.08 -10.56 13.55
CA SER A 174 40.84 -11.29 13.74
C SER A 174 40.71 -11.82 15.16
N GLY A 175 41.84 -12.07 15.82
CA GLY A 175 41.86 -12.58 17.17
C GLY A 175 43.27 -12.63 17.73
N PHE A 176 43.40 -12.57 19.05
CA PHE A 176 44.72 -12.52 19.68
C PHE A 176 45.23 -13.94 19.87
N ASP A 177 45.84 -14.47 18.81
CA ASP A 177 46.62 -15.69 18.88
C ASP A 177 48.05 -15.31 19.25
N LYS A 178 48.74 -16.24 19.91
CA LYS A 178 50.10 -15.96 20.36
C LYS A 178 50.98 -15.59 19.16
N ASN A 179 52.01 -14.78 19.44
CA ASN A 179 52.94 -14.24 18.44
C ASN A 179 52.22 -13.53 17.30
N VAL A 180 51.03 -13.00 17.56
CA VAL A 180 50.37 -12.10 16.61
C VAL A 180 51.24 -10.87 16.36
N THR A 181 51.90 -10.36 17.41
CA THR A 181 52.69 -9.15 17.32
C THR A 181 53.79 -9.27 16.27
N LYS A 182 54.35 -10.47 16.09
CA LYS A 182 55.40 -10.67 15.10
C LYS A 182 54.89 -10.39 13.69
N SER A 183 53.74 -10.94 13.35
CA SER A 183 53.21 -10.73 11.99
C SER A 183 52.80 -9.27 11.79
N VAL A 184 52.38 -8.59 12.85
CA VAL A 184 52.06 -7.17 12.74
C VAL A 184 53.34 -6.37 12.52
N LEU A 185 54.35 -6.59 13.37
CA LEU A 185 55.60 -5.86 13.25
C LEU A 185 56.27 -6.14 11.90
N GLU A 186 56.22 -7.39 11.44
CA GLU A 186 56.78 -7.72 10.14
C GLU A 186 55.94 -7.14 9.01
N GLY A 187 54.62 -7.04 9.21
CA GLY A 187 53.79 -6.41 8.19
C GLY A 187 54.04 -4.92 8.07
N LEU A 188 54.35 -4.25 9.18
CA LEU A 188 54.70 -2.84 9.14
C LEU A 188 56.10 -2.64 8.57
N LYS A 189 57.01 -3.57 8.83
CA LYS A 189 58.35 -3.50 8.24
C LYS A 189 58.32 -3.72 6.75
N ALA A 190 57.40 -4.57 6.27
CA ALA A 190 57.26 -4.83 4.83
C ALA A 190 56.71 -3.63 4.07
N ASN A 191 56.17 -2.63 4.78
CA ASN A 191 55.64 -1.42 4.17
C ASN A 191 56.26 -0.22 4.89
N PRO A 192 57.54 0.05 4.66
CA PRO A 192 58.23 1.10 5.43
C PRO A 192 57.82 2.51 5.07
N LYS A 193 57.19 2.73 3.90
CA LYS A 193 56.84 4.06 3.45
C LYS A 193 55.36 4.38 3.66
N ALA A 194 54.67 3.65 4.53
CA ALA A 194 53.29 3.97 4.84
C ALA A 194 53.22 5.10 5.86
N LYS A 195 52.14 5.88 5.77
CA LYS A 195 51.94 7.04 6.62
C LYS A 195 50.79 6.87 7.62
N GLY A 196 50.32 5.64 7.82
CA GLY A 196 49.22 5.45 8.75
C GLY A 196 48.66 4.04 8.79
N ILE A 197 48.08 3.67 9.93
CA ILE A 197 47.57 2.34 10.19
C ILE A 197 46.09 2.42 10.51
N VAL A 198 45.28 1.58 9.87
CA VAL A 198 43.92 1.33 10.28
C VAL A 198 43.92 -0.01 11.01
N LEU A 199 43.96 0.04 12.34
CA LEU A 199 44.05 -1.17 13.16
C LEU A 199 42.63 -1.63 13.47
N ASP A 200 42.19 -2.68 12.77
CA ASP A 200 40.80 -3.14 12.80
C ASP A 200 40.66 -4.29 13.81
N LEU A 201 39.99 -4.01 14.93
CA LEU A 201 39.67 -5.00 15.93
C LEU A 201 38.16 -5.25 16.07
N ARG A 202 37.41 -5.02 15.00
CA ARG A 202 35.99 -5.29 15.04
C ARG A 202 35.74 -6.79 15.10
N GLY A 203 34.72 -7.20 15.84
CA GLY A 203 34.41 -8.60 16.00
C GLY A 203 35.52 -9.44 16.59
N ASN A 204 36.47 -8.82 17.29
CA ASN A 204 37.60 -9.52 17.85
C ASN A 204 37.38 -9.73 19.34
N PRO A 205 37.06 -10.94 19.80
CA PRO A 205 36.72 -11.14 21.21
C PRO A 205 37.90 -11.18 22.15
N GLY A 206 39.13 -10.99 21.68
CA GLY A 206 40.27 -10.89 22.57
C GLY A 206 41.18 -12.09 22.59
N GLY A 207 41.73 -12.39 23.76
CA GLY A 207 42.66 -13.50 23.92
C GLY A 207 43.69 -13.16 24.99
N LEU A 208 44.93 -13.60 24.75
CA LEU A 208 45.98 -13.51 25.76
C LEU A 208 46.47 -12.07 25.93
N LEU A 209 46.65 -11.67 27.19
CA LEU A 209 47.07 -10.31 27.52
C LEU A 209 48.46 -9.96 26.99
N ASN A 210 49.38 -10.93 26.90
CA ASN A 210 50.73 -10.62 26.47
C ASN A 210 50.79 -10.08 25.05
N GLN A 211 49.84 -10.46 24.20
CA GLN A 211 49.84 -9.92 22.84
C GLN A 211 49.15 -8.56 22.77
N ALA A 212 48.20 -8.29 23.67
CA ALA A 212 47.62 -6.96 23.76
C ALA A 212 48.66 -5.95 24.24
N VAL A 213 49.40 -6.31 25.29
CA VAL A 213 50.48 -5.45 25.77
C VAL A 213 51.59 -5.37 24.74
N GLY A 214 51.90 -6.48 24.07
CA GLY A 214 52.94 -6.47 23.06
C GLY A 214 52.60 -5.58 21.88
N LEU A 215 51.36 -5.67 21.39
CA LEU A 215 50.94 -4.85 20.26
C LEU A 215 50.88 -3.37 20.64
N SER A 216 50.44 -3.08 21.87
CA SER A 216 50.40 -1.69 22.31
C SER A 216 51.79 -1.10 22.46
N ASN A 217 52.77 -1.91 22.89
CA ASN A 217 54.13 -1.42 23.06
C ASN A 217 54.79 -1.06 21.73
N LEU A 218 54.28 -1.58 20.61
CA LEU A 218 54.79 -1.17 19.31
C LEU A 218 54.50 0.30 19.01
N PHE A 219 53.49 0.88 19.66
CA PHE A 219 53.07 2.24 19.39
C PHE A 219 53.23 3.19 20.57
N ILE A 220 53.35 2.69 21.79
CA ILE A 220 53.39 3.50 23.00
C ILE A 220 54.81 3.52 23.54
N LYS A 221 55.34 4.72 23.78
CA LYS A 221 56.72 4.90 24.18
C LYS A 221 56.90 4.72 25.69
N GLU A 222 55.94 5.17 26.49
CA GLU A 222 56.14 5.32 27.92
C GLU A 222 54.79 5.29 28.61
N GLY A 223 54.81 4.94 29.90
CA GLY A 223 53.65 5.01 30.75
C GLY A 223 53.05 3.64 31.02
N VAL A 224 52.10 3.63 31.97
CA VAL A 224 51.41 2.39 32.28
C VAL A 224 50.51 2.02 31.10
N LEU A 225 50.58 0.75 30.69
CA LEU A 225 49.79 0.27 29.58
C LEU A 225 48.49 -0.41 30.01
N VAL A 226 48.56 -1.27 31.04
CA VAL A 226 47.37 -1.88 31.61
C VAL A 226 47.73 -2.35 33.02
N SER A 227 46.74 -2.37 33.91
CA SER A 227 46.94 -2.79 35.29
C SER A 227 45.95 -3.87 35.68
N GLN A 228 46.40 -4.76 36.58
CA GLN A 228 45.55 -5.77 37.20
C GLN A 228 45.41 -5.46 38.68
N LYS A 229 44.18 -5.38 39.17
CA LYS A 229 43.93 -4.98 40.54
C LYS A 229 42.77 -5.78 41.12
N GLY A 230 42.98 -6.30 42.32
CA GLY A 230 41.96 -6.96 43.11
C GLY A 230 41.94 -6.33 44.50
N LYS A 231 41.70 -7.17 45.50
CA LYS A 231 41.83 -6.74 46.88
C LYS A 231 43.17 -7.15 47.48
N ASN A 232 43.98 -7.90 46.73
CA ASN A 232 45.29 -8.33 47.19
C ASN A 232 46.37 -7.46 46.55
N LYS A 233 47.13 -6.74 47.39
CA LYS A 233 48.14 -5.84 46.87
C LYS A 233 49.35 -6.60 46.34
N GLU A 234 49.72 -7.70 46.99
CA GLU A 234 50.79 -8.55 46.48
C GLU A 234 50.47 -9.06 45.07
N GLU A 235 49.18 -9.24 44.77
CA GLU A 235 48.73 -9.68 43.46
C GLU A 235 48.14 -8.54 42.64
N SER A 236 48.65 -7.33 42.82
CA SER A 236 48.33 -6.20 41.95
C SER A 236 49.52 -5.97 41.02
N LEU A 237 49.29 -6.04 39.72
CA LEU A 237 50.33 -5.96 38.71
C LEU A 237 50.07 -4.76 37.81
N GLU A 238 51.15 -4.09 37.40
CA GLU A 238 51.06 -3.01 36.42
C GLU A 238 52.01 -3.31 35.27
N TYR A 239 51.48 -3.27 34.04
CA TYR A 239 52.25 -3.58 32.84
C TYR A 239 52.67 -2.25 32.23
N LYS A 240 53.92 -1.86 32.43
CA LYS A 240 54.43 -0.62 31.87
C LYS A 240 55.09 -0.89 30.52
N ALA A 241 54.94 0.06 29.60
CA ALA A 241 55.56 -0.06 28.29
C ALA A 241 57.04 0.28 28.38
N ASN A 242 57.85 -0.43 27.61
CA ASN A 242 59.27 -0.10 27.51
C ASN A 242 59.46 1.04 26.50
N GLY A 243 60.58 1.73 26.64
CA GLY A 243 60.95 2.78 25.71
C GLY A 243 61.32 2.31 24.32
N ARG A 244 61.24 1.00 24.07
CA ARG A 244 61.71 0.38 22.84
C ARG A 244 60.62 0.32 21.76
N ALA A 245 59.78 1.35 21.68
CA ALA A 245 58.66 1.37 20.73
C ALA A 245 59.15 1.79 19.34
N PRO A 246 59.00 0.94 18.32
CA PRO A 246 59.47 1.32 16.97
C PRO A 246 58.57 2.26 16.19
N TYR A 247 57.28 2.35 16.51
CA TYR A 247 56.32 3.13 15.72
C TYR A 247 55.63 4.14 16.63
N THR A 248 56.39 5.12 17.12
CA THR A 248 55.88 6.09 18.08
C THR A 248 55.16 7.27 17.46
N ASN A 249 55.47 7.64 16.21
CA ASN A 249 54.93 8.87 15.64
C ASN A 249 53.84 8.69 14.59
N LEU A 250 53.75 7.54 13.93
CA LEU A 250 52.89 7.45 12.76
C LEU A 250 51.41 7.45 13.17
N PRO A 251 50.55 8.11 12.40
CA PRO A 251 49.11 8.10 12.73
C PRO A 251 48.54 6.68 12.71
N ILE A 252 47.68 6.40 13.69
CA ILE A 252 47.02 5.10 13.81
C ILE A 252 45.56 5.33 14.18
N ALA A 253 44.66 4.65 13.48
CA ALA A 253 43.23 4.71 13.76
C ALA A 253 42.71 3.30 14.04
N VAL A 254 42.04 3.13 15.17
CA VAL A 254 41.60 1.83 15.66
C VAL A 254 40.09 1.71 15.47
N LEU A 255 39.67 0.60 14.86
CA LEU A 255 38.25 0.29 14.69
C LEU A 255 37.83 -0.76 15.71
N VAL A 256 36.75 -0.47 16.45
CA VAL A 256 36.20 -1.38 17.43
C VAL A 256 34.68 -1.37 17.30
N ASN A 257 34.05 -2.44 17.78
CA ASN A 257 32.59 -2.54 17.77
C ASN A 257 32.15 -3.41 18.93
N GLY A 258 30.86 -3.75 18.95
CA GLY A 258 30.28 -4.51 20.05
C GLY A 258 30.86 -5.90 20.24
N GLY A 259 31.63 -6.40 19.27
CA GLY A 259 32.30 -7.67 19.40
C GLY A 259 33.70 -7.59 19.95
N SER A 260 34.23 -6.38 20.13
CA SER A 260 35.56 -6.20 20.69
C SER A 260 35.52 -6.37 22.21
N ALA A 261 36.37 -7.25 22.73
CA ALA A 261 36.38 -7.55 24.15
C ALA A 261 37.77 -8.00 24.57
N SER A 262 38.02 -7.93 25.87
CA SER A 262 39.22 -8.47 26.51
C SER A 262 40.46 -7.80 25.92
N ALA A 263 41.36 -8.53 25.28
CA ALA A 263 42.59 -7.93 24.74
C ALA A 263 42.30 -6.80 23.76
N SER A 264 41.19 -6.89 23.02
CA SER A 264 40.84 -5.82 22.08
C SER A 264 40.54 -4.52 22.80
N GLU A 265 39.99 -4.60 24.00
CA GLU A 265 39.69 -3.40 24.77
C GLU A 265 40.90 -2.89 25.54
N ILE A 266 41.83 -3.78 25.87
CA ILE A 266 43.03 -3.37 26.58
C ILE A 266 43.94 -2.53 25.68
N VAL A 267 44.18 -3.01 24.46
CA VAL A 267 45.00 -2.26 23.51
C VAL A 267 44.29 -0.96 23.10
N ALA A 268 42.98 -1.03 22.85
CA ALA A 268 42.24 0.16 22.43
C ALA A 268 42.20 1.20 23.54
N GLY A 269 41.93 0.77 24.78
CA GLY A 269 41.85 1.71 25.88
C GLY A 269 43.18 2.33 26.23
N ALA A 270 44.27 1.57 26.08
CA ALA A 270 45.60 2.14 26.35
C ALA A 270 45.95 3.20 25.32
N LEU A 271 45.74 2.91 24.04
CA LEU A 271 46.02 3.89 23.00
C LEU A 271 45.12 5.11 23.14
N GLN A 272 43.87 4.90 23.55
CA GLN A 272 42.94 6.01 23.75
C GLN A 272 43.39 6.89 24.90
N ASP A 273 43.73 6.29 26.04
CA ASP A 273 44.08 7.07 27.22
C ASP A 273 45.38 7.83 27.04
N HIS A 274 46.31 7.28 26.26
CA HIS A 274 47.56 7.97 25.95
C HIS A 274 47.43 8.93 24.77
N LYS A 275 46.22 9.11 24.23
CA LYS A 275 45.99 9.93 23.05
C LYS A 275 46.93 9.55 21.90
N ARG A 276 47.28 8.27 21.83
CA ARG A 276 48.16 7.74 20.81
C ARG A 276 47.42 7.31 19.55
N ALA A 277 46.13 7.02 19.65
CA ALA A 277 45.34 6.60 18.50
C ALA A 277 43.93 7.15 18.63
N VAL A 278 43.19 7.08 17.53
CA VAL A 278 41.78 7.47 17.49
C VAL A 278 40.94 6.20 17.43
N ILE A 279 39.97 6.10 18.33
CA ILE A 279 39.10 4.93 18.42
C ILE A 279 37.82 5.24 17.64
N ILE A 280 37.51 4.41 16.66
CA ILE A 280 36.38 4.63 15.76
C ILE A 280 35.52 3.38 15.76
N GLY A 281 34.20 3.58 15.76
CA GLY A 281 33.30 2.45 15.67
C GLY A 281 32.11 2.51 16.60
N GLU A 282 32.05 1.58 17.55
CA GLU A 282 30.94 1.47 18.48
C GLU A 282 31.45 1.01 19.83
N LYS A 283 30.64 1.22 20.86
CA LYS A 283 31.05 0.88 22.21
C LYS A 283 31.30 -0.61 22.32
N THR A 284 32.40 -0.98 22.98
CA THR A 284 32.84 -2.36 22.99
C THR A 284 32.02 -3.17 23.98
N PHE A 285 32.29 -4.48 24.03
CA PHE A 285 31.46 -5.38 24.84
C PHE A 285 31.64 -5.13 26.33
N GLY A 286 32.87 -4.90 26.76
CA GLY A 286 33.15 -4.75 28.17
C GLY A 286 33.40 -6.07 28.88
N LYS A 287 34.47 -6.74 28.47
CA LYS A 287 35.01 -7.89 29.20
C LYS A 287 36.40 -7.52 29.66
N GLY A 288 36.57 -7.29 30.96
CA GLY A 288 37.84 -6.80 31.45
C GLY A 288 38.22 -7.37 32.80
N SER A 289 38.10 -8.69 32.94
CA SER A 289 38.40 -9.38 34.18
C SER A 289 39.26 -10.60 33.86
N VAL A 290 40.03 -11.03 34.85
CA VAL A 290 40.90 -12.19 34.71
C VAL A 290 40.47 -13.24 35.74
N GLN A 291 40.10 -14.41 35.25
CA GLN A 291 39.75 -15.53 36.11
C GLN A 291 40.98 -16.39 36.35
N MET A 292 40.98 -17.09 37.48
CA MET A 292 42.09 -17.95 37.86
C MET A 292 41.52 -19.25 38.40
N LEU A 293 42.24 -20.35 38.16
CA LEU A 293 41.82 -21.66 38.60
C LEU A 293 42.49 -22.01 39.92
N LEU A 294 41.68 -22.37 40.92
CA LEU A 294 42.17 -22.68 42.26
C LEU A 294 41.83 -24.12 42.64
N PRO A 295 42.82 -24.98 42.86
CA PRO A 295 42.52 -26.33 43.36
C PRO A 295 42.04 -26.29 44.80
N VAL A 296 40.88 -26.90 45.05
CA VAL A 296 40.22 -26.81 46.35
C VAL A 296 40.21 -28.13 47.11
N ASN A 297 39.48 -29.12 46.61
CA ASN A 297 39.33 -30.40 47.29
C ASN A 297 39.75 -31.54 46.37
N LYS A 298 40.77 -32.28 46.78
CA LYS A 298 41.33 -33.39 45.98
C LYS A 298 41.58 -32.86 44.56
N ASP A 299 41.11 -33.54 43.53
CA ASP A 299 41.23 -33.10 42.14
C ASP A 299 40.06 -32.24 41.68
N GLU A 300 39.49 -31.43 42.57
CA GLU A 300 38.47 -30.47 42.18
C GLU A 300 39.09 -29.08 42.22
N ALA A 301 38.52 -28.19 41.41
CA ALA A 301 39.00 -26.81 41.34
C ALA A 301 37.81 -25.88 41.15
N ILE A 302 38.01 -24.62 41.53
CA ILE A 302 37.02 -23.57 41.31
C ILE A 302 37.64 -22.47 40.48
N LYS A 303 36.87 -21.93 39.55
CA LYS A 303 37.27 -20.78 38.74
C LYS A 303 36.48 -19.58 39.20
N ILE A 304 37.17 -18.54 39.66
CA ILE A 304 36.54 -17.33 40.13
C ILE A 304 37.34 -16.14 39.62
N THR A 305 36.67 -15.00 39.48
CA THR A 305 37.37 -13.77 39.11
C THR A 305 38.30 -13.38 40.26
N THR A 306 39.60 -13.27 39.94
CA THR A 306 40.60 -12.96 40.95
C THR A 306 41.15 -11.54 40.85
N ALA A 307 41.00 -10.89 39.70
CA ALA A 307 41.45 -9.51 39.51
C ALA A 307 40.67 -8.93 38.35
N ARG A 308 40.76 -7.60 38.21
CA ARG A 308 40.08 -6.89 37.15
C ARG A 308 41.08 -5.98 36.42
N TYR A 309 40.76 -5.67 35.17
CA TYR A 309 41.64 -4.86 34.33
C TYR A 309 41.30 -3.38 34.47
N TYR A 310 42.34 -2.55 34.62
CA TYR A 310 42.18 -1.12 34.74
C TYR A 310 43.04 -0.42 33.70
N LEU A 311 42.45 0.57 33.02
CA LEU A 311 43.12 1.29 31.95
C LEU A 311 44.14 2.27 32.51
N PRO A 312 44.99 2.86 31.65
CA PRO A 312 45.95 3.85 32.16
C PRO A 312 45.32 5.04 32.86
N SER A 313 44.09 5.41 32.51
CA SER A 313 43.39 6.47 33.23
C SER A 313 42.83 6.01 34.57
N GLY A 314 43.03 4.74 34.94
CA GLY A 314 42.45 4.20 36.14
C GLY A 314 41.03 3.70 36.00
N ARG A 315 40.34 4.05 34.92
CA ARG A 315 38.98 3.55 34.71
C ARG A 315 39.01 2.07 34.32
N THR A 316 37.98 1.36 34.76
CA THR A 316 37.88 -0.08 34.56
C THR A 316 37.25 -0.41 33.21
N ILE A 317 37.53 -1.61 32.72
CA ILE A 317 37.00 -2.07 31.45
C ILE A 317 35.70 -2.86 31.62
N GLN A 318 35.47 -3.46 32.78
CA GLN A 318 34.44 -4.47 33.01
C GLN A 318 33.06 -4.05 32.50
N ALA A 319 32.26 -3.39 33.33
CA ALA A 319 30.89 -3.09 32.95
C ALA A 319 30.79 -1.92 31.99
N LYS A 320 31.89 -1.21 31.73
CA LYS A 320 31.86 0.02 30.95
C LYS A 320 32.29 -0.18 29.50
N GLY A 321 33.41 -0.86 29.30
CA GLY A 321 33.95 -1.02 27.96
C GLY A 321 34.55 0.26 27.42
N ILE A 322 35.02 0.18 26.19
CA ILE A 322 35.67 1.32 25.53
C ILE A 322 34.62 2.07 24.73
N THR A 323 34.45 3.35 25.03
CA THR A 323 33.60 4.22 24.22
C THR A 323 34.46 4.90 23.14
N PRO A 324 34.15 4.74 21.86
CA PRO A 324 35.02 5.28 20.82
C PRO A 324 34.94 6.80 20.76
N ASP A 325 36.04 7.39 20.27
CA ASP A 325 36.10 8.84 20.10
C ASP A 325 35.18 9.30 18.98
N ILE A 326 34.91 8.44 18.00
CA ILE A 326 34.07 8.75 16.87
C ILE A 326 33.10 7.58 16.70
N VAL A 327 31.82 7.80 17.00
CA VAL A 327 30.81 6.77 16.92
C VAL A 327 30.24 6.75 15.51
N ILE A 328 30.29 5.59 14.86
CA ILE A 328 29.74 5.43 13.52
C ILE A 328 29.23 4.00 13.37
N TYR A 329 27.92 3.85 13.36
CA TYR A 329 27.32 2.54 13.22
C TYR A 329 27.46 2.03 11.77
N PRO A 330 27.47 0.72 11.56
CA PRO A 330 27.77 0.19 10.23
C PRO A 330 26.71 0.54 9.20
N GLY A 331 27.11 0.48 7.94
CA GLY A 331 26.25 0.83 6.84
C GLY A 331 27.05 1.08 5.59
N LYS A 332 26.34 1.25 4.48
CA LYS A 332 27.00 1.56 3.22
C LYS A 332 27.26 3.05 3.10
N VAL A 333 28.38 3.39 2.47
CA VAL A 333 28.73 4.80 2.25
C VAL A 333 27.77 5.40 1.24
N PRO A 334 27.32 6.65 1.44
CA PRO A 334 26.38 7.25 0.48
C PRO A 334 27.06 7.47 -0.86
N GLU A 335 26.58 6.76 -1.89
CA GLU A 335 27.04 6.92 -3.25
C GLU A 335 26.16 7.88 -4.04
N ASN A 336 25.44 8.76 -3.35
CA ASN A 336 24.39 9.56 -3.96
C ASN A 336 24.96 10.54 -4.98
N GLU A 337 24.10 10.94 -5.92
CA GLU A 337 24.47 11.91 -6.93
C GLU A 337 23.20 12.47 -7.56
N ASN A 338 23.31 13.66 -8.14
CA ASN A 338 22.17 14.32 -8.76
C ASN A 338 22.59 15.10 -10.00
N THR A 381 39.78 -2.44 -3.54
CA THR A 381 39.61 -1.86 -2.21
C THR A 381 38.70 -0.62 -2.17
N PRO A 382 38.79 0.29 -3.15
CA PRO A 382 37.88 1.45 -3.12
C PRO A 382 36.41 1.05 -3.16
N LYS A 383 36.08 -0.09 -3.78
CA LYS A 383 34.72 -0.61 -3.69
C LYS A 383 34.47 -1.26 -2.34
N MET A 384 35.53 -1.77 -1.69
CA MET A 384 35.38 -2.40 -0.39
C MET A 384 35.06 -1.37 0.70
N ILE A 385 35.69 -0.21 0.63
CA ILE A 385 35.44 0.82 1.64
C ILE A 385 34.05 1.41 1.47
N ASN A 386 33.52 1.42 0.24
CA ASN A 386 32.19 1.98 0.00
C ASN A 386 31.07 1.13 0.57
N ASP A 387 31.36 -0.11 0.99
CA ASP A 387 30.41 -0.94 1.71
C ASP A 387 30.69 -0.99 3.20
N ASP A 388 31.74 -0.31 3.66
CA ASP A 388 32.11 -0.27 5.08
C ASP A 388 32.31 1.20 5.45
N ILE A 389 31.23 1.85 5.90
CA ILE A 389 31.32 3.25 6.30
C ILE A 389 32.23 3.42 7.52
N GLN A 390 32.35 2.40 8.37
CA GLN A 390 33.25 2.49 9.50
C GLN A 390 34.71 2.52 9.06
N LEU A 391 35.06 1.70 8.07
CA LEU A 391 36.43 1.74 7.55
C LEU A 391 36.69 3.05 6.82
N LYS A 392 35.71 3.52 6.04
CA LYS A 392 35.86 4.81 5.38
C LYS A 392 36.02 5.93 6.39
N THR A 393 35.26 5.89 7.49
CA THR A 393 35.41 6.88 8.55
C THR A 393 36.80 6.79 9.18
N ALA A 394 37.34 5.58 9.30
CA ALA A 394 38.66 5.40 9.89
C ALA A 394 39.75 6.01 9.00
N ILE A 395 39.63 5.83 7.68
CA ILE A 395 40.62 6.39 6.77
C ILE A 395 40.56 7.91 6.82
N ASP A 396 39.35 8.48 6.87
CA ASP A 396 39.22 9.93 6.90
C ASP A 396 39.86 10.56 8.13
N SER A 397 39.93 9.83 9.24
CA SER A 397 40.61 10.36 10.42
C SER A 397 42.12 10.37 10.24
N LEU A 398 42.67 9.44 9.46
CA LEU A 398 44.09 9.47 9.16
C LEU A 398 44.43 10.59 8.19
N LYS A 399 43.52 10.86 7.24
CA LYS A 399 43.76 11.92 6.27
C LYS A 399 43.85 13.29 6.95
N THR A 400 43.02 13.54 7.97
CA THR A 400 43.15 14.78 8.71
C THR A 400 44.42 14.80 9.56
N TRP A 401 44.74 13.67 10.18
CA TRP A 401 45.97 13.56 10.97
C TRP A 401 47.18 13.92 10.12
N SER A 402 47.26 13.37 8.91
CA SER A 402 48.40 13.65 8.05
C SER A 402 48.41 15.11 7.61
N ILE A 403 47.25 15.75 7.54
CA ILE A 403 47.19 17.17 7.23
C ILE A 403 47.67 17.99 8.43
N VAL A 404 47.28 17.58 9.64
CA VAL A 404 47.73 18.27 10.84
C VAL A 404 49.25 18.17 10.98
N ASP A 405 49.82 17.00 10.65
CA ASP A 405 51.26 16.84 10.75
C ASP A 405 51.99 17.62 9.68
N GLU A 406 51.36 17.84 8.52
CA GLU A 406 51.97 18.66 7.48
C GLU A 406 51.88 20.14 7.82
N LYS A 407 50.81 20.57 8.49
CA LYS A 407 50.74 21.93 9.01
C LYS A 407 51.72 22.13 10.15
N MET A 408 51.91 21.12 10.98
CA MET A 408 52.73 21.24 12.18
C MET A 408 54.21 21.04 11.91
N ASP A 409 54.57 20.50 10.75
CA ASP A 409 55.96 20.26 10.40
C ASP A 409 56.73 21.58 10.29
N MET B 8 32.88 -32.51 58.13
CA MET B 8 32.07 -31.50 58.80
C MET B 8 31.99 -30.24 57.94
N PHE B 9 31.21 -30.32 56.86
CA PHE B 9 31.10 -29.22 55.89
C PHE B 9 32.47 -28.81 55.35
N SER B 10 33.41 -29.76 55.31
CA SER B 10 34.77 -29.43 54.95
C SER B 10 34.91 -29.00 53.50
N ARG B 11 34.18 -29.66 52.59
CA ARG B 11 34.29 -29.30 51.19
C ARG B 11 33.72 -27.92 50.92
N PHE B 12 32.71 -27.50 51.70
CA PHE B 12 32.15 -26.16 51.56
C PHE B 12 33.02 -25.12 52.26
N SER B 13 33.59 -25.45 53.41
CA SER B 13 34.46 -24.50 54.10
C SER B 13 35.73 -24.21 53.32
N ASN B 14 36.21 -25.18 52.53
CA ASN B 14 37.43 -24.96 51.75
C ASN B 14 37.20 -23.97 50.61
N VAL B 15 36.08 -24.08 49.90
CA VAL B 15 35.79 -23.11 48.84
C VAL B 15 35.51 -21.74 49.43
N VAL B 16 34.82 -21.69 50.58
CA VAL B 16 34.60 -20.42 51.26
C VAL B 16 35.92 -19.82 51.71
N SER B 17 36.90 -20.65 52.08
CA SER B 17 38.20 -20.12 52.47
C SER B 17 38.95 -19.55 51.26
N GLU B 18 38.93 -20.25 50.13
CA GLU B 18 39.64 -19.77 48.95
C GLU B 18 38.97 -18.54 48.36
N ILE B 19 37.63 -18.49 48.40
CA ILE B 19 36.93 -17.30 47.91
C ILE B 19 37.27 -16.07 48.76
N GLU B 20 37.34 -16.26 50.08
CA GLU B 20 37.70 -15.14 50.95
C GLU B 20 39.14 -14.67 50.71
N LYS B 21 40.02 -15.56 50.29
CA LYS B 21 41.43 -15.20 50.12
C LYS B 21 41.70 -14.52 48.79
N LYS B 22 41.07 -14.98 47.71
CA LYS B 22 41.53 -14.63 46.37
C LYS B 22 40.46 -14.04 45.46
N TYR B 23 39.22 -13.88 45.92
CA TYR B 23 38.20 -13.27 45.07
C TYR B 23 38.56 -11.82 44.79
N VAL B 24 38.06 -11.31 43.66
CA VAL B 24 38.42 -9.96 43.21
C VAL B 24 37.88 -8.90 44.16
N ASP B 25 36.68 -9.09 44.68
CA ASP B 25 36.06 -8.14 45.58
C ASP B 25 36.15 -8.65 47.02
N LYS B 26 35.85 -7.75 47.95
CA LYS B 26 36.04 -8.06 49.37
C LYS B 26 35.05 -9.15 49.82
N ILE B 27 33.76 -8.83 49.80
CA ILE B 27 32.62 -9.66 50.19
C ILE B 27 32.71 -10.09 51.66
N SER B 28 31.56 -10.08 52.34
CA SER B 28 31.46 -10.46 53.74
C SER B 28 31.01 -11.91 53.85
N ILE B 29 31.17 -12.47 55.05
CA ILE B 29 30.71 -13.84 55.28
C ILE B 29 29.20 -13.93 55.18
N SER B 30 28.47 -12.88 55.60
CA SER B 30 27.01 -12.90 55.47
C SER B 30 26.58 -12.85 54.00
N GLU B 31 27.33 -12.12 53.17
CA GLU B 31 27.02 -12.10 51.73
C GLU B 31 27.34 -13.44 51.09
N ILE B 32 28.44 -14.07 51.50
CA ILE B 32 28.78 -15.39 50.96
C ILE B 32 27.70 -16.40 51.31
N MET B 33 27.26 -16.40 52.56
CA MET B 33 26.33 -17.43 53.02
C MET B 33 24.93 -17.23 52.42
N THR B 34 24.50 -15.99 52.27
CA THR B 34 23.23 -15.74 51.60
C THR B 34 23.28 -16.16 50.14
N LYS B 35 24.42 -15.92 49.47
CA LYS B 35 24.59 -16.38 48.10
C LYS B 35 24.58 -17.91 48.05
N ALA B 36 25.17 -18.55 49.06
CA ALA B 36 25.22 -20.01 49.08
C ALA B 36 23.86 -20.62 49.40
N ILE B 37 23.11 -19.99 50.31
CA ILE B 37 21.79 -20.51 50.65
C ILE B 37 20.83 -20.34 49.47
N GLU B 38 20.83 -19.16 48.85
CA GLU B 38 20.06 -18.96 47.63
C GLU B 38 20.51 -19.89 46.51
N GLY B 39 21.80 -20.20 46.46
CA GLY B 39 22.31 -20.99 45.35
C GLY B 39 21.88 -22.46 45.42
N LEU B 40 22.07 -23.09 46.57
CA LEU B 40 21.75 -24.52 46.67
C LEU B 40 20.24 -24.74 46.54
N LEU B 41 19.42 -23.87 47.12
CA LEU B 41 17.97 -24.00 46.94
C LEU B 41 17.61 -23.90 45.47
N SER B 42 18.27 -23.00 44.74
CA SER B 42 18.06 -22.89 43.30
C SER B 42 18.59 -24.08 42.54
N ASN B 43 19.42 -24.91 43.16
CA ASN B 43 20.04 -26.06 42.51
C ASN B 43 19.44 -27.39 42.93
N LEU B 44 18.42 -27.40 43.79
CA LEU B 44 17.76 -28.66 44.15
C LEU B 44 16.64 -29.02 43.18
N ASP B 45 15.90 -28.02 42.73
CA ASP B 45 14.68 -28.25 41.96
C ASP B 45 14.40 -26.97 41.17
N ALA B 46 13.43 -27.06 40.27
CA ALA B 46 13.02 -25.91 39.48
C ALA B 46 12.18 -24.92 40.27
N HIS B 47 11.66 -25.33 41.44
CA HIS B 47 10.67 -24.52 42.14
C HIS B 47 10.98 -24.30 43.62
N SER B 48 12.09 -24.83 44.12
CA SER B 48 12.53 -24.51 45.48
C SER B 48 13.46 -23.29 45.43
N ALA B 49 13.29 -22.39 46.40
CA ALA B 49 14.03 -21.14 46.37
C ALA B 49 14.03 -20.51 47.75
N TYR B 50 14.94 -19.56 47.94
CA TYR B 50 15.02 -18.74 49.14
C TYR B 50 14.38 -17.39 48.86
N LEU B 51 13.31 -17.07 49.58
CA LEU B 51 12.58 -15.83 49.37
C LEU B 51 13.14 -14.75 50.28
N ASN B 52 13.89 -13.81 49.70
CA ASN B 52 14.36 -12.65 50.41
C ASN B 52 13.20 -11.69 50.66
N GLU B 53 13.50 -10.47 51.12
CA GLU B 53 12.45 -9.54 51.52
C GLU B 53 11.54 -9.19 50.35
N LYS B 54 12.12 -8.78 49.23
CA LYS B 54 11.31 -8.41 48.07
C LYS B 54 10.45 -9.57 47.60
N LYS B 55 11.06 -10.76 47.47
CA LYS B 55 10.34 -11.88 46.88
C LYS B 55 9.32 -12.50 47.83
N PHE B 56 9.55 -12.37 49.15
CA PHE B 56 8.57 -12.81 50.13
C PHE B 56 7.41 -11.82 50.27
N LYS B 57 7.64 -10.54 49.95
CA LYS B 57 6.56 -9.57 49.98
C LYS B 57 5.55 -9.83 48.87
N GLU B 58 6.04 -10.08 47.66
CA GLU B 58 5.14 -10.46 46.56
C GLU B 58 4.44 -11.78 46.84
N PHE B 59 5.12 -12.70 47.52
CA PHE B 59 4.52 -14.00 47.82
C PHE B 59 3.31 -13.86 48.72
N GLN B 60 3.39 -12.98 49.72
CA GLN B 60 2.27 -12.81 50.65
C GLN B 60 1.09 -12.13 49.99
N ALA B 61 1.33 -11.24 49.04
CA ALA B 61 0.23 -10.65 48.28
C ALA B 61 -0.46 -11.70 47.42
N GLN B 62 0.32 -12.60 46.81
CA GLN B 62 -0.25 -13.64 45.96
C GLN B 62 -1.05 -14.66 46.77
N THR B 63 -0.74 -14.82 48.06
CA THR B 63 -1.49 -15.74 48.91
C THR B 63 -2.65 -15.06 49.62
N GLU B 64 -2.42 -13.84 50.14
CA GLU B 64 -3.48 -13.14 50.86
C GLU B 64 -4.48 -12.50 49.90
N GLY B 65 -4.07 -12.23 48.67
CA GLY B 65 -4.92 -11.57 47.70
C GLY B 65 -5.09 -10.08 47.91
N GLU B 66 -4.19 -9.45 48.64
CA GLU B 66 -4.30 -8.02 48.92
C GLU B 66 -2.91 -7.44 49.14
N PHE B 67 -2.76 -6.17 48.77
CA PHE B 67 -1.50 -5.46 48.97
C PHE B 67 -1.82 -3.97 49.10
N GLY B 68 -0.96 -3.26 49.81
CA GLY B 68 -1.09 -1.82 49.91
C GLY B 68 -0.50 -1.06 48.75
N GLY B 69 -1.32 -0.31 48.02
CA GLY B 69 -0.85 0.45 46.88
C GLY B 69 -1.85 1.46 46.35
N LEU B 70 -1.77 1.76 45.05
CA LEU B 70 -2.62 2.76 44.43
C LEU B 70 -3.92 2.19 43.88
N GLY B 71 -3.87 1.02 43.25
CA GLY B 71 -5.05 0.46 42.65
C GLY B 71 -5.08 0.54 41.15
N ILE B 72 -3.91 0.55 40.51
CA ILE B 72 -3.80 0.57 39.06
C ILE B 72 -3.03 -0.66 38.59
N THR B 73 -3.45 -1.21 37.47
CA THR B 73 -2.63 -2.13 36.69
C THR B 73 -1.81 -1.28 35.72
N VAL B 74 -0.49 -1.40 35.79
CA VAL B 74 0.38 -0.53 35.02
C VAL B 74 1.31 -1.38 34.18
N GLY B 75 1.70 -0.84 33.02
CA GLY B 75 2.67 -1.47 32.14
C GLY B 75 3.37 -0.40 31.33
N MET B 76 4.31 -0.84 30.51
CA MET B 76 5.03 0.06 29.61
C MET B 76 4.52 -0.13 28.18
N ARG B 77 3.91 0.93 27.64
CA ARG B 77 3.39 0.94 26.28
C ARG B 77 4.14 1.99 25.48
N ASP B 78 4.62 1.61 24.29
CA ASP B 78 5.46 2.48 23.46
C ASP B 78 6.69 2.94 24.23
N GLY B 79 7.26 2.04 25.01
CA GLY B 79 8.52 2.30 25.70
C GLY B 79 8.44 3.17 26.94
N VAL B 80 7.24 3.54 27.40
CA VAL B 80 7.10 4.35 28.60
C VAL B 80 6.02 3.77 29.49
N LEU B 81 6.13 4.06 30.79
CA LEU B 81 5.18 3.58 31.78
C LEU B 81 3.79 4.16 31.53
N THR B 82 2.79 3.28 31.41
CA THR B 82 1.44 3.70 31.10
C THR B 82 0.43 2.97 31.97
N VAL B 83 -0.58 3.70 32.44
CA VAL B 83 -1.66 3.10 33.24
C VAL B 83 -2.54 2.25 32.35
N ILE B 84 -2.58 0.94 32.61
CA ILE B 84 -3.45 0.06 31.86
C ILE B 84 -4.91 0.25 32.27
N ALA B 85 -5.21 0.08 33.57
CA ALA B 85 -6.57 0.28 34.05
C ALA B 85 -6.58 0.48 35.55
N PRO B 86 -7.35 1.44 36.06
CA PRO B 86 -7.60 1.52 37.51
C PRO B 86 -8.67 0.52 37.95
N LEU B 87 -8.45 -0.07 39.12
CA LEU B 87 -9.37 -1.07 39.66
C LEU B 87 -10.51 -0.39 40.42
N GLU B 88 -11.72 -0.92 40.26
CA GLU B 88 -12.89 -0.34 40.88
C GLU B 88 -12.78 -0.38 42.40
N GLY B 89 -13.14 0.73 43.05
CA GLY B 89 -13.12 0.84 44.48
C GLY B 89 -11.77 1.15 45.10
N THR B 90 -10.73 1.32 44.29
CA THR B 90 -9.41 1.66 44.79
C THR B 90 -9.24 3.18 44.82
N PRO B 91 -8.26 3.69 45.58
CA PRO B 91 -8.04 5.14 45.61
C PRO B 91 -7.79 5.76 44.24
N ALA B 92 -7.01 5.09 43.39
CA ALA B 92 -6.69 5.66 42.08
C ALA B 92 -7.93 5.75 41.20
N TYR B 93 -8.83 4.78 41.29
CA TYR B 93 -10.09 4.85 40.56
C TYR B 93 -10.97 5.97 41.12
N LYS B 94 -11.04 6.08 42.45
CA LYS B 94 -11.82 7.15 43.06
C LYS B 94 -11.19 8.52 42.80
N ALA B 95 -9.87 8.57 42.62
CA ALA B 95 -9.19 9.82 42.35
C ALA B 95 -9.26 10.23 40.88
N GLY B 96 -9.49 9.29 39.98
CA GLY B 96 -9.64 9.61 38.58
C GLY B 96 -8.46 9.32 37.67
N VAL B 97 -7.57 8.39 38.03
CA VAL B 97 -6.58 7.93 37.07
C VAL B 97 -7.26 7.05 36.03
N LYS B 98 -6.87 7.21 34.77
CA LYS B 98 -7.56 6.56 33.66
C LYS B 98 -6.57 5.85 32.75
N SER B 99 -7.10 4.96 31.92
CA SER B 99 -6.29 4.18 31.00
C SER B 99 -5.56 5.08 30.01
N GLY B 100 -4.39 4.63 29.58
CA GLY B 100 -3.55 5.36 28.65
C GLY B 100 -2.73 6.48 29.26
N ASP B 101 -3.00 6.84 30.52
CA ASP B 101 -2.19 7.86 31.19
C ASP B 101 -0.75 7.38 31.37
N ASN B 102 0.20 8.22 30.96
CA ASN B 102 1.62 7.93 31.15
C ASN B 102 2.09 8.50 32.49
N ILE B 103 2.67 7.66 33.33
CA ILE B 103 3.23 8.11 34.61
C ILE B 103 4.59 8.76 34.32
N LEU B 104 4.67 10.08 34.52
CA LEU B 104 5.87 10.83 34.22
C LEU B 104 6.78 10.98 35.43
N LYS B 105 6.20 11.27 36.60
CA LYS B 105 6.95 11.31 37.83
C LYS B 105 6.20 10.57 38.93
N ILE B 106 6.95 9.89 39.79
CA ILE B 106 6.45 9.37 41.06
C ILE B 106 7.03 10.27 42.14
N ASN B 107 6.16 10.80 43.00
CA ASN B 107 6.54 11.86 43.93
C ASN B 107 7.14 13.01 43.13
N ASN B 108 8.44 13.26 43.30
CA ASN B 108 9.14 14.25 42.48
C ASN B 108 10.28 13.62 41.68
N GLU B 109 10.27 12.31 41.54
CA GLU B 109 11.31 11.58 40.84
C GLU B 109 10.80 11.20 39.46
N SER B 110 11.55 11.56 38.43
CA SER B 110 11.13 11.30 37.07
C SER B 110 11.22 9.81 36.75
N THR B 111 10.22 9.30 36.04
CA THR B 111 10.19 7.88 35.69
C THR B 111 10.94 7.60 34.40
N LEU B 112 11.46 8.64 33.76
CA LEU B 112 12.14 8.48 32.48
C LEU B 112 13.48 7.78 32.73
N SER B 113 13.70 6.66 32.04
CA SER B 113 14.88 5.81 32.24
C SER B 113 14.89 5.14 33.61
N MET B 114 13.70 4.86 34.16
CA MET B 114 13.55 4.08 35.38
C MET B 114 12.84 2.78 35.05
N SER B 115 13.29 1.68 35.66
CA SER B 115 12.72 0.38 35.35
C SER B 115 11.34 0.23 35.99
N ILE B 116 10.52 -0.64 35.40
CA ILE B 116 9.16 -0.84 35.91
C ILE B 116 9.15 -1.54 37.27
N ASP B 117 10.12 -2.41 37.54
CA ASP B 117 10.13 -3.08 38.85
C ASP B 117 10.49 -2.11 39.97
N ASP B 118 11.28 -1.08 39.66
CA ASP B 118 11.54 -0.04 40.66
C ASP B 118 10.33 0.87 40.83
N ALA B 119 9.66 1.22 39.73
CA ALA B 119 8.49 2.08 39.82
C ALA B 119 7.35 1.39 40.57
N ILE B 120 7.17 0.09 40.35
CA ILE B 120 6.21 -0.69 41.13
C ILE B 120 6.57 -0.63 42.62
N ASN B 121 7.86 -0.77 42.93
CA ASN B 121 8.31 -0.77 44.31
C ASN B 121 8.07 0.58 44.97
N LEU B 122 8.12 1.66 44.20
CA LEU B 122 7.87 2.99 44.76
C LEU B 122 6.39 3.24 45.01
N MET B 123 5.51 2.71 44.16
CA MET B 123 4.09 3.05 44.27
C MET B 123 3.40 2.29 45.39
N ARG B 124 3.67 0.99 45.52
CA ARG B 124 3.05 0.25 46.62
C ARG B 124 3.77 0.56 47.93
N GLY B 125 3.04 0.38 49.03
CA GLY B 125 3.58 0.72 50.34
C GLY B 125 2.53 0.54 51.42
N LYS B 126 2.88 1.02 52.60
CA LYS B 126 2.01 0.86 53.76
C LYS B 126 0.71 1.64 53.56
N PRO B 127 -0.43 1.08 53.98
CA PRO B 127 -1.71 1.78 53.84
C PRO B 127 -1.76 3.07 54.64
N LYS B 128 -2.64 3.98 54.18
CA LYS B 128 -2.90 5.26 54.81
C LYS B 128 -1.68 6.19 54.76
N THR B 129 -0.79 5.99 53.79
CA THR B 129 0.33 6.90 53.57
C THR B 129 0.16 7.68 52.28
N PRO B 130 0.50 8.96 52.27
CA PRO B 130 0.34 9.76 51.05
C PRO B 130 1.42 9.48 50.01
N ILE B 131 1.00 9.57 48.75
CA ILE B 131 1.91 9.46 47.61
C ILE B 131 1.37 10.33 46.49
N GLN B 132 2.28 10.97 45.76
CA GLN B 132 1.93 11.84 44.65
C GLN B 132 2.53 11.29 43.36
N ILE B 133 1.75 11.31 42.28
CA ILE B 133 2.21 10.89 40.96
C ILE B 133 1.85 11.97 39.95
N THR B 134 2.75 12.21 39.00
CA THR B 134 2.56 13.19 37.96
C THR B 134 2.44 12.48 36.62
N ILE B 135 1.35 12.76 35.89
CA ILE B 135 1.00 12.03 34.70
C ILE B 135 0.77 13.01 33.55
N VAL B 136 0.83 12.47 32.34
CA VAL B 136 0.52 13.21 31.13
C VAL B 136 -0.60 12.48 30.39
N ARG B 137 -1.56 13.24 29.88
CA ARG B 137 -2.76 12.66 29.29
C ARG B 137 -2.96 13.25 27.90
N LYS B 138 -3.35 12.38 26.95
CA LYS B 138 -3.25 12.72 25.54
C LYS B 138 -4.16 13.88 25.13
N ASN B 139 -5.31 14.03 25.78
CA ASN B 139 -6.32 14.97 25.31
C ASN B 139 -6.11 16.39 25.81
N GLU B 140 -5.62 16.57 27.03
CA GLU B 140 -5.58 17.88 27.65
C GLU B 140 -4.14 18.36 27.85
N PRO B 141 -3.90 19.69 27.82
CA PRO B 141 -2.54 20.18 27.65
C PRO B 141 -1.59 19.98 28.83
N LYS B 142 -2.02 20.38 30.03
CA LYS B 142 -1.11 20.36 31.16
C LYS B 142 -0.90 18.94 31.68
N PRO B 143 0.27 18.67 32.27
CA PRO B 143 0.44 17.42 33.01
C PRO B 143 -0.44 17.43 34.25
N LEU B 144 -1.07 16.30 34.53
CA LEU B 144 -1.95 16.17 35.68
C LEU B 144 -1.18 15.52 36.84
N VAL B 145 -1.43 16.03 38.04
CA VAL B 145 -0.76 15.56 39.25
C VAL B 145 -1.82 15.05 40.22
N PHE B 146 -1.65 13.81 40.67
CA PHE B 146 -2.59 13.16 41.55
C PHE B 146 -1.97 12.94 42.93
N ASN B 147 -2.65 13.43 43.96
CA ASN B 147 -2.26 13.19 45.35
C ASN B 147 -3.23 12.17 45.92
N ILE B 148 -2.71 11.02 46.31
CA ILE B 148 -3.53 9.88 46.73
C ILE B 148 -2.94 9.30 48.00
N ILE B 149 -3.81 8.85 48.90
CA ILE B 149 -3.40 8.10 50.07
C ILE B 149 -3.57 6.62 49.76
N ARG B 150 -2.53 5.85 50.05
CA ARG B 150 -2.53 4.42 49.72
C ARG B 150 -3.48 3.65 50.63
N ASP B 151 -3.99 2.54 50.09
CA ASP B 151 -4.97 1.72 50.78
C ASP B 151 -4.77 0.27 50.37
N ILE B 152 -5.37 -0.64 51.14
CA ILE B 152 -5.28 -2.06 50.83
C ILE B 152 -6.04 -2.33 49.53
N ILE B 153 -5.32 -2.79 48.51
CA ILE B 153 -5.88 -3.13 47.21
C ILE B 153 -6.17 -4.62 47.17
N LYS B 154 -7.37 -4.98 46.72
CA LYS B 154 -7.73 -6.37 46.51
C LYS B 154 -7.37 -6.78 45.08
N LEU B 155 -6.74 -7.95 44.96
CA LEU B 155 -6.36 -8.47 43.63
C LEU B 155 -7.53 -9.23 43.04
N PRO B 156 -8.10 -8.78 41.91
CA PRO B 156 -9.22 -9.52 41.32
C PRO B 156 -8.79 -10.91 40.90
N SER B 157 -8.62 -11.80 41.88
CA SER B 157 -8.25 -13.18 41.57
C SER B 157 -9.40 -13.92 40.93
N VAL B 158 -10.62 -13.63 41.36
CA VAL B 158 -11.82 -14.25 40.81
C VAL B 158 -12.81 -13.14 40.47
N TYR B 159 -13.36 -13.19 39.26
CA TYR B 159 -14.51 -12.40 38.90
C TYR B 159 -15.39 -13.23 37.99
N VAL B 160 -16.70 -13.02 38.10
CA VAL B 160 -17.69 -13.77 37.34
C VAL B 160 -18.51 -12.78 36.54
N LYS B 161 -18.74 -13.10 35.27
CA LYS B 161 -19.53 -12.26 34.39
C LYS B 161 -20.52 -13.14 33.64
N LYS B 162 -21.76 -12.69 33.57
CA LYS B 162 -22.76 -13.40 32.78
C LYS B 162 -22.41 -13.23 31.31
N ILE B 163 -22.66 -14.26 30.50
CA ILE B 163 -22.34 -14.19 29.09
C ILE B 163 -23.60 -13.75 28.34
N LYS B 164 -23.48 -12.65 27.60
CA LYS B 164 -24.63 -12.06 26.94
C LYS B 164 -25.16 -12.99 25.86
N GLU B 165 -26.49 -13.09 25.79
CA GLU B 165 -27.21 -13.89 24.80
C GLU B 165 -27.01 -15.39 24.99
N THR B 166 -26.52 -15.82 26.15
CA THR B 166 -26.42 -17.22 26.52
C THR B 166 -26.74 -17.36 28.00
N PRO B 167 -27.23 -18.53 28.43
CA PRO B 167 -27.47 -18.76 29.86
C PRO B 167 -26.22 -19.01 30.68
N TYR B 168 -25.04 -18.92 30.09
CA TYR B 168 -23.80 -19.36 30.72
C TYR B 168 -23.07 -18.21 31.42
N LEU B 169 -22.11 -18.59 32.26
CA LEU B 169 -21.34 -17.66 33.07
C LEU B 169 -19.86 -17.84 32.81
N TYR B 170 -19.13 -16.73 32.74
CA TYR B 170 -17.69 -16.74 32.57
C TYR B 170 -17.06 -16.53 33.94
N VAL B 171 -16.36 -17.56 34.43
CA VAL B 171 -15.74 -17.52 35.74
C VAL B 171 -14.23 -17.51 35.52
N ARG B 172 -13.61 -16.38 35.83
CA ARG B 172 -12.17 -16.20 35.66
C ARG B 172 -11.48 -16.30 37.02
N VAL B 173 -10.60 -17.28 37.16
CA VAL B 173 -9.77 -17.44 38.34
C VAL B 173 -8.34 -17.12 37.91
N SER B 174 -7.86 -15.93 38.26
CA SER B 174 -6.54 -15.50 37.83
C SER B 174 -5.42 -16.14 38.65
N GLY B 175 -5.71 -16.52 39.89
CA GLY B 175 -4.73 -17.14 40.76
C GLY B 175 -5.37 -17.63 42.03
N PHE B 176 -4.77 -18.63 42.67
CA PHE B 176 -5.38 -19.30 43.82
C PHE B 176 -4.88 -18.69 45.14
N ASP B 177 -5.51 -17.58 45.52
CA ASP B 177 -5.32 -17.03 46.86
C ASP B 177 -6.45 -17.47 47.78
N LYS B 178 -6.34 -17.08 49.05
CA LYS B 178 -7.22 -17.59 50.09
C LYS B 178 -8.70 -17.26 49.92
N ASN B 179 -9.05 -16.47 48.91
CA ASN B 179 -10.43 -16.02 48.74
C ASN B 179 -11.11 -16.64 47.52
N VAL B 180 -10.44 -17.59 46.84
CA VAL B 180 -10.95 -18.08 45.57
C VAL B 180 -12.25 -18.84 45.75
N THR B 181 -12.26 -19.84 46.63
CA THR B 181 -13.43 -20.71 46.78
C THR B 181 -14.65 -19.92 47.25
N LYS B 182 -14.44 -18.96 48.15
CA LYS B 182 -15.57 -18.14 48.60
C LYS B 182 -16.07 -17.23 47.49
N SER B 183 -15.16 -16.61 46.73
CA SER B 183 -15.56 -15.71 45.65
C SER B 183 -16.26 -16.46 44.53
N VAL B 184 -15.87 -17.71 44.27
CA VAL B 184 -16.56 -18.52 43.27
C VAL B 184 -17.95 -18.88 43.76
N LEU B 185 -18.05 -19.37 45.00
CA LEU B 185 -19.34 -19.79 45.54
C LEU B 185 -20.30 -18.61 45.64
N GLU B 186 -19.79 -17.42 45.98
CA GLU B 186 -20.64 -16.24 46.03
C GLU B 186 -21.13 -15.85 44.64
N GLY B 187 -20.25 -15.95 43.63
CA GLY B 187 -20.65 -15.59 42.29
C GLY B 187 -21.62 -16.57 41.65
N LEU B 188 -21.50 -17.85 41.98
CA LEU B 188 -22.43 -18.84 41.47
C LEU B 188 -23.78 -18.75 42.19
N LYS B 189 -23.77 -18.46 43.49
CA LYS B 189 -25.03 -18.26 44.20
C LYS B 189 -25.73 -16.97 43.76
N ALA B 190 -24.94 -15.95 43.41
CA ALA B 190 -25.51 -14.70 42.92
C ALA B 190 -26.13 -14.84 41.54
N ASN B 191 -25.90 -15.95 40.86
CA ASN B 191 -26.46 -16.21 39.52
C ASN B 191 -27.15 -17.56 39.53
N PRO B 192 -28.31 -17.68 40.19
CA PRO B 192 -28.95 -19.00 40.34
C PRO B 192 -29.57 -19.51 39.04
N LYS B 193 -29.79 -18.64 38.07
CA LYS B 193 -30.45 -19.00 36.81
C LYS B 193 -29.47 -19.50 35.76
N ALA B 194 -28.22 -19.75 36.13
CA ALA B 194 -27.21 -20.15 35.17
C ALA B 194 -27.30 -21.63 34.84
N LYS B 195 -26.94 -21.96 33.60
CA LYS B 195 -26.98 -23.33 33.10
C LYS B 195 -25.60 -23.86 32.73
N GLY B 196 -24.53 -23.14 33.04
CA GLY B 196 -23.18 -23.58 32.70
C GLY B 196 -22.07 -22.63 33.09
N ILE B 197 -20.86 -23.15 33.28
CA ILE B 197 -19.71 -22.35 33.68
C ILE B 197 -18.58 -22.51 32.67
N VAL B 198 -17.94 -21.40 32.33
CA VAL B 198 -16.65 -21.41 31.64
C VAL B 198 -15.61 -21.05 32.70
N LEU B 199 -14.93 -22.06 33.23
CA LEU B 199 -13.92 -21.85 34.25
C LEU B 199 -12.60 -21.55 33.55
N ASP B 200 -12.21 -20.28 33.52
CA ASP B 200 -11.03 -19.85 32.78
C ASP B 200 -9.83 -19.86 33.71
N LEU B 201 -8.96 -20.86 33.55
CA LEU B 201 -7.72 -20.97 34.31
C LEU B 201 -6.50 -20.70 33.44
N ARG B 202 -6.67 -20.04 32.32
CA ARG B 202 -5.54 -19.76 31.43
C ARG B 202 -4.57 -18.79 32.10
N GLY B 203 -3.29 -19.00 31.84
CA GLY B 203 -2.25 -18.16 32.41
C GLY B 203 -2.24 -18.09 33.91
N ASN B 204 -2.84 -19.07 34.59
CA ASN B 204 -2.93 -19.07 36.04
C ASN B 204 -1.78 -19.89 36.60
N PRO B 205 -0.78 -19.27 37.23
CA PRO B 205 0.40 -20.02 37.67
C PRO B 205 0.17 -20.87 38.91
N GLY B 206 -1.04 -20.91 39.45
CA GLY B 206 -1.32 -21.73 40.62
C GLY B 206 -1.57 -20.93 41.88
N GLY B 207 -1.09 -21.45 43.01
CA GLY B 207 -1.29 -20.80 44.28
C GLY B 207 -1.46 -21.79 45.43
N LEU B 208 -2.40 -21.51 46.32
CA LEU B 208 -2.58 -22.37 47.49
C LEU B 208 -3.17 -23.71 47.08
N LEU B 209 -2.53 -24.80 47.51
CA LEU B 209 -3.04 -26.13 47.22
C LEU B 209 -4.42 -26.34 47.83
N ASN B 210 -4.67 -25.76 49.01
CA ASN B 210 -5.96 -25.92 49.66
C ASN B 210 -7.09 -25.31 48.84
N GLN B 211 -6.78 -24.31 48.01
CA GLN B 211 -7.81 -23.68 47.19
C GLN B 211 -8.07 -24.47 45.93
N ALA B 212 -7.06 -25.17 45.40
CA ALA B 212 -7.29 -26.08 44.29
C ALA B 212 -8.19 -27.24 44.71
N VAL B 213 -7.92 -27.82 45.90
CA VAL B 213 -8.79 -28.85 46.44
C VAL B 213 -10.17 -28.28 46.76
N GLY B 214 -10.20 -27.08 47.31
CA GLY B 214 -11.49 -26.47 47.67
C GLY B 214 -12.36 -26.19 46.46
N LEU B 215 -11.77 -25.62 45.40
CA LEU B 215 -12.56 -25.23 44.24
C LEU B 215 -13.12 -26.45 43.50
N SER B 216 -12.32 -27.51 43.38
CA SER B 216 -12.80 -28.73 42.74
C SER B 216 -13.89 -29.40 43.59
N ASN B 217 -13.81 -29.26 44.91
CA ASN B 217 -14.79 -29.87 45.80
C ASN B 217 -16.18 -29.26 45.63
N LEU B 218 -16.29 -28.06 45.08
CA LEU B 218 -17.59 -27.48 44.79
C LEU B 218 -18.34 -28.23 43.70
N PHE B 219 -17.63 -28.99 42.86
CA PHE B 219 -18.22 -29.63 41.70
C PHE B 219 -18.19 -31.15 41.73
N ILE B 220 -17.33 -31.75 42.56
CA ILE B 220 -17.14 -33.20 42.59
C ILE B 220 -17.78 -33.72 43.88
N LYS B 221 -18.64 -34.72 43.74
CA LYS B 221 -19.39 -35.22 44.90
C LYS B 221 -18.59 -36.23 45.70
N GLU B 222 -17.84 -37.11 45.03
CA GLU B 222 -17.19 -38.21 45.71
C GLU B 222 -15.90 -38.56 45.00
N GLY B 223 -15.00 -39.20 45.73
CA GLY B 223 -13.73 -39.65 45.20
C GLY B 223 -12.58 -38.78 45.66
N VAL B 224 -11.37 -39.26 45.34
CA VAL B 224 -10.16 -38.51 45.65
C VAL B 224 -10.04 -37.33 44.70
N LEU B 225 -9.61 -36.19 45.22
CA LEU B 225 -9.40 -35.00 44.40
C LEU B 225 -7.94 -34.90 43.95
N VAL B 226 -6.99 -35.18 44.84
CA VAL B 226 -5.58 -35.20 44.49
C VAL B 226 -4.86 -36.03 45.55
N SER B 227 -3.73 -36.61 45.15
CA SER B 227 -2.91 -37.41 46.05
C SER B 227 -1.53 -36.77 46.12
N GLN B 228 -0.93 -36.81 47.30
CA GLN B 228 0.37 -36.21 47.53
C GLN B 228 1.28 -37.29 48.11
N LYS B 229 2.50 -37.38 47.59
CA LYS B 229 3.46 -38.36 48.08
C LYS B 229 4.87 -37.80 48.06
N GLY B 230 5.55 -37.88 49.21
CA GLY B 230 6.94 -37.46 49.31
C GLY B 230 7.79 -38.50 50.01
N LYS B 231 9.01 -38.13 50.40
CA LYS B 231 9.87 -39.07 51.12
C LYS B 231 9.38 -39.25 52.55
N ASN B 232 9.41 -38.17 53.34
CA ASN B 232 8.86 -38.22 54.69
C ASN B 232 7.35 -38.42 54.63
N LYS B 233 6.85 -39.34 55.44
CA LYS B 233 5.42 -39.66 55.41
C LYS B 233 4.55 -38.54 55.97
N GLU B 234 5.16 -37.46 56.46
CA GLU B 234 4.38 -36.28 56.84
C GLU B 234 3.59 -35.74 55.65
N GLU B 235 4.16 -35.84 54.45
CA GLU B 235 3.55 -35.31 53.24
C GLU B 235 2.76 -36.35 52.45
N SER B 236 2.80 -37.62 52.86
CA SER B 236 1.99 -38.66 52.23
C SER B 236 0.53 -38.47 52.65
N LEU B 237 -0.32 -38.07 51.69
CA LEU B 237 -1.66 -37.63 52.02
C LEU B 237 -2.51 -37.61 50.75
N GLU B 238 -3.80 -37.88 50.92
CA GLU B 238 -4.78 -37.85 49.85
C GLU B 238 -5.96 -37.00 50.28
N TYR B 239 -6.37 -36.08 49.40
CA TYR B 239 -7.49 -35.19 49.67
C TYR B 239 -8.72 -35.71 48.91
N LYS B 240 -9.69 -36.24 49.65
CA LYS B 240 -10.94 -36.70 49.08
C LYS B 240 -12.03 -35.64 49.27
N ALA B 241 -13.01 -35.66 48.38
CA ALA B 241 -14.10 -34.70 48.45
C ALA B 241 -14.97 -34.96 49.67
N ASN B 242 -15.38 -33.87 50.33
CA ASN B 242 -16.16 -33.96 51.56
C ASN B 242 -17.64 -34.21 51.33
N GLY B 243 -18.10 -34.39 50.09
CA GLY B 243 -19.50 -34.65 49.83
C GLY B 243 -20.40 -33.45 49.95
N ARG B 244 -19.86 -32.27 50.29
CA ARG B 244 -20.63 -31.05 50.43
C ARG B 244 -20.65 -30.21 49.16
N ALA B 245 -20.65 -30.87 48.00
CA ALA B 245 -20.55 -30.15 46.73
C ALA B 245 -21.88 -29.52 46.37
N PRO B 246 -21.95 -28.19 46.23
CA PRO B 246 -23.23 -27.57 45.84
C PRO B 246 -23.59 -27.84 44.39
N TYR B 247 -22.60 -27.82 43.50
CA TYR B 247 -22.82 -27.79 42.06
C TYR B 247 -22.32 -29.08 41.43
N THR B 248 -23.09 -30.16 41.60
CA THR B 248 -22.69 -31.46 41.09
C THR B 248 -23.12 -31.72 39.65
N ASN B 249 -24.20 -31.09 39.17
CA ASN B 249 -24.77 -31.44 37.88
C ASN B 249 -24.53 -30.42 36.77
N LEU B 250 -24.25 -29.16 37.10
CA LEU B 250 -24.24 -28.12 36.08
C LEU B 250 -23.05 -28.26 35.13
N PRO B 251 -23.25 -28.00 33.84
CA PRO B 251 -22.15 -28.10 32.87
C PRO B 251 -20.99 -27.17 33.22
N ILE B 252 -19.77 -27.69 33.04
CA ILE B 252 -18.54 -26.94 33.27
C ILE B 252 -17.60 -27.15 32.09
N ALA B 253 -17.05 -26.06 31.55
CA ALA B 253 -16.01 -26.11 30.54
C ALA B 253 -14.82 -25.30 31.03
N VAL B 254 -13.64 -25.93 31.10
CA VAL B 254 -12.44 -25.32 31.66
C VAL B 254 -11.49 -24.95 30.54
N LEU B 255 -11.01 -23.70 30.57
CA LEU B 255 -10.00 -23.22 29.64
C LEU B 255 -8.64 -23.25 30.31
N VAL B 256 -7.67 -23.90 29.65
CA VAL B 256 -6.31 -23.99 30.15
C VAL B 256 -5.35 -23.73 28.98
N ASN B 257 -4.14 -23.30 29.32
CA ASN B 257 -3.12 -23.06 28.30
C ASN B 257 -1.75 -23.28 28.94
N GLY B 258 -0.69 -22.96 28.18
CA GLY B 258 0.67 -23.21 28.62
C GLY B 258 1.08 -22.45 29.86
N GLY B 259 0.29 -21.45 30.28
CA GLY B 259 0.55 -20.74 31.52
C GLY B 259 -0.17 -21.30 32.72
N SER B 260 -1.08 -22.24 32.51
CA SER B 260 -1.77 -22.90 33.61
C SER B 260 -0.83 -23.91 34.27
N ALA B 261 -0.65 -23.79 35.57
CA ALA B 261 0.31 -24.63 36.28
C ALA B 261 -0.17 -24.89 37.70
N SER B 262 0.36 -25.97 38.28
CA SER B 262 0.22 -26.26 39.70
C SER B 262 -1.24 -26.38 40.11
N ALA B 263 -1.73 -25.44 40.91
CA ALA B 263 -3.11 -25.48 41.38
C ALA B 263 -4.09 -25.48 40.21
N SER B 264 -3.75 -24.80 39.13
CA SER B 264 -4.63 -24.80 37.96
C SER B 264 -4.69 -26.18 37.32
N GLU B 265 -3.60 -26.95 37.37
CA GLU B 265 -3.59 -28.28 36.78
C GLU B 265 -4.24 -29.30 37.70
N ILE B 266 -4.25 -29.06 39.01
CA ILE B 266 -4.94 -29.94 39.93
C ILE B 266 -6.44 -29.87 39.70
N VAL B 267 -6.99 -28.65 39.60
CA VAL B 267 -8.42 -28.48 39.34
C VAL B 267 -8.77 -29.06 37.98
N ALA B 268 -8.01 -28.70 36.95
CA ALA B 268 -8.29 -29.20 35.61
C ALA B 268 -8.10 -30.71 35.53
N GLY B 269 -7.06 -31.24 36.18
CA GLY B 269 -6.81 -32.66 36.11
C GLY B 269 -7.82 -33.48 36.91
N ALA B 270 -8.23 -32.98 38.08
CA ALA B 270 -9.23 -33.68 38.87
C ALA B 270 -10.58 -33.70 38.16
N LEU B 271 -11.01 -32.53 37.66
CA LEU B 271 -12.27 -32.47 36.92
C LEU B 271 -12.22 -33.33 35.66
N GLN B 272 -11.04 -33.43 35.02
CA GLN B 272 -10.91 -34.26 33.84
C GLN B 272 -11.02 -35.74 34.20
N ASP B 273 -10.30 -36.18 35.24
CA ASP B 273 -10.30 -37.59 35.60
C ASP B 273 -11.66 -38.06 36.10
N HIS B 274 -12.42 -37.18 36.75
CA HIS B 274 -13.78 -37.50 37.16
C HIS B 274 -14.81 -37.32 36.06
N LYS B 275 -14.37 -36.93 34.85
CA LYS B 275 -15.28 -36.59 33.75
C LYS B 275 -16.33 -35.58 34.19
N ARG B 276 -15.95 -34.70 35.13
CA ARG B 276 -16.86 -33.67 35.63
C ARG B 276 -16.90 -32.43 34.74
N ALA B 277 -15.83 -32.17 33.97
CA ALA B 277 -15.78 -31.01 33.11
C ALA B 277 -15.00 -31.34 31.86
N VAL B 278 -15.12 -30.49 30.86
CA VAL B 278 -14.40 -30.62 29.59
C VAL B 278 -13.24 -29.63 29.59
N ILE B 279 -12.03 -30.13 29.34
CA ILE B 279 -10.83 -29.31 29.33
C ILE B 279 -10.57 -28.83 27.91
N ILE B 280 -10.49 -27.52 27.72
CA ILE B 280 -10.37 -26.91 26.41
C ILE B 280 -9.19 -25.95 26.41
N GLY B 281 -8.40 -25.96 25.34
CA GLY B 281 -7.30 -25.04 25.22
C GLY B 281 -6.04 -25.62 24.62
N GLU B 282 -4.97 -25.70 25.40
CA GLU B 282 -3.69 -26.25 24.95
C GLU B 282 -2.94 -26.78 26.16
N LYS B 283 -1.85 -27.51 25.87
CA LYS B 283 -1.13 -28.22 26.91
C LYS B 283 -0.64 -27.27 28.00
N THR B 284 -0.81 -27.69 29.26
CA THR B 284 -0.50 -26.83 30.39
C THR B 284 1.00 -26.85 30.68
N PHE B 285 1.39 -26.14 31.75
CA PHE B 285 2.80 -25.98 32.07
C PHE B 285 3.45 -27.31 32.45
N GLY B 286 2.73 -28.16 33.18
CA GLY B 286 3.28 -29.43 33.62
C GLY B 286 4.10 -29.31 34.89
N LYS B 287 3.57 -28.60 35.87
CA LYS B 287 4.17 -28.50 37.20
C LYS B 287 3.50 -29.53 38.11
N GLY B 288 4.27 -30.54 38.51
CA GLY B 288 3.71 -31.65 39.26
C GLY B 288 4.32 -31.81 40.63
N SER B 289 4.57 -30.69 41.31
CA SER B 289 5.27 -30.71 42.58
C SER B 289 4.50 -29.88 43.60
N VAL B 290 4.74 -30.16 44.88
CA VAL B 290 4.14 -29.43 45.98
C VAL B 290 5.28 -28.77 46.76
N GLN B 291 5.24 -27.45 46.83
CA GLN B 291 6.21 -26.68 47.59
C GLN B 291 5.67 -26.40 49.00
N MET B 292 6.59 -26.25 49.94
CA MET B 292 6.26 -25.87 51.30
C MET B 292 7.09 -24.66 51.68
N LEU B 293 6.50 -23.76 52.48
CA LEU B 293 7.15 -22.53 52.89
C LEU B 293 7.52 -22.62 54.36
N LEU B 294 8.80 -22.40 54.66
CA LEU B 294 9.32 -22.40 56.02
C LEU B 294 9.88 -21.03 56.33
N PRO B 295 9.32 -20.27 57.27
CA PRO B 295 9.84 -18.94 57.57
C PRO B 295 11.20 -19.02 58.25
N VAL B 296 12.12 -18.15 57.84
CA VAL B 296 13.45 -18.13 58.44
C VAL B 296 13.62 -16.89 59.32
N ASN B 297 13.83 -15.72 58.73
CA ASN B 297 13.80 -14.48 59.48
C ASN B 297 12.36 -14.01 59.65
N LYS B 298 12.16 -12.72 59.88
CA LYS B 298 10.81 -12.17 59.80
C LYS B 298 10.42 -11.85 58.36
N ASP B 299 11.25 -11.08 57.66
CA ASP B 299 10.95 -10.66 56.30
C ASP B 299 11.35 -11.67 55.25
N GLU B 300 11.82 -12.85 55.65
CA GLU B 300 12.32 -13.84 54.70
C GLU B 300 11.73 -15.21 55.00
N ALA B 301 11.60 -16.02 53.95
CA ALA B 301 11.11 -17.38 54.05
C ALA B 301 11.87 -18.25 53.07
N ILE B 302 11.82 -19.56 53.29
CA ILE B 302 12.43 -20.53 52.39
C ILE B 302 11.35 -21.44 51.84
N LYS B 303 11.35 -21.62 50.52
CA LYS B 303 10.38 -22.46 49.84
C LYS B 303 11.08 -23.68 49.25
N ILE B 304 10.60 -24.87 49.60
CA ILE B 304 11.22 -26.12 49.20
C ILE B 304 10.16 -27.04 48.61
N THR B 305 10.53 -27.76 47.56
CA THR B 305 9.66 -28.80 47.02
C THR B 305 9.60 -29.97 47.99
N THR B 306 8.40 -30.28 48.49
CA THR B 306 8.24 -31.26 49.55
C THR B 306 7.60 -32.56 49.10
N ALA B 307 6.86 -32.57 48.00
CA ALA B 307 6.19 -33.79 47.56
C ALA B 307 5.82 -33.66 46.10
N ARG B 308 5.36 -34.78 45.53
CA ARG B 308 4.80 -34.84 44.19
C ARG B 308 3.32 -35.18 44.27
N TYR B 309 2.50 -34.48 43.48
CA TYR B 309 1.07 -34.69 43.51
C TYR B 309 0.62 -35.49 42.29
N TYR B 310 -0.32 -36.40 42.52
CA TYR B 310 -0.86 -37.27 41.49
C TYR B 310 -2.38 -37.08 41.38
N LEU B 311 -2.89 -37.13 40.15
CA LEU B 311 -4.29 -36.91 39.88
C LEU B 311 -5.12 -38.10 40.38
N PRO B 312 -6.46 -37.95 40.43
CA PRO B 312 -7.28 -39.04 40.99
C PRO B 312 -7.08 -40.39 40.30
N SER B 313 -6.75 -40.40 39.01
CA SER B 313 -6.41 -41.65 38.34
C SER B 313 -5.04 -42.16 38.69
N GLY B 314 -4.30 -41.47 39.58
CA GLY B 314 -2.95 -41.85 39.93
C GLY B 314 -1.90 -41.44 38.92
N ARG B 315 -2.30 -40.95 37.75
CA ARG B 315 -1.33 -40.54 36.74
C ARG B 315 -0.61 -39.27 37.16
N THR B 316 0.66 -39.18 36.82
CA THR B 316 1.46 -38.01 37.11
C THR B 316 1.40 -37.01 35.96
N ILE B 317 1.49 -35.73 36.30
CA ILE B 317 1.50 -34.65 35.33
C ILE B 317 2.87 -34.03 35.16
N GLN B 318 3.83 -34.38 36.01
CA GLN B 318 5.15 -33.76 36.04
C GLN B 318 5.81 -33.82 34.68
N ALA B 319 6.20 -32.66 34.16
CA ALA B 319 6.90 -32.44 32.88
C ALA B 319 6.04 -32.79 31.67
N LYS B 320 4.82 -33.29 31.85
CA LYS B 320 3.93 -33.57 30.73
C LYS B 320 2.88 -32.48 30.53
N GLY B 321 2.20 -32.08 31.59
CA GLY B 321 1.08 -31.17 31.50
C GLY B 321 -0.21 -31.86 31.12
N ILE B 322 -1.30 -31.09 31.18
CA ILE B 322 -2.63 -31.59 30.88
C ILE B 322 -2.86 -31.51 29.38
N THR B 323 -3.18 -32.65 28.77
CA THR B 323 -3.64 -32.66 27.38
C THR B 323 -5.14 -32.40 27.40
N PRO B 324 -5.61 -31.26 26.89
CA PRO B 324 -7.04 -30.95 26.98
C PRO B 324 -7.87 -31.91 26.13
N ASP B 325 -9.15 -32.01 26.50
CA ASP B 325 -10.07 -32.82 25.71
C ASP B 325 -10.27 -32.22 24.34
N ILE B 326 -10.19 -30.90 24.22
CA ILE B 326 -10.32 -30.18 22.95
C ILE B 326 -9.17 -29.19 22.90
N VAL B 327 -8.21 -29.43 22.01
CA VAL B 327 -7.08 -28.52 21.86
C VAL B 327 -7.45 -27.44 20.85
N ILE B 328 -7.14 -26.19 21.17
CA ILE B 328 -7.46 -25.06 20.31
C ILE B 328 -6.49 -23.92 20.60
N TYR B 329 -5.74 -23.54 19.61
CA TYR B 329 -4.80 -22.46 19.82
C TYR B 329 -5.48 -21.12 19.55
N PRO B 330 -5.02 -20.04 20.18
CA PRO B 330 -5.78 -18.79 20.16
C PRO B 330 -5.86 -18.17 18.77
N GLY B 331 -6.78 -17.24 18.64
CA GLY B 331 -7.02 -16.57 17.36
C GLY B 331 -8.39 -15.93 17.36
N LYS B 332 -8.65 -15.19 16.29
CA LYS B 332 -9.96 -14.57 16.09
C LYS B 332 -10.91 -15.54 15.39
N VAL B 333 -12.19 -15.42 15.73
CA VAL B 333 -13.20 -16.30 15.13
C VAL B 333 -13.40 -15.90 13.67
N PRO B 334 -13.54 -16.86 12.75
CA PRO B 334 -13.70 -16.50 11.33
C PRO B 334 -14.94 -15.67 11.09
N GLU B 335 -14.85 -14.83 10.06
CA GLU B 335 -15.90 -13.89 9.69
C GLU B 335 -16.67 -14.38 8.47
N ASN B 336 -17.77 -13.69 8.18
CA ASN B 336 -18.58 -14.02 7.01
C ASN B 336 -17.96 -13.46 5.74
N GLU B 376 -21.38 -0.42 29.56
CA GLU B 376 -20.02 -0.91 29.69
C GLU B 376 -19.95 -2.43 29.60
N GLU B 377 -18.73 -2.97 29.73
CA GLU B 377 -18.49 -4.40 29.57
C GLU B 377 -18.46 -5.07 30.95
N LYS B 378 -19.65 -5.28 31.50
CA LYS B 378 -19.81 -6.09 32.69
C LYS B 378 -20.46 -7.43 32.37
N GLU B 379 -20.68 -7.71 31.08
CA GLU B 379 -21.11 -9.00 30.58
C GLU B 379 -20.22 -9.34 29.40
N VAL B 380 -20.14 -10.64 29.10
CA VAL B 380 -19.29 -11.11 28.00
C VAL B 380 -20.05 -10.88 26.70
N THR B 381 -19.67 -9.83 25.96
CA THR B 381 -20.31 -9.47 24.71
C THR B 381 -19.85 -10.37 23.57
N PRO B 382 -20.66 -10.48 22.51
CA PRO B 382 -20.23 -11.30 21.36
C PRO B 382 -18.95 -10.84 20.70
N LYS B 383 -18.65 -9.54 20.73
CA LYS B 383 -17.39 -9.08 20.16
C LYS B 383 -16.20 -9.58 20.98
N MET B 384 -16.39 -9.74 22.29
CA MET B 384 -15.34 -10.34 23.11
C MET B 384 -15.13 -11.80 22.76
N ILE B 385 -16.22 -12.52 22.45
CA ILE B 385 -16.12 -13.92 22.09
C ILE B 385 -15.45 -14.07 20.72
N ASN B 386 -15.72 -13.15 19.80
CA ASN B 386 -15.17 -13.22 18.46
C ASN B 386 -13.67 -12.97 18.42
N ASP B 387 -13.07 -12.47 19.50
CA ASP B 387 -11.63 -12.30 19.59
C ASP B 387 -10.95 -13.45 20.32
N ASP B 388 -11.71 -14.42 20.84
CA ASP B 388 -11.17 -15.54 21.61
C ASP B 388 -11.78 -16.82 21.05
N ILE B 389 -11.08 -17.45 20.09
CA ILE B 389 -11.54 -18.71 19.55
C ILE B 389 -11.55 -19.78 20.64
N GLN B 390 -10.70 -19.63 21.66
CA GLN B 390 -10.71 -20.57 22.78
C GLN B 390 -11.97 -20.42 23.61
N LEU B 391 -12.34 -19.17 23.93
CA LEU B 391 -13.57 -18.95 24.70
C LEU B 391 -14.80 -19.32 23.88
N LYS B 392 -14.76 -19.09 22.57
CA LYS B 392 -15.86 -19.52 21.72
C LYS B 392 -16.03 -21.03 21.74
N THR B 393 -14.91 -21.76 21.74
CA THR B 393 -14.98 -23.22 21.79
C THR B 393 -15.54 -23.70 23.12
N ALA B 394 -15.21 -23.01 24.22
CA ALA B 394 -15.73 -23.41 25.52
C ALA B 394 -17.23 -23.21 25.60
N ILE B 395 -17.73 -22.11 25.01
CA ILE B 395 -19.16 -21.87 24.97
C ILE B 395 -19.84 -22.92 24.09
N ASP B 396 -19.21 -23.28 22.98
CA ASP B 396 -19.77 -24.31 22.11
C ASP B 396 -19.84 -25.65 22.83
N SER B 397 -18.92 -25.91 23.75
CA SER B 397 -18.97 -27.14 24.53
C SER B 397 -20.13 -27.14 25.52
N LEU B 398 -20.49 -25.97 26.04
CA LEU B 398 -21.66 -25.89 26.92
C LEU B 398 -22.96 -26.04 26.16
N LYS B 399 -23.01 -25.57 24.91
CA LYS B 399 -24.21 -25.74 24.10
C LYS B 399 -24.50 -27.22 23.86
N THR B 400 -23.46 -28.00 23.53
CA THR B 400 -23.66 -29.44 23.36
C THR B 400 -24.05 -30.11 24.68
N TRP B 401 -23.48 -29.65 25.80
CA TRP B 401 -23.96 -30.06 27.11
C TRP B 401 -25.48 -29.93 27.21
N SER B 402 -26.00 -28.76 26.85
CA SER B 402 -27.41 -28.47 27.03
C SER B 402 -28.29 -29.30 26.11
N ILE B 403 -27.77 -29.71 24.95
CA ILE B 403 -28.54 -30.58 24.07
C ILE B 403 -28.54 -32.01 24.61
N VAL B 404 -27.40 -32.47 25.12
CA VAL B 404 -27.31 -33.84 25.62
C VAL B 404 -28.17 -34.00 26.88
N ASP B 405 -28.21 -32.97 27.74
CA ASP B 405 -29.01 -33.06 28.95
C ASP B 405 -30.50 -32.95 28.68
N GLU B 406 -30.90 -32.42 27.53
CA GLU B 406 -32.31 -32.42 27.17
C GLU B 406 -32.74 -33.74 26.53
N LYS B 407 -31.83 -34.42 25.83
CA LYS B 407 -32.13 -35.75 25.32
C LYS B 407 -32.41 -36.73 26.46
N MET B 408 -31.69 -36.60 27.57
CA MET B 408 -31.89 -37.45 28.73
C MET B 408 -32.90 -36.86 29.71
N MET C 8 -66.49 -12.29 -9.04
CA MET C 8 -67.31 -11.12 -9.33
C MET C 8 -66.46 -9.85 -9.34
N PHE C 9 -65.58 -9.77 -10.35
CA PHE C 9 -64.63 -8.68 -10.48
C PHE C 9 -64.64 -8.25 -11.95
N SER C 10 -65.31 -7.14 -12.25
CA SER C 10 -65.51 -6.72 -13.63
C SER C 10 -64.27 -6.08 -14.25
N ARG C 11 -63.30 -5.66 -13.43
CA ARG C 11 -62.15 -4.94 -13.97
C ARG C 11 -61.21 -5.84 -14.75
N PHE C 12 -61.35 -7.16 -14.63
CA PHE C 12 -60.65 -8.04 -15.55
C PHE C 12 -61.26 -7.96 -16.95
N SER C 13 -62.59 -7.93 -17.04
CA SER C 13 -63.25 -7.81 -18.34
C SER C 13 -62.95 -6.46 -18.99
N ASN C 14 -62.88 -5.40 -18.18
CA ASN C 14 -62.53 -4.09 -18.71
C ASN C 14 -61.13 -4.11 -19.32
N VAL C 15 -60.21 -4.84 -18.69
CA VAL C 15 -58.84 -4.91 -19.19
C VAL C 15 -58.80 -5.78 -20.46
N VAL C 16 -59.49 -6.92 -20.44
CA VAL C 16 -59.53 -7.79 -21.61
C VAL C 16 -60.18 -7.06 -22.78
N SER C 17 -61.24 -6.29 -22.52
CA SER C 17 -61.94 -5.59 -23.59
C SER C 17 -61.03 -4.57 -24.27
N GLU C 18 -60.25 -3.82 -23.49
CA GLU C 18 -59.39 -2.81 -24.09
C GLU C 18 -58.19 -3.45 -24.78
N ILE C 19 -57.66 -4.54 -24.21
CA ILE C 19 -56.57 -5.26 -24.87
C ILE C 19 -57.02 -5.78 -26.23
N GLU C 20 -58.25 -6.27 -26.30
CA GLU C 20 -58.71 -6.94 -27.52
C GLU C 20 -58.80 -5.98 -28.70
N LYS C 21 -59.00 -4.69 -28.44
CA LYS C 21 -59.16 -3.71 -29.51
C LYS C 21 -58.06 -2.67 -29.59
N LYS C 22 -57.24 -2.51 -28.54
CA LYS C 22 -56.17 -1.53 -28.56
C LYS C 22 -54.78 -2.13 -28.73
N TYR C 23 -54.62 -3.43 -28.55
CA TYR C 23 -53.30 -4.05 -28.65
C TYR C 23 -52.79 -3.97 -30.09
N VAL C 24 -51.46 -3.97 -30.22
CA VAL C 24 -50.84 -3.76 -31.53
C VAL C 24 -51.20 -4.89 -32.49
N ASP C 25 -51.28 -6.11 -31.99
CA ASP C 25 -51.65 -7.26 -32.80
C ASP C 25 -53.00 -7.81 -32.34
N LYS C 26 -53.70 -8.47 -33.27
CA LYS C 26 -54.95 -9.10 -32.91
C LYS C 26 -54.67 -10.47 -32.28
N ILE C 27 -55.22 -10.69 -31.10
CA ILE C 27 -55.03 -11.93 -30.35
C ILE C 27 -56.39 -12.46 -29.94
N SER C 28 -56.57 -13.77 -30.06
CA SER C 28 -57.83 -14.38 -29.68
C SER C 28 -58.05 -14.27 -28.17
N ILE C 29 -59.31 -14.42 -27.75
CA ILE C 29 -59.60 -14.45 -26.33
C ILE C 29 -58.92 -15.64 -25.68
N SER C 30 -58.76 -16.74 -26.42
CA SER C 30 -58.02 -17.90 -25.91
C SER C 30 -56.58 -17.52 -25.56
N GLU C 31 -55.92 -16.75 -26.44
CA GLU C 31 -54.56 -16.29 -26.14
C GLU C 31 -54.54 -15.40 -24.90
N ILE C 32 -55.56 -14.54 -24.75
CA ILE C 32 -55.63 -13.66 -23.59
C ILE C 32 -55.83 -14.47 -22.31
N MET C 33 -56.68 -15.49 -22.37
CA MET C 33 -56.97 -16.28 -21.18
C MET C 33 -55.74 -17.07 -20.73
N THR C 34 -54.98 -17.63 -21.68
CA THR C 34 -53.75 -18.31 -21.32
C THR C 34 -52.75 -17.35 -20.71
N LYS C 35 -52.59 -16.16 -21.32
CA LYS C 35 -51.66 -15.18 -20.77
C LYS C 35 -52.12 -14.65 -19.41
N ALA C 36 -53.43 -14.66 -19.16
CA ALA C 36 -53.91 -14.27 -17.85
C ALA C 36 -53.69 -15.38 -16.81
N ILE C 37 -53.92 -16.63 -17.21
CA ILE C 37 -53.66 -17.75 -16.32
C ILE C 37 -52.18 -17.88 -16.06
N GLU C 38 -51.38 -17.85 -17.12
CA GLU C 38 -49.93 -17.90 -17.02
C GLU C 38 -49.40 -16.69 -16.27
N GLY C 39 -50.02 -15.52 -16.46
CA GLY C 39 -49.59 -14.33 -15.74
C GLY C 39 -49.98 -14.37 -14.27
N LEU C 40 -51.19 -14.84 -13.97
CA LEU C 40 -51.64 -14.94 -12.59
C LEU C 40 -50.73 -15.86 -11.78
N LEU C 41 -50.39 -17.03 -12.34
CA LEU C 41 -49.51 -17.95 -11.63
C LEU C 41 -48.12 -17.36 -11.46
N SER C 42 -47.67 -16.56 -12.43
CA SER C 42 -46.33 -15.97 -12.33
C SER C 42 -46.24 -14.94 -11.22
N ASN C 43 -47.36 -14.31 -10.85
CA ASN C 43 -47.38 -13.34 -9.77
C ASN C 43 -47.97 -13.91 -8.49
N LEU C 44 -48.34 -15.19 -8.49
CA LEU C 44 -48.87 -15.87 -7.32
C LEU C 44 -47.79 -16.61 -6.55
N ASP C 45 -46.93 -17.34 -7.24
CA ASP C 45 -45.93 -18.18 -6.60
C ASP C 45 -44.71 -18.24 -7.51
N ALA C 46 -43.55 -18.48 -6.90
CA ALA C 46 -42.31 -18.61 -7.66
C ALA C 46 -42.05 -20.04 -8.10
N HIS C 47 -42.86 -20.98 -7.61
CA HIS C 47 -42.77 -22.38 -7.98
C HIS C 47 -43.93 -22.80 -8.87
N SER C 48 -44.73 -21.83 -9.31
CA SER C 48 -45.94 -22.10 -10.08
C SER C 48 -45.62 -22.23 -11.57
N ALA C 49 -46.47 -22.99 -12.27
CA ALA C 49 -46.34 -23.17 -13.70
C ALA C 49 -47.70 -23.52 -14.30
N TYR C 50 -47.90 -23.13 -15.55
CA TYR C 50 -49.10 -23.48 -16.31
C TYR C 50 -48.75 -24.54 -17.34
N LEU C 51 -49.51 -25.64 -17.32
CA LEU C 51 -49.27 -26.78 -18.19
C LEU C 51 -50.42 -26.90 -19.19
N ASN C 52 -50.16 -26.56 -20.44
CA ASN C 52 -51.15 -26.67 -21.50
C ASN C 52 -51.42 -28.15 -21.80
N GLU C 53 -52.14 -28.40 -22.90
CA GLU C 53 -52.50 -29.79 -23.22
C GLU C 53 -51.29 -30.65 -23.54
N LYS C 54 -50.22 -30.06 -24.07
CA LYS C 54 -49.04 -30.86 -24.43
C LYS C 54 -48.18 -31.15 -23.22
N LYS C 55 -47.79 -30.12 -22.47
CA LYS C 55 -46.89 -30.32 -21.34
C LYS C 55 -47.56 -31.04 -20.18
N PHE C 56 -48.89 -31.08 -20.14
CA PHE C 56 -49.56 -31.94 -19.17
C PHE C 56 -49.44 -33.40 -19.56
N LYS C 57 -49.57 -33.70 -20.86
CA LYS C 57 -49.41 -35.07 -21.32
C LYS C 57 -47.95 -35.50 -21.31
N GLU C 58 -47.02 -34.56 -21.45
CA GLU C 58 -45.61 -34.88 -21.58
C GLU C 58 -44.84 -34.39 -20.37
N PHE C 59 -45.17 -34.91 -19.18
CA PHE C 59 -44.59 -34.45 -17.93
C PHE C 59 -43.54 -35.41 -17.38
N GLN C 60 -42.83 -36.13 -18.26
CA GLN C 60 -41.74 -37.00 -17.79
C GLN C 60 -40.53 -36.93 -18.71
N ALA C 61 -40.46 -35.93 -19.59
CA ALA C 61 -39.31 -35.65 -20.43
C ALA C 61 -39.54 -34.34 -21.15
N GLN C 62 -38.47 -33.59 -21.36
CA GLN C 62 -38.53 -32.34 -22.13
C GLN C 62 -38.52 -32.59 -23.63
N THR C 63 -39.31 -33.55 -24.11
CA THR C 63 -39.22 -34.09 -25.46
C THR C 63 -37.80 -34.57 -25.74
N GLU C 64 -37.34 -35.49 -24.89
CA GLU C 64 -36.00 -36.04 -25.00
C GLU C 64 -36.02 -37.50 -24.53
N GLY C 65 -35.00 -38.23 -24.95
CA GLY C 65 -34.75 -39.57 -24.45
C GLY C 65 -33.28 -39.74 -24.11
N GLU C 66 -32.73 -38.73 -23.41
CA GLU C 66 -31.29 -38.65 -23.18
C GLU C 66 -30.99 -38.35 -21.72
N PHE C 67 -31.69 -37.35 -21.16
CA PHE C 67 -31.66 -37.05 -19.73
C PHE C 67 -30.26 -36.78 -19.21
N GLY C 68 -29.77 -35.56 -19.45
CA GLY C 68 -28.53 -35.12 -18.88
C GLY C 68 -28.67 -33.68 -18.43
N GLY C 69 -27.81 -33.30 -17.47
CA GLY C 69 -27.91 -31.96 -16.94
C GLY C 69 -26.62 -31.39 -16.37
N LEU C 70 -26.72 -30.24 -15.70
CA LEU C 70 -25.57 -29.57 -15.14
C LEU C 70 -25.31 -29.94 -13.68
N GLY C 71 -26.37 -30.15 -12.91
CA GLY C 71 -26.23 -30.39 -11.49
C GLY C 71 -26.43 -29.16 -10.63
N ILE C 72 -27.12 -28.15 -11.14
CA ILE C 72 -27.40 -26.92 -10.42
C ILE C 72 -28.82 -26.99 -9.90
N THR C 73 -28.99 -26.78 -8.60
CA THR C 73 -30.30 -26.58 -7.99
C THR C 73 -30.62 -25.09 -8.01
N VAL C 74 -31.74 -24.73 -8.62
CA VAL C 74 -32.10 -23.35 -8.85
C VAL C 74 -33.23 -22.97 -7.91
N GLY C 75 -33.18 -21.74 -7.40
CA GLY C 75 -34.20 -21.17 -6.56
C GLY C 75 -34.23 -19.68 -6.80
N MET C 76 -35.07 -18.98 -6.04
CA MET C 76 -35.21 -17.53 -6.20
C MET C 76 -35.21 -16.87 -4.82
N ARG C 77 -34.15 -16.11 -4.55
CA ARG C 77 -34.09 -15.18 -3.43
C ARG C 77 -33.52 -13.86 -3.96
N ASP C 78 -33.83 -12.78 -3.24
CA ASP C 78 -33.55 -11.42 -3.71
C ASP C 78 -34.23 -11.13 -5.04
N GLY C 79 -35.37 -11.80 -5.29
CA GLY C 79 -36.15 -11.60 -6.49
C GLY C 79 -35.51 -12.04 -7.78
N VAL C 80 -34.38 -12.74 -7.73
CA VAL C 80 -33.68 -13.20 -8.93
C VAL C 80 -33.33 -14.67 -8.77
N LEU C 81 -33.06 -15.31 -9.91
CA LEU C 81 -32.67 -16.72 -9.89
C LEU C 81 -31.30 -16.86 -9.23
N THR C 82 -31.23 -17.67 -8.18
CA THR C 82 -29.99 -17.93 -7.47
C THR C 82 -29.70 -19.42 -7.47
N VAL C 83 -28.42 -19.75 -7.49
CA VAL C 83 -27.98 -21.14 -7.32
C VAL C 83 -28.10 -21.49 -5.85
N ILE C 84 -28.92 -22.51 -5.54
CA ILE C 84 -28.97 -23.02 -4.18
C ILE C 84 -27.65 -23.68 -3.81
N ALA C 85 -27.27 -24.71 -4.57
CA ALA C 85 -25.98 -25.36 -4.40
C ALA C 85 -25.72 -26.22 -5.62
N PRO C 86 -24.51 -26.23 -6.16
CA PRO C 86 -24.14 -27.24 -7.14
C PRO C 86 -23.84 -28.57 -6.46
N LEU C 87 -24.28 -29.65 -7.08
CA LEU C 87 -24.12 -30.97 -6.48
C LEU C 87 -22.65 -31.37 -6.51
N GLU C 88 -22.21 -32.06 -5.46
CA GLU C 88 -20.81 -32.46 -5.39
C GLU C 88 -20.50 -33.43 -6.52
N GLY C 89 -19.45 -33.13 -7.29
CA GLY C 89 -19.03 -33.99 -8.38
C GLY C 89 -19.76 -33.81 -9.69
N THR C 90 -20.67 -32.84 -9.79
CA THR C 90 -21.39 -32.63 -11.05
C THR C 90 -20.57 -31.71 -11.95
N PRO C 91 -20.83 -31.69 -13.26
CA PRO C 91 -20.10 -30.78 -14.15
C PRO C 91 -20.09 -29.32 -13.70
N ALA C 92 -21.21 -28.80 -13.19
CA ALA C 92 -21.25 -27.42 -12.74
C ALA C 92 -20.35 -27.20 -11.52
N TYR C 93 -20.32 -28.16 -10.60
CA TYR C 93 -19.44 -28.07 -9.43
C TYR C 93 -17.98 -28.06 -9.86
N LYS C 94 -17.62 -28.93 -10.79
CA LYS C 94 -16.25 -29.00 -11.30
C LYS C 94 -15.89 -27.77 -12.12
N ALA C 95 -16.89 -27.14 -12.76
CA ALA C 95 -16.63 -25.98 -13.59
C ALA C 95 -16.34 -24.72 -12.79
N GLY C 96 -16.68 -24.72 -11.50
CA GLY C 96 -16.45 -23.57 -10.65
C GLY C 96 -17.69 -22.76 -10.34
N VAL C 97 -18.89 -23.33 -10.52
CA VAL C 97 -20.10 -22.68 -10.07
C VAL C 97 -20.18 -22.79 -8.55
N LYS C 98 -20.60 -21.70 -7.91
CA LYS C 98 -20.60 -21.60 -6.45
C LYS C 98 -22.01 -21.32 -5.96
N SER C 99 -22.29 -21.73 -4.73
CA SER C 99 -23.59 -21.47 -4.15
C SER C 99 -23.84 -19.97 -4.03
N GLY C 100 -25.10 -19.58 -4.12
CA GLY C 100 -25.49 -18.19 -4.06
C GLY C 100 -25.28 -17.41 -5.34
N ASP C 101 -24.67 -18.01 -6.36
CA ASP C 101 -24.50 -17.34 -7.64
C ASP C 101 -25.86 -17.04 -8.26
N ASN C 102 -26.03 -15.79 -8.71
CA ASN C 102 -27.24 -15.38 -9.40
C ASN C 102 -27.08 -15.65 -10.88
N ILE C 103 -27.98 -16.45 -11.44
CA ILE C 103 -27.88 -16.82 -12.85
C ILE C 103 -28.52 -15.69 -13.67
N LEU C 104 -27.74 -15.13 -14.59
CA LEU C 104 -28.16 -13.99 -15.38
C LEU C 104 -28.60 -14.39 -16.80
N LYS C 105 -27.84 -15.24 -17.47
CA LYS C 105 -28.20 -15.71 -18.80
C LYS C 105 -27.96 -17.22 -18.88
N ILE C 106 -28.79 -17.88 -19.67
CA ILE C 106 -28.61 -19.29 -20.03
C ILE C 106 -28.47 -19.34 -21.54
N ASN C 107 -27.33 -19.87 -22.01
CA ASN C 107 -26.90 -19.70 -23.39
C ASN C 107 -26.84 -18.22 -23.73
N ASN C 108 -27.88 -17.72 -24.39
CA ASN C 108 -28.01 -16.29 -24.67
C ASN C 108 -29.32 -15.72 -24.17
N GLU C 109 -30.10 -16.50 -23.42
CA GLU C 109 -31.42 -16.11 -22.96
C GLU C 109 -31.32 -15.53 -21.55
N SER C 110 -31.77 -14.28 -21.40
CA SER C 110 -31.77 -13.64 -20.09
C SER C 110 -32.81 -14.27 -19.18
N THR C 111 -32.51 -14.26 -17.88
CA THR C 111 -33.39 -14.82 -16.85
C THR C 111 -34.08 -13.74 -16.03
N LEU C 112 -34.20 -12.53 -16.57
CA LEU C 112 -34.69 -11.39 -15.79
C LEU C 112 -36.09 -11.65 -15.26
N SER C 113 -36.96 -12.25 -16.06
CA SER C 113 -38.33 -12.56 -15.70
C SER C 113 -38.63 -14.01 -16.04
N MET C 114 -37.78 -14.91 -15.58
CA MET C 114 -37.88 -16.33 -15.86
C MET C 114 -38.16 -17.10 -14.58
N SER C 115 -38.98 -18.14 -14.70
CA SER C 115 -39.38 -18.95 -13.56
C SER C 115 -38.37 -20.07 -13.35
N ILE C 116 -38.29 -20.54 -12.10
CA ILE C 116 -37.33 -21.58 -11.77
C ILE C 116 -37.60 -22.86 -12.52
N ASP C 117 -38.84 -23.08 -12.97
CA ASP C 117 -39.16 -24.25 -13.76
C ASP C 117 -38.77 -24.09 -15.23
N ASP C 118 -38.74 -22.86 -15.72
CA ASP C 118 -38.23 -22.61 -17.06
C ASP C 118 -36.72 -22.78 -17.11
N ALA C 119 -36.02 -22.35 -16.06
CA ALA C 119 -34.56 -22.36 -16.07
C ALA C 119 -34.01 -23.78 -16.06
N ILE C 120 -34.61 -24.68 -15.28
CA ILE C 120 -34.13 -26.06 -15.23
C ILE C 120 -34.31 -26.74 -16.58
N ASN C 121 -35.39 -26.42 -17.30
CA ASN C 121 -35.62 -27.04 -18.59
C ASN C 121 -34.58 -26.60 -19.63
N LEU C 122 -34.04 -25.38 -19.50
CA LEU C 122 -32.97 -24.95 -20.39
C LEU C 122 -31.68 -25.66 -20.05
N MET C 123 -31.47 -25.99 -18.78
CA MET C 123 -30.24 -26.64 -18.33
C MET C 123 -30.22 -28.12 -18.66
N ARG C 124 -31.38 -28.77 -18.67
CA ARG C 124 -31.46 -30.17 -19.07
C ARG C 124 -31.17 -30.32 -20.55
N GLY C 125 -30.67 -31.48 -20.94
CA GLY C 125 -30.36 -31.72 -22.33
C GLY C 125 -29.61 -33.03 -22.53
N LYS C 126 -28.96 -33.13 -23.67
CA LYS C 126 -28.25 -34.35 -24.01
C LYS C 126 -26.98 -34.48 -23.16
N PRO C 127 -26.65 -35.67 -22.68
CA PRO C 127 -25.52 -35.82 -21.76
C PRO C 127 -24.16 -35.78 -22.45
N LYS C 128 -24.09 -35.11 -23.61
CA LYS C 128 -22.84 -35.03 -24.37
C LYS C 128 -22.64 -33.66 -25.01
N THR C 129 -23.41 -32.65 -24.60
CA THR C 129 -23.51 -31.40 -25.35
C THR C 129 -23.23 -30.19 -24.47
N PRO C 130 -22.59 -29.16 -25.02
CA PRO C 130 -22.24 -27.98 -24.23
C PRO C 130 -23.44 -27.09 -23.98
N ILE C 131 -23.32 -26.28 -22.94
CA ILE C 131 -24.28 -25.22 -22.61
C ILE C 131 -23.53 -24.11 -21.89
N GLN C 132 -23.92 -22.88 -22.18
CA GLN C 132 -23.30 -21.71 -21.59
C GLN C 132 -24.27 -21.04 -20.61
N ILE C 133 -23.77 -20.70 -19.43
CA ILE C 133 -24.53 -19.94 -18.44
C ILE C 133 -23.68 -18.76 -18.00
N THR C 134 -24.34 -17.64 -17.78
CA THR C 134 -23.67 -16.44 -17.30
C THR C 134 -24.25 -16.09 -15.93
N ILE C 135 -23.37 -15.96 -14.94
CA ILE C 135 -23.77 -15.80 -13.55
C ILE C 135 -23.09 -14.58 -12.97
N VAL C 136 -23.62 -14.13 -11.84
CA VAL C 136 -23.06 -12.99 -11.12
C VAL C 136 -22.67 -13.46 -9.73
N ARG C 137 -21.52 -12.99 -9.26
CA ARG C 137 -20.99 -13.38 -7.96
C ARG C 137 -20.63 -12.11 -7.21
N LYS C 138 -20.76 -12.17 -5.88
CA LYS C 138 -20.87 -10.95 -5.07
C LYS C 138 -19.62 -10.08 -5.18
N ASN C 139 -18.45 -10.67 -5.01
CA ASN C 139 -17.21 -9.90 -4.97
C ASN C 139 -16.55 -9.74 -6.33
N GLU C 140 -17.19 -10.20 -7.41
CA GLU C 140 -16.58 -10.17 -8.73
C GLU C 140 -16.99 -8.92 -9.49
N PRO C 141 -16.09 -8.40 -10.34
CA PRO C 141 -16.41 -7.16 -11.08
C PRO C 141 -17.37 -7.38 -12.23
N LYS C 142 -17.15 -8.43 -13.01
CA LYS C 142 -17.95 -8.73 -14.19
C LYS C 142 -18.69 -10.06 -14.02
N PRO C 143 -19.79 -10.25 -14.75
CA PRO C 143 -20.44 -11.56 -14.74
C PRO C 143 -19.51 -12.63 -15.28
N LEU C 144 -19.59 -13.83 -14.68
CA LEU C 144 -18.76 -14.94 -15.09
C LEU C 144 -19.52 -15.78 -16.12
N VAL C 145 -18.81 -16.22 -17.15
CA VAL C 145 -19.38 -17.02 -18.23
C VAL C 145 -18.77 -18.41 -18.13
N PHE C 146 -19.63 -19.41 -17.94
CA PHE C 146 -19.22 -20.78 -17.76
C PHE C 146 -19.70 -21.62 -18.93
N ASN C 147 -18.76 -22.28 -19.61
CA ASN C 147 -19.08 -23.22 -20.67
C ASN C 147 -18.95 -24.63 -20.09
N ILE C 148 -20.09 -25.25 -19.84
CA ILE C 148 -20.16 -26.54 -19.15
C ILE C 148 -20.84 -27.54 -20.09
N ILE C 149 -20.35 -28.78 -20.08
CA ILE C 149 -20.90 -29.84 -20.91
C ILE C 149 -21.66 -30.80 -20.01
N ARG C 150 -22.89 -31.11 -20.41
CA ARG C 150 -23.78 -31.95 -19.62
C ARG C 150 -23.21 -33.36 -19.48
N ASP C 151 -23.68 -34.05 -18.45
CA ASP C 151 -23.23 -35.40 -18.15
C ASP C 151 -24.26 -36.06 -17.25
N ILE C 152 -24.16 -37.38 -17.16
CA ILE C 152 -25.01 -38.13 -16.24
C ILE C 152 -24.67 -37.73 -14.81
N ILE C 153 -25.70 -37.33 -14.05
CA ILE C 153 -25.50 -36.77 -12.73
C ILE C 153 -25.29 -37.83 -11.67
N LYS C 154 -25.59 -39.10 -11.98
CA LYS C 154 -25.49 -40.17 -11.01
C LYS C 154 -24.04 -40.35 -10.53
N LEU C 155 -23.87 -40.39 -9.20
CA LEU C 155 -22.59 -40.55 -8.54
C LEU C 155 -22.86 -40.85 -7.06
N PRO C 156 -22.04 -41.70 -6.41
CA PRO C 156 -22.32 -42.08 -5.01
C PRO C 156 -22.59 -40.91 -4.07
N SER C 157 -23.87 -40.70 -3.77
CA SER C 157 -24.30 -39.54 -3.00
C SER C 157 -23.79 -39.58 -1.57
N VAL C 158 -23.46 -40.76 -1.07
CA VAL C 158 -23.06 -40.95 0.32
C VAL C 158 -21.76 -41.74 0.34
N TYR C 159 -20.80 -41.26 1.11
CA TYR C 159 -19.60 -42.02 1.46
C TYR C 159 -19.33 -41.84 2.94
N VAL C 160 -18.72 -42.85 3.54
CA VAL C 160 -18.45 -42.86 4.98
C VAL C 160 -16.96 -43.05 5.16
N LYS C 161 -16.34 -42.17 5.95
CA LYS C 161 -14.90 -42.20 6.19
C LYS C 161 -14.66 -42.13 7.69
N LYS C 162 -13.78 -42.97 8.18
CA LYS C 162 -13.36 -42.90 9.58
C LYS C 162 -12.41 -41.73 9.79
N ILE C 163 -12.55 -41.07 10.94
CA ILE C 163 -11.73 -39.92 11.27
C ILE C 163 -10.53 -40.41 12.09
N LYS C 164 -9.33 -40.09 11.62
CA LYS C 164 -8.14 -40.73 12.14
C LYS C 164 -7.88 -40.35 13.60
N GLU C 165 -7.52 -41.35 14.40
CA GLU C 165 -7.21 -41.20 15.82
C GLU C 165 -8.42 -40.69 16.62
N THR C 166 -9.62 -40.98 16.14
CA THR C 166 -10.86 -40.71 16.85
C THR C 166 -11.78 -41.91 16.67
N PRO C 167 -12.71 -42.15 17.61
CA PRO C 167 -13.73 -43.19 17.41
C PRO C 167 -14.80 -42.78 16.43
N TYR C 168 -14.83 -41.53 15.98
CA TYR C 168 -15.92 -40.98 15.19
C TYR C 168 -15.68 -41.24 13.70
N LEU C 169 -16.77 -41.15 12.93
CA LEU C 169 -16.74 -41.38 11.49
C LEU C 169 -17.48 -40.28 10.76
N TYR C 170 -16.97 -39.92 9.58
CA TYR C 170 -17.50 -38.83 8.77
C TYR C 170 -18.46 -39.39 7.73
N VAL C 171 -19.73 -38.98 7.80
CA VAL C 171 -20.77 -39.40 6.86
C VAL C 171 -21.14 -38.19 6.02
N ARG C 172 -20.81 -38.27 4.73
CA ARG C 172 -21.09 -37.20 3.78
C ARG C 172 -22.29 -37.60 2.93
N VAL C 173 -23.34 -36.79 2.97
CA VAL C 173 -24.51 -36.97 2.11
C VAL C 173 -24.53 -35.79 1.14
N SER C 174 -24.17 -36.06 -0.12
CA SER C 174 -24.10 -34.98 -1.11
C SER C 174 -25.48 -34.54 -1.57
N GLY C 175 -26.45 -35.45 -1.55
CA GLY C 175 -27.81 -35.15 -1.96
C GLY C 175 -28.71 -36.33 -1.72
N PHE C 176 -30.00 -36.08 -1.52
CA PHE C 176 -30.95 -37.15 -1.21
C PHE C 176 -31.43 -37.70 -2.53
N ASP C 177 -30.68 -38.67 -3.06
CA ASP C 177 -30.74 -39.04 -4.46
C ASP C 177 -31.28 -40.43 -4.70
N LYS C 178 -32.13 -40.95 -3.80
CA LYS C 178 -32.76 -42.27 -3.89
C LYS C 178 -31.96 -43.36 -3.18
N ASN C 179 -30.70 -43.09 -2.84
CA ASN C 179 -29.81 -44.13 -2.32
C ASN C 179 -29.32 -43.87 -0.90
N VAL C 180 -29.84 -42.85 -0.22
CA VAL C 180 -29.14 -42.31 0.93
C VAL C 180 -29.35 -43.17 2.18
N THR C 181 -30.59 -43.55 2.46
CA THR C 181 -30.86 -44.28 3.71
C THR C 181 -30.15 -45.62 3.74
N LYS C 182 -30.13 -46.32 2.61
CA LYS C 182 -29.42 -47.60 2.55
C LYS C 182 -27.92 -47.40 2.68
N SER C 183 -27.37 -46.43 1.94
CA SER C 183 -25.93 -46.22 1.96
C SER C 183 -25.43 -45.75 3.32
N VAL C 184 -26.27 -45.01 4.06
CA VAL C 184 -25.89 -44.62 5.42
C VAL C 184 -25.93 -45.83 6.35
N LEU C 185 -27.03 -46.59 6.31
CA LEU C 185 -27.18 -47.74 7.20
C LEU C 185 -26.09 -48.77 6.97
N GLU C 186 -25.68 -48.97 5.71
CA GLU C 186 -24.62 -49.93 5.42
C GLU C 186 -23.27 -49.45 5.97
N GLY C 187 -22.99 -48.15 5.84
CA GLY C 187 -21.76 -47.61 6.40
C GLY C 187 -21.74 -47.68 7.91
N LEU C 188 -22.89 -47.52 8.56
CA LEU C 188 -22.96 -47.68 10.01
C LEU C 188 -22.86 -49.14 10.40
N LYS C 189 -23.38 -50.05 9.57
CA LYS C 189 -23.21 -51.47 9.82
C LYS C 189 -21.77 -51.90 9.60
N ALA C 190 -21.09 -51.28 8.63
CA ALA C 190 -19.69 -51.61 8.36
C ALA C 190 -18.73 -51.12 9.43
N ASN C 191 -19.17 -50.22 10.32
CA ASN C 191 -18.34 -49.70 11.39
C ASN C 191 -19.09 -49.81 12.72
N PRO C 192 -19.22 -51.03 13.25
CA PRO C 192 -20.01 -51.19 14.49
C PRO C 192 -19.31 -50.64 15.72
N LYS C 193 -18.00 -50.45 15.66
CA LYS C 193 -17.19 -50.04 16.80
C LYS C 193 -17.09 -48.52 16.93
N ALA C 194 -17.97 -47.77 16.28
CA ALA C 194 -17.93 -46.32 16.30
C ALA C 194 -18.66 -45.76 17.52
N LYS C 195 -18.46 -44.47 17.77
CA LYS C 195 -19.07 -43.80 18.92
C LYS C 195 -19.62 -42.43 18.57
N GLY C 196 -19.77 -42.09 17.29
CA GLY C 196 -20.30 -40.81 16.89
C GLY C 196 -20.22 -40.54 15.40
N ILE C 197 -21.14 -39.72 14.89
CA ILE C 197 -21.24 -39.45 13.46
C ILE C 197 -21.14 -37.94 13.26
N VAL C 198 -20.32 -37.55 12.27
CA VAL C 198 -20.33 -36.19 11.74
C VAL C 198 -21.14 -36.26 10.44
N LEU C 199 -22.42 -35.91 10.53
CA LEU C 199 -23.34 -36.00 9.38
C LEU C 199 -23.26 -34.67 8.62
N ASP C 200 -22.57 -34.69 7.49
CA ASP C 200 -22.27 -33.48 6.74
C ASP C 200 -23.32 -33.29 5.65
N LEU C 201 -24.20 -32.30 5.84
CA LEU C 201 -25.19 -31.93 4.84
C LEU C 201 -24.92 -30.55 4.26
N ARG C 202 -23.67 -30.11 4.28
CA ARG C 202 -23.31 -28.84 3.66
C ARG C 202 -23.41 -28.96 2.15
N GLY C 203 -23.85 -27.87 1.50
CA GLY C 203 -24.00 -27.87 0.07
C GLY C 203 -24.96 -28.92 -0.47
N ASN C 204 -25.87 -29.42 0.37
CA ASN C 204 -26.79 -30.47 -0.03
C ASN C 204 -28.14 -29.80 -0.31
N PRO C 205 -28.52 -29.60 -1.57
CA PRO C 205 -29.75 -28.85 -1.86
C PRO C 205 -31.03 -29.63 -1.65
N GLY C 206 -30.94 -30.86 -1.15
CA GLY C 206 -32.12 -31.64 -0.82
C GLY C 206 -32.39 -32.78 -1.77
N GLY C 207 -33.65 -33.06 -2.01
CA GLY C 207 -34.03 -34.17 -2.85
C GLY C 207 -35.33 -34.81 -2.36
N LEU C 208 -35.36 -36.14 -2.43
CA LEU C 208 -36.58 -36.88 -2.17
C LEU C 208 -36.93 -36.86 -0.68
N LEU C 209 -38.20 -36.61 -0.38
CA LEU C 209 -38.65 -36.61 1.01
C LEU C 209 -38.53 -37.99 1.64
N ASN C 210 -38.66 -39.06 0.82
CA ASN C 210 -38.58 -40.41 1.36
C ASN C 210 -37.22 -40.67 2.00
N GLN C 211 -36.18 -40.00 1.51
CA GLN C 211 -34.86 -40.18 2.10
C GLN C 211 -34.65 -39.30 3.32
N ALA C 212 -35.30 -38.14 3.38
CA ALA C 212 -35.25 -37.31 4.58
C ALA C 212 -35.96 -38.00 5.73
N VAL C 213 -37.16 -38.51 5.49
CA VAL C 213 -37.87 -39.28 6.51
C VAL C 213 -37.15 -40.60 6.79
N GLY C 214 -36.64 -41.24 5.74
CA GLY C 214 -35.94 -42.50 5.92
C GLY C 214 -34.66 -42.37 6.72
N LEU C 215 -33.85 -41.36 6.42
CA LEU C 215 -32.61 -41.16 7.15
C LEU C 215 -32.88 -40.77 8.60
N SER C 216 -33.92 -39.98 8.83
CA SER C 216 -34.27 -39.60 10.21
C SER C 216 -34.72 -40.81 11.02
N ASN C 217 -35.40 -41.78 10.39
CA ASN C 217 -35.88 -42.95 11.10
C ASN C 217 -34.75 -43.83 11.63
N LEU C 218 -33.54 -43.72 11.07
CA LEU C 218 -32.41 -44.45 11.63
C LEU C 218 -32.00 -43.93 13.00
N PHE C 219 -32.35 -42.68 13.34
CA PHE C 219 -31.89 -42.07 14.58
C PHE C 219 -32.97 -41.69 15.56
N ILE C 220 -34.23 -41.51 15.11
CA ILE C 220 -35.31 -41.06 15.97
C ILE C 220 -36.27 -42.21 16.21
N LYS C 221 -36.53 -42.50 17.48
CA LYS C 221 -37.37 -43.64 17.85
C LYS C 221 -38.85 -43.30 17.86
N GLU C 222 -39.21 -42.11 18.32
CA GLU C 222 -40.60 -41.73 18.50
C GLU C 222 -40.82 -40.29 18.06
N GLY C 223 -42.05 -39.99 17.68
CA GLY C 223 -42.49 -38.63 17.45
C GLY C 223 -42.60 -38.27 15.98
N VAL C 224 -43.21 -37.11 15.74
CA VAL C 224 -43.35 -36.59 14.39
C VAL C 224 -42.00 -36.15 13.85
N LEU C 225 -41.72 -36.48 12.59
CA LEU C 225 -40.48 -36.08 11.95
C LEU C 225 -40.64 -34.78 11.19
N VAL C 226 -41.74 -34.64 10.44
CA VAL C 226 -42.05 -33.41 9.73
C VAL C 226 -43.53 -33.41 9.43
N SER C 227 -44.11 -32.22 9.29
CA SER C 227 -45.53 -32.07 9.00
C SER C 227 -45.71 -31.26 7.72
N GLN C 228 -46.76 -31.60 6.98
CA GLN C 228 -47.16 -30.88 5.78
C GLN C 228 -48.53 -30.27 6.05
N LYS C 229 -48.62 -28.95 5.91
CA LYS C 229 -49.82 -28.23 6.33
C LYS C 229 -50.05 -27.05 5.41
N GLY C 230 -51.28 -26.90 4.92
CA GLY C 230 -51.65 -25.76 4.09
C GLY C 230 -52.90 -25.07 4.59
N LYS C 231 -53.62 -24.48 3.63
CA LYS C 231 -54.87 -23.78 3.91
C LYS C 231 -55.94 -24.72 4.43
N ASN C 232 -56.04 -25.91 3.85
CA ASN C 232 -57.08 -26.88 4.19
C ASN C 232 -56.65 -27.67 5.41
N LYS C 233 -57.46 -27.63 6.47
CA LYS C 233 -57.11 -28.32 7.71
C LYS C 233 -57.23 -29.83 7.57
N GLU C 234 -58.06 -30.31 6.63
CA GLU C 234 -57.98 -31.69 6.21
C GLU C 234 -56.88 -31.83 5.16
N GLU C 235 -56.42 -33.08 4.97
CA GLU C 235 -55.34 -33.47 4.07
C GLU C 235 -53.98 -33.01 4.56
N SER C 236 -53.90 -32.29 5.67
CA SER C 236 -52.63 -32.00 6.31
C SER C 236 -52.01 -33.30 6.83
N LEU C 237 -50.78 -33.57 6.42
CA LEU C 237 -50.11 -34.82 6.74
C LEU C 237 -48.91 -34.57 7.63
N GLU C 238 -48.69 -35.46 8.59
CA GLU C 238 -47.51 -35.44 9.45
C GLU C 238 -46.87 -36.83 9.41
N TYR C 239 -45.55 -36.85 9.19
CA TYR C 239 -44.79 -38.08 9.01
C TYR C 239 -44.17 -38.48 10.34
N LYS C 240 -44.74 -39.49 10.99
CA LYS C 240 -44.26 -39.95 12.28
C LYS C 240 -43.20 -41.04 12.12
N ALA C 241 -42.27 -41.06 13.06
CA ALA C 241 -41.18 -42.03 13.05
C ALA C 241 -41.65 -43.42 13.44
N ASN C 242 -41.02 -44.43 12.84
CA ASN C 242 -41.27 -45.81 13.21
C ASN C 242 -40.51 -46.16 14.49
N GLY C 243 -40.99 -47.18 15.18
CA GLY C 243 -40.25 -47.70 16.31
C GLY C 243 -38.99 -48.45 15.94
N ARG C 244 -38.72 -48.56 14.64
CA ARG C 244 -37.64 -49.37 14.09
C ARG C 244 -36.32 -48.61 14.00
N ALA C 245 -36.08 -47.69 14.92
CA ALA C 245 -34.88 -46.89 14.90
C ALA C 245 -33.74 -47.65 15.56
N PRO C 246 -32.66 -47.95 14.85
CA PRO C 246 -31.52 -48.60 15.53
C PRO C 246 -30.77 -47.58 16.36
N TYR C 247 -29.71 -47.04 15.76
CA TYR C 247 -28.83 -46.04 16.33
C TYR C 247 -29.58 -44.92 17.05
N THR C 248 -30.27 -45.26 18.16
CA THR C 248 -31.09 -44.31 18.89
C THR C 248 -30.30 -43.50 19.91
N ASN C 249 -29.16 -44.02 20.36
CA ASN C 249 -28.36 -43.41 21.42
C ASN C 249 -27.10 -42.74 20.90
N LEU C 250 -26.70 -43.03 19.66
CA LEU C 250 -25.37 -42.65 19.18
C LEU C 250 -25.26 -41.14 19.03
N PRO C 251 -24.13 -40.56 19.43
CA PRO C 251 -23.92 -39.11 19.24
C PRO C 251 -23.90 -38.74 17.77
N ILE C 252 -24.54 -37.62 17.43
CA ILE C 252 -24.58 -37.13 16.07
C ILE C 252 -24.35 -35.63 16.06
N ALA C 253 -23.46 -35.16 15.18
CA ALA C 253 -23.23 -33.74 14.95
C ALA C 253 -23.47 -33.48 13.46
N VAL C 254 -24.36 -32.54 13.17
CA VAL C 254 -24.81 -32.28 11.80
C VAL C 254 -24.22 -30.97 11.32
N LEU C 255 -23.62 -30.99 10.13
CA LEU C 255 -23.09 -29.80 9.50
C LEU C 255 -24.04 -29.34 8.39
N VAL C 256 -24.42 -28.07 8.45
CA VAL C 256 -25.27 -27.45 7.43
C VAL C 256 -24.73 -26.06 7.12
N ASN C 257 -25.07 -25.56 5.95
CA ASN C 257 -24.66 -24.23 5.52
C ASN C 257 -25.71 -23.67 4.57
N GLY C 258 -25.39 -22.53 3.94
CA GLY C 258 -26.33 -21.87 3.06
C GLY C 258 -26.72 -22.68 1.83
N GLY C 259 -26.03 -23.77 1.55
CA GLY C 259 -26.40 -24.65 0.47
C GLY C 259 -27.31 -25.79 0.85
N SER C 260 -27.56 -25.96 2.15
CA SER C 260 -28.47 -27.00 2.63
C SER C 260 -29.91 -26.54 2.44
N ALA C 261 -30.72 -27.36 1.79
CA ALA C 261 -32.09 -26.98 1.50
C ALA C 261 -32.98 -28.21 1.40
N SER C 262 -34.29 -27.98 1.55
CA SER C 262 -35.34 -28.98 1.30
C SER C 262 -35.14 -30.18 2.20
N ALA C 263 -34.95 -31.39 1.67
CA ALA C 263 -34.80 -32.58 2.51
C ALA C 263 -33.64 -32.44 3.49
N SER C 264 -32.59 -31.73 3.10
CA SER C 264 -31.46 -31.54 4.00
C SER C 264 -31.86 -30.73 5.23
N GLU C 265 -32.82 -29.82 5.08
CA GLU C 265 -33.30 -29.04 6.23
C GLU C 265 -34.34 -29.80 7.03
N ILE C 266 -35.05 -30.74 6.40
CA ILE C 266 -36.03 -31.54 7.11
C ILE C 266 -35.34 -32.47 8.10
N VAL C 267 -34.32 -33.18 7.64
CA VAL C 267 -33.56 -34.07 8.52
C VAL C 267 -32.83 -33.28 9.59
N ALA C 268 -32.23 -32.14 9.21
CA ALA C 268 -31.51 -31.32 10.19
C ALA C 268 -32.47 -30.74 11.21
N GLY C 269 -33.61 -30.22 10.77
CA GLY C 269 -34.56 -29.63 11.69
C GLY C 269 -35.22 -30.65 12.59
N ALA C 270 -35.49 -31.85 12.06
CA ALA C 270 -36.10 -32.90 12.86
C ALA C 270 -35.17 -33.36 13.96
N LEU C 271 -33.90 -33.62 13.63
CA LEU C 271 -32.93 -34.02 14.65
C LEU C 271 -32.73 -32.91 15.68
N GLN C 272 -32.74 -31.65 15.23
CA GLN C 272 -32.56 -30.54 16.16
C GLN C 272 -33.74 -30.41 17.12
N ASP C 273 -34.96 -30.45 16.60
CA ASP C 273 -36.14 -30.23 17.44
C ASP C 273 -36.34 -31.38 18.42
N HIS C 274 -35.92 -32.59 18.07
CA HIS C 274 -36.00 -33.72 18.97
C HIS C 274 -34.82 -33.78 19.94
N LYS C 275 -33.94 -32.78 19.93
CA LYS C 275 -32.72 -32.79 20.74
C LYS C 275 -31.92 -34.07 20.52
N ARG C 276 -31.99 -34.60 19.31
CA ARG C 276 -31.31 -35.83 18.94
C ARG C 276 -29.90 -35.59 18.40
N ALA C 277 -29.62 -34.40 17.86
CA ALA C 277 -28.30 -34.09 17.32
C ALA C 277 -28.02 -32.61 17.54
N VAL C 278 -26.75 -32.24 17.33
CA VAL C 278 -26.32 -30.85 17.39
C VAL C 278 -26.08 -30.36 15.97
N ILE C 279 -26.68 -29.23 15.62
CA ILE C 279 -26.58 -28.65 14.30
C ILE C 279 -25.48 -27.61 14.30
N ILE C 280 -24.52 -27.77 13.39
CA ILE C 280 -23.32 -26.93 13.34
C ILE C 280 -23.15 -26.35 11.95
N GLY C 281 -22.76 -25.07 11.89
CA GLY C 281 -22.46 -24.43 10.64
C GLY C 281 -23.02 -23.02 10.52
N GLU C 282 -23.91 -22.81 9.57
CA GLU C 282 -24.50 -21.49 9.35
C GLU C 282 -25.92 -21.67 8.81
N LYS C 283 -26.70 -20.60 8.89
CA LYS C 283 -28.12 -20.67 8.58
C LYS C 283 -28.36 -21.13 7.15
N THR C 284 -29.34 -22.03 7.00
CA THR C 284 -29.59 -22.73 5.75
C THR C 284 -30.37 -21.87 4.77
N PHE C 285 -30.60 -22.43 3.58
CA PHE C 285 -31.21 -21.69 2.48
C PHE C 285 -32.68 -21.37 2.75
N GLY C 286 -33.44 -22.34 3.25
CA GLY C 286 -34.86 -22.14 3.45
C GLY C 286 -35.72 -22.45 2.24
N LYS C 287 -35.75 -23.71 1.82
CA LYS C 287 -36.71 -24.21 0.83
C LYS C 287 -37.57 -25.25 1.52
N GLY C 288 -38.83 -24.92 1.79
CA GLY C 288 -39.67 -25.80 2.58
C GLY C 288 -41.13 -25.86 2.17
N SER C 289 -41.39 -26.03 0.88
CA SER C 289 -42.75 -26.05 0.36
C SER C 289 -42.90 -27.24 -0.59
N VAL C 290 -44.15 -27.70 -0.73
CA VAL C 290 -44.49 -28.81 -1.61
C VAL C 290 -45.48 -28.31 -2.67
N GLN C 291 -45.11 -28.42 -3.93
CA GLN C 291 -45.99 -28.07 -5.04
C GLN C 291 -46.73 -29.30 -5.54
N MET C 292 -47.90 -29.07 -6.12
CA MET C 292 -48.77 -30.13 -6.60
C MET C 292 -49.37 -29.75 -7.94
N LEU C 293 -49.61 -30.76 -8.76
CA LEU C 293 -50.24 -30.58 -10.07
C LEU C 293 -51.74 -30.77 -9.95
N LEU C 294 -52.49 -29.77 -10.43
CA LEU C 294 -53.95 -29.81 -10.36
C LEU C 294 -54.53 -29.75 -11.76
N PRO C 295 -55.24 -30.78 -12.22
CA PRO C 295 -55.94 -30.68 -13.51
C PRO C 295 -57.09 -29.71 -13.37
N VAL C 296 -57.13 -28.69 -14.22
CA VAL C 296 -58.06 -27.58 -14.09
C VAL C 296 -59.10 -27.57 -15.22
N ASN C 297 -58.67 -27.64 -16.48
CA ASN C 297 -59.59 -27.60 -17.59
C ASN C 297 -59.56 -28.94 -18.32
N LYS C 298 -60.05 -28.96 -19.55
CA LYS C 298 -60.05 -30.16 -20.36
C LYS C 298 -58.61 -30.49 -20.74
N ASP C 299 -58.00 -31.40 -19.97
CA ASP C 299 -56.61 -31.83 -20.17
C ASP C 299 -55.60 -30.69 -20.01
N GLU C 300 -55.93 -29.72 -19.17
CA GLU C 300 -54.98 -28.70 -18.74
C GLU C 300 -54.71 -28.87 -17.25
N ALA C 301 -53.55 -28.39 -16.81
CA ALA C 301 -53.18 -28.46 -15.41
C ALA C 301 -52.41 -27.21 -15.00
N ILE C 302 -52.47 -26.90 -13.71
CA ILE C 302 -51.71 -25.84 -13.11
C ILE C 302 -50.88 -26.43 -11.97
N LYS C 303 -49.65 -25.96 -11.82
CA LYS C 303 -48.77 -26.37 -10.74
C LYS C 303 -48.67 -25.20 -9.76
N ILE C 304 -49.12 -25.43 -8.51
CA ILE C 304 -49.08 -24.41 -7.48
C ILE C 304 -48.68 -25.05 -6.16
N THR C 305 -48.07 -24.25 -5.29
CA THR C 305 -47.76 -24.70 -3.94
C THR C 305 -49.06 -24.96 -3.18
N THR C 306 -49.21 -26.19 -2.67
CA THR C 306 -50.41 -26.57 -1.95
C THR C 306 -50.20 -26.68 -0.44
N ALA C 307 -48.96 -26.83 0.01
CA ALA C 307 -48.65 -26.89 1.43
C ALA C 307 -47.18 -26.57 1.61
N ARG C 308 -46.81 -26.31 2.87
CA ARG C 308 -45.43 -26.05 3.24
C ARG C 308 -45.07 -26.95 4.43
N TYR C 309 -43.77 -27.14 4.62
CA TYR C 309 -43.25 -28.05 5.64
C TYR C 309 -43.11 -27.36 6.98
N TYR C 310 -43.56 -28.04 8.03
CA TYR C 310 -43.48 -27.55 9.40
C TYR C 310 -42.71 -28.56 10.24
N LEU C 311 -41.79 -28.05 11.05
CA LEU C 311 -40.93 -28.90 11.86
C LEU C 311 -41.71 -29.50 13.04
N PRO C 312 -41.12 -30.47 13.74
CA PRO C 312 -41.79 -31.00 14.94
C PRO C 312 -42.10 -29.94 15.99
N SER C 313 -41.28 -28.88 16.05
CA SER C 313 -41.55 -27.76 16.95
C SER C 313 -42.63 -26.83 16.42
N GLY C 314 -43.21 -27.14 15.26
CA GLY C 314 -44.17 -26.26 14.63
C GLY C 314 -43.55 -25.15 13.80
N ARG C 315 -42.24 -24.96 13.86
CA ARG C 315 -41.57 -23.92 13.10
C ARG C 315 -41.62 -24.23 11.61
N THR C 316 -41.65 -23.18 10.81
CA THR C 316 -41.70 -23.33 9.36
C THR C 316 -40.28 -23.31 8.78
N ILE C 317 -40.12 -23.95 7.63
CA ILE C 317 -38.83 -24.05 6.96
C ILE C 317 -38.68 -22.97 5.88
N GLN C 318 -39.81 -22.52 5.32
CA GLN C 318 -39.80 -21.77 4.07
C GLN C 318 -38.86 -20.56 4.10
N ALA C 319 -39.35 -19.41 4.58
CA ALA C 319 -38.52 -18.21 4.49
C ALA C 319 -37.43 -18.15 5.55
N LYS C 320 -37.44 -19.02 6.56
CA LYS C 320 -36.54 -18.90 7.69
C LYS C 320 -35.36 -19.87 7.65
N GLY C 321 -35.62 -21.15 7.40
CA GLY C 321 -34.56 -22.14 7.44
C GLY C 321 -34.13 -22.52 8.84
N ILE C 322 -33.09 -23.36 8.90
CA ILE C 322 -32.58 -23.89 10.16
C ILE C 322 -31.49 -22.98 10.70
N THR C 323 -31.68 -22.52 11.94
CA THR C 323 -30.63 -21.80 12.64
C THR C 323 -29.80 -22.78 13.45
N PRO C 324 -28.49 -22.90 13.19
CA PRO C 324 -27.70 -23.94 13.87
C PRO C 324 -27.49 -23.62 15.34
N ASP C 325 -27.29 -24.69 16.13
CA ASP C 325 -27.01 -24.54 17.54
C ASP C 325 -25.63 -23.91 17.77
N ILE C 326 -24.71 -24.12 16.83
CA ILE C 326 -23.35 -23.61 16.91
C ILE C 326 -23.02 -22.98 15.57
N VAL C 327 -22.90 -21.66 15.54
CA VAL C 327 -22.63 -20.93 14.31
C VAL C 327 -21.11 -20.83 14.15
N ILE C 328 -20.61 -21.30 13.00
CA ILE C 328 -19.18 -21.25 12.72
C ILE C 328 -18.96 -21.09 11.22
N TYR C 329 -18.56 -19.89 10.81
CA TYR C 329 -18.28 -19.63 9.41
C TYR C 329 -16.97 -20.29 8.98
N PRO C 330 -16.83 -20.62 7.71
CA PRO C 330 -15.68 -21.41 7.27
C PRO C 330 -14.35 -20.68 7.43
N GLY C 331 -13.30 -21.48 7.47
CA GLY C 331 -11.95 -20.98 7.64
C GLY C 331 -11.03 -22.09 8.09
N LYS C 332 -9.74 -21.78 8.08
CA LYS C 332 -8.72 -22.71 8.55
C LYS C 332 -8.51 -22.57 10.04
N VAL C 333 -8.11 -23.66 10.67
CA VAL C 333 -7.87 -23.64 12.13
C VAL C 333 -6.76 -22.63 12.39
N PRO C 334 -6.83 -21.86 13.51
CA PRO C 334 -5.92 -20.72 13.67
C PRO C 334 -4.43 -21.08 13.63
N GLU C 335 -3.88 -21.54 14.74
CA GLU C 335 -2.45 -21.80 14.83
C GLU C 335 -2.15 -23.29 14.95
N ASN C 336 -1.00 -23.67 14.41
CA ASN C 336 -0.38 -24.95 14.72
C ASN C 336 0.74 -24.74 15.72
N GLU C 337 0.33 -24.22 16.90
CA GLU C 337 1.20 -23.56 17.87
C GLU C 337 1.78 -22.29 17.27
N ASN C 338 2.47 -21.49 18.08
CA ASN C 338 3.12 -20.28 17.60
C ASN C 338 4.04 -19.71 18.67
N LYS C 339 4.58 -20.58 19.54
CA LYS C 339 5.36 -20.14 20.67
C LYS C 339 6.56 -21.04 20.88
N PHE C 340 7.70 -20.43 21.17
CA PHE C 340 8.83 -21.11 21.82
C PHE C 340 8.69 -21.02 23.34
N SER C 341 7.48 -21.26 23.82
CA SER C 341 7.12 -20.97 25.21
C SER C 341 7.91 -21.86 26.16
N LEU C 342 7.85 -21.49 27.43
CA LEU C 342 8.60 -22.16 28.49
C LEU C 342 7.70 -23.13 29.23
N LYS C 343 8.25 -24.31 29.56
CA LYS C 343 7.54 -25.35 30.28
C LYS C 343 8.46 -25.92 31.35
N GLU C 344 7.93 -26.82 32.17
CA GLU C 344 8.79 -27.54 33.09
C GLU C 344 9.68 -28.54 32.37
N ALA C 345 9.19 -29.12 31.27
CA ALA C 345 9.97 -30.11 30.53
C ALA C 345 11.32 -29.56 30.09
N ASP C 346 11.40 -28.26 29.83
CA ASP C 346 12.66 -27.62 29.49
C ASP C 346 13.05 -26.58 30.52
N LEU C 347 13.15 -27.01 31.79
CA LEU C 347 13.40 -26.11 32.90
C LEU C 347 14.55 -26.63 33.75
N LYS C 348 15.22 -25.69 34.42
CA LYS C 348 16.39 -25.98 35.24
C LYS C 348 16.06 -27.01 36.34
N HIS C 349 16.82 -28.11 36.36
CA HIS C 349 16.75 -29.10 37.44
C HIS C 349 15.34 -29.58 37.70
N HIS C 350 14.51 -29.65 36.66
CA HIS C 350 13.12 -30.06 36.85
C HIS C 350 13.04 -31.53 37.24
N LEU C 351 12.03 -31.87 38.05
CA LEU C 351 11.76 -33.26 38.35
C LEU C 351 11.33 -33.98 37.07
N GLU C 352 12.00 -35.10 36.77
CA GLU C 352 11.75 -35.81 35.53
C GLU C 352 10.46 -36.63 35.62
N GLN C 353 10.06 -37.18 34.48
CA GLN C 353 8.81 -37.91 34.40
C GLN C 353 8.90 -39.25 35.10
N GLU C 354 7.91 -39.56 35.94
CA GLU C 354 7.83 -40.87 36.58
C GLU C 354 7.57 -41.96 35.54
N LYS C 378 -9.52 -45.35 3.26
CA LYS C 378 -9.82 -43.93 3.22
C LYS C 378 -10.13 -43.42 4.63
N GLU C 379 -9.50 -42.32 5.02
CA GLU C 379 -9.74 -41.71 6.33
C GLU C 379 -9.70 -40.19 6.20
N VAL C 380 -10.19 -39.54 7.25
CA VAL C 380 -10.14 -38.09 7.38
C VAL C 380 -8.90 -37.75 8.22
N THR C 381 -7.90 -37.16 7.58
CA THR C 381 -6.65 -36.87 8.24
C THR C 381 -6.73 -35.55 9.01
N PRO C 382 -5.82 -35.34 9.97
CA PRO C 382 -5.80 -34.04 10.68
C PRO C 382 -5.50 -32.86 9.77
N LYS C 383 -4.85 -33.08 8.63
CA LYS C 383 -4.63 -31.98 7.69
C LYS C 383 -5.93 -31.56 7.03
N MET C 384 -6.88 -32.49 6.88
CA MET C 384 -8.18 -32.14 6.33
C MET C 384 -9.00 -31.36 7.35
N ILE C 385 -8.91 -31.74 8.62
CA ILE C 385 -9.67 -31.06 9.66
C ILE C 385 -9.11 -29.66 9.91
N ASN C 386 -7.80 -29.49 9.77
CA ASN C 386 -7.17 -28.19 10.01
C ASN C 386 -7.47 -27.17 8.91
N ASP C 387 -8.15 -27.58 7.84
CA ASP C 387 -8.61 -26.66 6.82
C ASP C 387 -10.10 -26.35 6.95
N ASP C 388 -10.74 -26.83 8.01
CA ASP C 388 -12.20 -26.74 8.13
C ASP C 388 -12.56 -26.67 9.62
N ILE C 389 -12.67 -25.44 10.14
CA ILE C 389 -13.11 -25.26 11.52
C ILE C 389 -14.53 -25.79 11.71
N GLN C 390 -15.32 -25.80 10.63
CA GLN C 390 -16.66 -26.38 10.72
C GLN C 390 -16.57 -27.88 11.01
N LEU C 391 -15.65 -28.58 10.35
CA LEU C 391 -15.45 -29.99 10.64
C LEU C 391 -14.85 -30.19 12.03
N LYS C 392 -13.88 -29.35 12.40
CA LYS C 392 -13.30 -29.44 13.74
C LYS C 392 -14.35 -29.20 14.82
N THR C 393 -15.24 -28.23 14.61
CA THR C 393 -16.30 -27.98 15.58
C THR C 393 -17.21 -29.19 15.72
N ALA C 394 -17.44 -29.92 14.63
CA ALA C 394 -18.28 -31.11 14.71
C ALA C 394 -17.60 -32.20 15.52
N ILE C 395 -16.30 -32.41 15.31
CA ILE C 395 -15.59 -33.42 16.08
C ILE C 395 -15.49 -33.00 17.55
N ASP C 396 -15.20 -31.71 17.79
CA ASP C 396 -15.13 -31.23 19.16
C ASP C 396 -16.48 -31.30 19.85
N SER C 397 -17.56 -31.20 19.08
CA SER C 397 -18.90 -31.35 19.65
C SER C 397 -19.17 -32.80 20.02
N LEU C 398 -18.58 -33.75 19.28
CA LEU C 398 -18.70 -35.15 19.64
C LEU C 398 -17.83 -35.49 20.84
N LYS C 399 -16.67 -34.85 20.97
CA LYS C 399 -15.83 -35.08 22.14
C LYS C 399 -16.55 -34.69 23.43
N THR C 400 -17.29 -33.59 23.40
CA THR C 400 -18.11 -33.21 24.55
C THR C 400 -19.26 -34.20 24.73
N TRP C 401 -19.86 -34.66 23.63
CA TRP C 401 -20.88 -35.70 23.71
C TRP C 401 -20.37 -36.91 24.48
N SER C 402 -19.18 -37.40 24.11
CA SER C 402 -18.64 -38.61 24.70
C SER C 402 -18.26 -38.42 26.16
N ILE C 403 -17.88 -37.21 26.57
CA ILE C 403 -17.52 -36.97 27.96
C ILE C 403 -18.76 -36.99 28.84
N VAL C 404 -19.86 -36.38 28.38
CA VAL C 404 -21.10 -36.39 29.14
C VAL C 404 -21.63 -37.81 29.27
N ASP C 405 -21.47 -38.61 28.21
CA ASP C 405 -21.94 -40.00 28.25
C ASP C 405 -21.08 -40.85 29.17
N GLU C 406 -19.84 -40.46 29.44
CA GLU C 406 -19.08 -41.14 30.48
C GLU C 406 -19.49 -40.66 31.87
N LYS C 407 -19.79 -39.37 32.01
CA LYS C 407 -20.19 -38.84 33.31
C LYS C 407 -21.53 -39.38 33.77
N MET C 408 -22.50 -39.50 32.84
CA MET C 408 -23.83 -39.93 33.21
C MET C 408 -23.97 -41.45 33.26
N ASP C 409 -23.04 -42.20 32.65
CA ASP C 409 -22.99 -43.64 32.85
C ASP C 409 -22.24 -44.01 34.12
N GLU C 410 -21.48 -43.08 34.69
CA GLU C 410 -20.72 -43.30 35.91
C GLU C 410 -19.81 -44.50 35.82
N HIS D 6 -71.21 -14.18 -18.70
CA HIS D 6 -71.22 -15.15 -19.79
C HIS D 6 -70.14 -16.23 -19.60
N HIS D 7 -70.27 -17.32 -20.36
CA HIS D 7 -69.44 -18.51 -20.15
C HIS D 7 -68.10 -18.45 -20.88
N MET D 8 -67.76 -17.32 -21.48
CA MET D 8 -66.36 -17.12 -21.80
C MET D 8 -65.60 -16.74 -20.53
N PHE D 9 -64.28 -16.67 -20.65
CA PHE D 9 -63.36 -16.58 -19.51
C PHE D 9 -63.51 -17.77 -18.57
N SER D 10 -64.03 -18.89 -19.09
CA SER D 10 -64.27 -20.06 -18.22
C SER D 10 -62.95 -20.70 -17.83
N ARG D 11 -62.00 -20.75 -18.76
CA ARG D 11 -60.71 -21.37 -18.50
C ARG D 11 -59.93 -20.58 -17.44
N PHE D 12 -60.13 -19.27 -17.38
CA PHE D 12 -59.48 -18.46 -16.36
C PHE D 12 -60.18 -18.56 -15.01
N SER D 13 -61.51 -18.57 -15.01
CA SER D 13 -62.25 -18.66 -13.75
C SER D 13 -62.03 -20.01 -13.08
N ASN D 14 -61.81 -21.07 -13.86
CA ASN D 14 -61.56 -22.38 -13.27
C ASN D 14 -60.21 -22.39 -12.54
N VAL D 15 -59.20 -21.74 -13.11
CA VAL D 15 -57.90 -21.65 -12.45
C VAL D 15 -58.02 -20.82 -11.18
N VAL D 16 -58.81 -19.75 -11.22
CA VAL D 16 -59.03 -18.94 -10.02
C VAL D 16 -59.71 -19.75 -8.94
N SER D 17 -60.62 -20.65 -9.33
CA SER D 17 -61.31 -21.48 -8.34
C SER D 17 -60.36 -22.47 -7.69
N GLU D 18 -59.48 -23.09 -8.49
CA GLU D 18 -58.54 -24.06 -7.93
C GLU D 18 -57.55 -23.38 -7.00
N ILE D 19 -57.13 -22.15 -7.34
CA ILE D 19 -56.27 -21.38 -6.45
C ILE D 19 -57.01 -21.05 -5.16
N GLU D 20 -58.28 -20.67 -5.28
CA GLU D 20 -59.07 -20.37 -4.08
C GLU D 20 -59.24 -21.61 -3.20
N LYS D 21 -59.25 -22.79 -3.81
CA LYS D 21 -59.61 -24.01 -3.11
C LYS D 21 -58.41 -24.78 -2.57
N LYS D 22 -57.25 -24.70 -3.26
CA LYS D 22 -56.12 -25.55 -2.91
C LYS D 22 -54.79 -24.82 -2.73
N TYR D 23 -54.75 -23.50 -2.93
CA TYR D 23 -53.50 -22.78 -2.72
C TYR D 23 -53.11 -22.83 -1.25
N VAL D 24 -51.81 -22.67 -0.98
CA VAL D 24 -51.30 -22.85 0.37
C VAL D 24 -51.83 -21.77 1.30
N ASP D 25 -51.90 -20.53 0.84
CA ASP D 25 -52.37 -19.43 1.66
C ASP D 25 -53.81 -19.05 1.30
N LYS D 26 -54.38 -18.11 2.04
CA LYS D 26 -55.79 -17.79 1.89
C LYS D 26 -56.04 -16.95 0.64
N ILE D 27 -55.49 -15.73 0.58
CA ILE D 27 -55.59 -14.72 -0.48
C ILE D 27 -57.02 -14.43 -0.91
N SER D 28 -57.31 -13.17 -1.23
CA SER D 28 -58.63 -12.74 -1.62
C SER D 28 -58.78 -12.68 -3.14
N ILE D 29 -60.03 -12.62 -3.59
CA ILE D 29 -60.30 -12.48 -5.02
C ILE D 29 -59.80 -11.14 -5.54
N SER D 30 -59.88 -10.09 -4.71
CA SER D 30 -59.33 -8.81 -5.12
C SER D 30 -57.82 -8.87 -5.26
N GLU D 31 -57.17 -9.67 -4.40
CA GLU D 31 -55.73 -9.89 -4.55
C GLU D 31 -55.45 -10.78 -5.76
N ILE D 32 -56.29 -11.79 -5.99
CA ILE D 32 -56.12 -12.68 -7.14
C ILE D 32 -56.27 -11.91 -8.45
N MET D 33 -57.31 -11.09 -8.55
CA MET D 33 -57.61 -10.45 -9.82
C MET D 33 -56.58 -9.37 -10.18
N THR D 34 -56.10 -8.63 -9.18
CA THR D 34 -55.04 -7.67 -9.45
C THR D 34 -53.76 -8.38 -9.88
N LYS D 35 -53.45 -9.53 -9.29
CA LYS D 35 -52.30 -10.31 -9.73
C LYS D 35 -52.48 -10.79 -11.17
N ALA D 36 -53.71 -11.17 -11.54
CA ALA D 36 -53.96 -11.63 -12.89
C ALA D 36 -53.94 -10.48 -13.89
N ILE D 37 -54.47 -9.32 -13.49
CA ILE D 37 -54.44 -8.15 -14.37
C ILE D 37 -53.01 -7.65 -14.52
N GLU D 38 -52.28 -7.53 -13.41
CA GLU D 38 -50.86 -7.21 -13.50
C GLU D 38 -50.09 -8.27 -14.26
N GLY D 39 -50.52 -9.53 -14.14
CA GLY D 39 -49.83 -10.62 -14.82
C GLY D 39 -50.09 -10.61 -16.32
N LEU D 40 -51.36 -10.44 -16.71
CA LEU D 40 -51.72 -10.50 -18.12
C LEU D 40 -51.07 -9.39 -18.93
N LEU D 41 -51.07 -8.16 -18.40
CA LEU D 41 -50.46 -7.05 -19.11
C LEU D 41 -48.94 -7.25 -19.25
N SER D 42 -48.29 -7.74 -18.20
CA SER D 42 -46.86 -8.01 -18.27
C SER D 42 -46.52 -9.19 -19.17
N ASN D 43 -47.51 -10.01 -19.54
CA ASN D 43 -47.28 -11.18 -20.36
C ASN D 43 -47.72 -10.99 -21.81
N LEU D 44 -48.20 -9.81 -22.17
CA LEU D 44 -48.56 -9.50 -23.54
C LEU D 44 -47.38 -8.97 -24.34
N ASP D 45 -46.52 -8.19 -23.70
CA ASP D 45 -45.48 -7.44 -24.37
C ASP D 45 -44.38 -7.16 -23.36
N ALA D 46 -43.27 -6.63 -23.86
CA ALA D 46 -42.17 -6.25 -22.98
C ALA D 46 -42.43 -4.92 -22.27
N HIS D 47 -43.40 -4.15 -22.73
CA HIS D 47 -43.57 -2.78 -22.25
C HIS D 47 -44.99 -2.42 -21.88
N SER D 48 -45.95 -3.33 -21.98
CA SER D 48 -47.30 -3.09 -21.50
C SER D 48 -47.43 -3.53 -20.05
N ALA D 49 -48.15 -2.74 -19.25
CA ALA D 49 -48.23 -3.00 -17.82
C ALA D 49 -49.43 -2.30 -17.22
N TYR D 50 -49.79 -2.71 -16.00
CA TYR D 50 -50.85 -2.08 -15.22
C TYR D 50 -50.21 -1.13 -14.21
N LEU D 51 -50.55 0.15 -14.31
CA LEU D 51 -49.97 1.19 -13.48
C LEU D 51 -50.83 1.39 -12.23
N ASN D 52 -50.27 1.07 -11.06
CA ASN D 52 -50.96 1.30 -9.81
C ASN D 52 -51.10 2.80 -9.55
N GLU D 53 -51.80 3.13 -8.47
CA GLU D 53 -52.03 4.54 -8.14
C GLU D 53 -50.72 5.29 -7.98
N LYS D 54 -49.70 4.63 -7.43
CA LYS D 54 -48.40 5.26 -7.31
C LYS D 54 -47.73 5.42 -8.67
N LYS D 55 -47.71 4.34 -9.46
CA LYS D 55 -46.97 4.34 -10.72
C LYS D 55 -47.67 5.16 -11.81
N PHE D 56 -48.97 5.37 -11.70
CA PHE D 56 -49.64 6.26 -12.65
C PHE D 56 -49.30 7.72 -12.36
N LYS D 57 -49.07 8.06 -11.11
CA LYS D 57 -48.59 9.41 -10.79
C LYS D 57 -47.12 9.58 -11.14
N GLU D 58 -46.32 8.54 -10.98
CA GLU D 58 -44.92 8.60 -11.38
C GLU D 58 -44.78 8.83 -12.88
N PHE D 59 -45.65 8.20 -13.68
CA PHE D 59 -45.65 8.45 -15.11
C PHE D 59 -46.02 9.90 -15.41
N GLN D 60 -46.99 10.44 -14.68
CA GLN D 60 -47.41 11.82 -14.92
C GLN D 60 -46.34 12.81 -14.48
N ALA D 61 -45.56 12.46 -13.45
CA ALA D 61 -44.43 13.30 -13.08
C ALA D 61 -43.38 13.34 -14.19
N GLN D 62 -43.13 12.18 -14.83
CA GLN D 62 -42.17 12.12 -15.92
C GLN D 62 -42.63 12.89 -17.16
N THR D 63 -43.94 13.12 -17.29
CA THR D 63 -44.48 13.85 -18.43
C THR D 63 -44.49 15.36 -18.18
N GLU D 64 -44.87 15.78 -16.97
CA GLU D 64 -44.94 17.20 -16.65
C GLU D 64 -43.59 17.82 -16.37
N GLY D 65 -42.59 17.02 -16.00
CA GLY D 65 -41.31 17.60 -15.61
C GLY D 65 -41.33 18.17 -14.20
N GLU D 66 -42.21 17.65 -13.34
CA GLU D 66 -42.42 18.17 -12.00
C GLU D 66 -42.74 16.99 -11.09
N PHE D 67 -42.34 17.10 -9.82
CA PHE D 67 -42.65 16.03 -8.89
C PHE D 67 -42.74 16.46 -7.43
N GLY D 68 -42.72 17.76 -7.12
CA GLY D 68 -43.00 18.26 -5.79
C GLY D 68 -42.21 17.70 -4.62
N GLY D 69 -41.05 17.10 -4.90
CA GLY D 69 -40.23 16.49 -3.87
C GLY D 69 -39.47 17.45 -2.97
N LEU D 70 -38.31 17.01 -2.51
CA LEU D 70 -37.47 17.75 -1.58
C LEU D 70 -36.50 18.69 -2.30
N GLY D 71 -35.93 18.25 -3.42
CA GLY D 71 -34.97 19.04 -4.17
C GLY D 71 -33.55 18.55 -4.10
N ILE D 72 -33.37 17.26 -3.86
CA ILE D 72 -32.05 16.62 -3.85
C ILE D 72 -32.04 15.46 -4.84
N THR D 73 -30.91 15.26 -5.49
CA THR D 73 -30.59 13.99 -6.15
C THR D 73 -29.90 13.12 -5.11
N VAL D 74 -30.46 11.94 -4.86
CA VAL D 74 -29.98 11.08 -3.78
C VAL D 74 -29.63 9.71 -4.33
N GLY D 75 -28.67 9.06 -3.68
CA GLY D 75 -28.27 7.71 -4.01
C GLY D 75 -27.72 7.01 -2.78
N MET D 76 -27.33 5.76 -2.97
CA MET D 76 -26.72 4.96 -1.91
C MET D 76 -25.21 4.90 -2.08
N ARG D 77 -24.60 6.06 -2.33
CA ARG D 77 -23.16 6.15 -2.49
C ARG D 77 -22.48 6.18 -1.12
N ASP D 78 -21.27 5.62 -1.07
CA ASP D 78 -20.55 5.37 0.18
C ASP D 78 -21.39 4.54 1.16
N GLY D 79 -22.20 3.64 0.61
CA GLY D 79 -22.96 2.68 1.38
C GLY D 79 -24.09 3.23 2.22
N VAL D 80 -24.34 4.55 2.18
CA VAL D 80 -25.41 5.19 2.93
C VAL D 80 -26.08 6.23 2.05
N LEU D 81 -27.28 6.64 2.45
CA LEU D 81 -27.96 7.71 1.74
C LEU D 81 -27.12 8.97 1.82
N THR D 82 -26.75 9.53 0.67
CA THR D 82 -25.90 10.70 0.61
C THR D 82 -26.47 11.68 -0.41
N VAL D 83 -26.41 12.97 -0.08
CA VAL D 83 -26.87 13.98 -1.02
C VAL D 83 -25.86 14.06 -2.17
N ILE D 84 -26.31 13.72 -3.38
CA ILE D 84 -25.46 13.83 -4.54
C ILE D 84 -25.27 15.30 -4.91
N ALA D 85 -26.38 16.01 -5.10
CA ALA D 85 -26.33 17.44 -5.37
C ALA D 85 -27.67 18.06 -5.05
N PRO D 86 -27.71 19.20 -4.37
CA PRO D 86 -28.97 19.94 -4.25
C PRO D 86 -29.24 20.73 -5.53
N LEU D 87 -30.50 20.76 -5.93
CA LEU D 87 -30.87 21.42 -7.17
C LEU D 87 -31.08 22.91 -6.93
N GLU D 88 -30.63 23.73 -7.87
CA GLU D 88 -30.68 25.17 -7.72
C GLU D 88 -32.11 25.66 -7.59
N GLY D 89 -32.35 26.53 -6.62
CA GLY D 89 -33.66 27.11 -6.41
C GLY D 89 -34.64 26.24 -5.65
N THR D 90 -34.24 25.07 -5.21
CA THR D 90 -35.10 24.16 -4.46
C THR D 90 -34.97 24.42 -2.96
N PRO D 91 -35.93 23.94 -2.16
CA PRO D 91 -35.84 24.14 -0.70
C PRO D 91 -34.55 23.63 -0.08
N ALA D 92 -34.05 22.48 -0.52
CA ALA D 92 -32.81 21.95 0.07
C ALA D 92 -31.62 22.85 -0.25
N TYR D 93 -31.59 23.43 -1.44
CA TYR D 93 -30.56 24.40 -1.78
C TYR D 93 -30.74 25.69 -0.99
N LYS D 94 -31.98 26.15 -0.86
CA LYS D 94 -32.25 27.39 -0.12
C LYS D 94 -31.96 27.24 1.38
N ALA D 95 -32.12 26.03 1.93
CA ALA D 95 -31.87 25.82 3.34
C ALA D 95 -30.40 25.58 3.66
N GLY D 96 -29.61 25.14 2.70
CA GLY D 96 -28.20 24.91 2.92
C GLY D 96 -27.79 23.46 3.08
N VAL D 97 -28.59 22.52 2.57
CA VAL D 97 -28.14 21.14 2.50
C VAL D 97 -27.07 21.03 1.41
N LYS D 98 -26.05 20.21 1.66
CA LYS D 98 -24.88 20.20 0.80
C LYS D 98 -24.61 18.78 0.31
N SER D 99 -23.86 18.70 -0.80
CA SER D 99 -23.51 17.41 -1.38
C SER D 99 -22.64 16.60 -0.42
N GLY D 100 -22.77 15.28 -0.51
CA GLY D 100 -22.01 14.39 0.34
C GLY D 100 -22.54 14.24 1.75
N ASP D 101 -23.51 15.06 2.16
CA ASP D 101 -24.13 14.91 3.46
C ASP D 101 -24.83 13.58 3.55
N ASN D 102 -24.61 12.85 4.65
CA ASN D 102 -25.27 11.57 4.88
C ASN D 102 -26.63 11.82 5.50
N ILE D 103 -27.68 11.35 4.84
CA ILE D 103 -29.04 11.47 5.37
C ILE D 103 -29.20 10.41 6.46
N LEU D 104 -29.30 10.85 7.71
CA LEU D 104 -29.33 9.94 8.85
C LEU D 104 -30.76 9.58 9.24
N LYS D 105 -31.63 10.58 9.31
CA LYS D 105 -33.06 10.37 9.49
C LYS D 105 -33.78 11.34 8.57
N ILE D 106 -34.90 10.90 8.01
CA ILE D 106 -35.78 11.83 7.33
C ILE D 106 -36.56 12.50 8.47
N ASN D 107 -37.84 12.17 8.64
CA ASN D 107 -38.62 12.83 9.68
C ASN D 107 -38.04 12.44 11.03
N ASN D 108 -38.53 11.34 11.61
CA ASN D 108 -37.88 10.77 12.79
C ASN D 108 -37.49 9.31 12.54
N GLU D 109 -37.45 8.89 11.27
CA GLU D 109 -37.23 7.50 10.90
C GLU D 109 -35.81 7.32 10.36
N SER D 110 -35.11 6.32 10.89
CA SER D 110 -33.73 6.06 10.45
C SER D 110 -33.72 5.49 9.03
N THR D 111 -32.79 5.99 8.23
CA THR D 111 -32.67 5.65 6.81
C THR D 111 -31.73 4.46 6.55
N LEU D 112 -31.14 3.85 7.57
CA LEU D 112 -30.10 2.85 7.34
C LEU D 112 -30.66 1.60 6.66
N SER D 113 -31.59 0.91 7.33
CA SER D 113 -32.10 -0.35 6.81
C SER D 113 -33.11 -0.18 5.69
N MET D 114 -33.42 1.04 5.28
CA MET D 114 -34.44 1.29 4.27
C MET D 114 -33.83 1.60 2.91
N SER D 115 -34.57 1.25 1.87
CA SER D 115 -34.15 1.38 0.49
C SER D 115 -34.39 2.80 -0.03
N ILE D 116 -33.69 3.13 -1.13
CA ILE D 116 -33.87 4.44 -1.76
C ILE D 116 -35.31 4.59 -2.23
N ASP D 117 -35.97 3.48 -2.56
CA ASP D 117 -37.37 3.53 -2.95
C ASP D 117 -38.25 3.95 -1.78
N ASP D 118 -37.85 3.62 -0.55
CA ASP D 118 -38.55 4.10 0.63
C ASP D 118 -38.24 5.57 0.91
N ALA D 119 -36.98 5.96 0.74
CA ALA D 119 -36.59 7.36 1.00
C ALA D 119 -37.28 8.31 0.04
N ILE D 120 -37.43 7.91 -1.22
CA ILE D 120 -38.19 8.72 -2.17
C ILE D 120 -39.61 8.93 -1.68
N ASN D 121 -40.25 7.88 -1.17
CA ASN D 121 -41.64 8.00 -0.72
C ASN D 121 -41.75 8.87 0.54
N LEU D 122 -40.72 8.87 1.39
CA LEU D 122 -40.76 9.71 2.58
C LEU D 122 -40.46 11.18 2.24
N MET D 123 -39.54 11.40 1.30
CA MET D 123 -39.11 12.76 0.98
C MET D 123 -40.08 13.46 0.02
N ARG D 124 -40.60 12.73 -0.96
CA ARG D 124 -41.54 13.32 -1.90
C ARG D 124 -42.92 13.49 -1.28
N GLY D 125 -43.67 14.44 -1.81
CA GLY D 125 -45.00 14.70 -1.30
C GLY D 125 -45.60 15.93 -1.96
N LYS D 126 -46.76 16.32 -1.46
CA LYS D 126 -47.45 17.48 -1.98
C LYS D 126 -46.67 18.75 -1.63
N PRO D 127 -46.61 19.73 -2.54
CA PRO D 127 -45.89 20.97 -2.22
C PRO D 127 -46.52 21.69 -1.04
N LYS D 128 -45.71 22.50 -0.36
CA LYS D 128 -46.14 23.27 0.80
C LYS D 128 -46.50 22.38 1.99
N THR D 129 -45.89 21.19 2.06
CA THR D 129 -46.01 20.27 3.18
C THR D 129 -44.71 20.25 3.97
N PRO D 130 -44.78 20.24 5.30
CA PRO D 130 -43.54 20.29 6.08
C PRO D 130 -42.80 18.96 6.06
N ILE D 131 -41.48 19.04 6.05
CA ILE D 131 -40.63 17.86 6.14
C ILE D 131 -39.35 18.25 6.88
N GLN D 132 -38.88 17.38 7.75
CA GLN D 132 -37.63 17.56 8.47
C GLN D 132 -36.71 16.41 8.11
N ILE D 133 -35.42 16.71 7.93
CA ILE D 133 -34.40 15.69 7.70
C ILE D 133 -33.23 15.96 8.63
N THR D 134 -32.64 14.88 9.15
CA THR D 134 -31.48 14.97 10.03
C THR D 134 -30.29 14.35 9.30
N ILE D 135 -29.23 15.14 9.10
CA ILE D 135 -28.10 14.74 8.30
C ILE D 135 -26.81 14.98 9.08
N VAL D 136 -25.75 14.29 8.68
CA VAL D 136 -24.43 14.48 9.29
C VAL D 136 -23.40 14.82 8.22
N PRO D 143 -25.00 16.16 14.43
CA PRO D 143 -25.90 16.11 13.27
C PRO D 143 -26.66 17.40 13.07
N LEU D 144 -26.83 17.81 11.82
CA LEU D 144 -27.56 19.02 11.49
C LEU D 144 -28.99 18.66 11.11
N VAL D 145 -29.94 19.49 11.53
CA VAL D 145 -31.37 19.25 11.34
C VAL D 145 -31.94 20.38 10.52
N PHE D 146 -32.58 20.03 9.40
CA PHE D 146 -33.15 21.00 8.46
C PHE D 146 -34.66 20.86 8.43
N ASN D 147 -35.36 21.97 8.66
CA ASN D 147 -36.82 22.04 8.54
C ASN D 147 -37.16 22.81 7.27
N ILE D 148 -37.79 22.13 6.31
CA ILE D 148 -38.07 22.70 5.00
C ILE D 148 -39.47 22.32 4.54
N ILE D 149 -40.08 23.20 3.76
CA ILE D 149 -41.38 22.94 3.14
C ILE D 149 -41.17 22.40 1.73
N ARG D 150 -41.91 21.35 1.39
CA ARG D 150 -41.79 20.74 0.08
C ARG D 150 -42.36 21.67 -0.99
N ASP D 151 -41.81 21.56 -2.21
CA ASP D 151 -42.24 22.43 -3.29
C ASP D 151 -42.12 21.70 -4.62
N ILE D 152 -42.81 22.23 -5.63
CA ILE D 152 -42.77 21.66 -6.97
C ILE D 152 -41.38 21.86 -7.56
N ILE D 153 -40.72 20.75 -7.88
CA ILE D 153 -39.38 20.79 -8.46
C ILE D 153 -39.50 20.74 -9.98
N LYS D 154 -38.82 21.66 -10.66
CA LYS D 154 -38.74 21.62 -12.11
C LYS D 154 -37.52 20.80 -12.52
N LEU D 155 -37.72 19.78 -13.34
CA LEU D 155 -36.61 19.01 -13.87
C LEU D 155 -36.23 19.54 -15.24
N PRO D 156 -35.03 20.06 -15.42
CA PRO D 156 -34.59 20.55 -16.74
C PRO D 156 -34.56 19.46 -17.80
N SER D 157 -35.66 19.31 -18.54
CA SER D 157 -35.71 18.27 -19.58
C SER D 157 -34.66 18.53 -20.65
N VAL D 158 -34.40 19.79 -20.97
CA VAL D 158 -33.39 20.18 -21.96
C VAL D 158 -32.57 21.33 -21.39
N TYR D 159 -31.25 21.26 -21.57
CA TYR D 159 -30.39 22.42 -21.33
C TYR D 159 -29.34 22.50 -22.42
N VAL D 160 -29.00 23.72 -22.83
CA VAL D 160 -28.02 23.96 -23.88
C VAL D 160 -26.96 24.92 -23.34
N LYS D 161 -25.70 24.57 -23.54
CA LYS D 161 -24.59 25.43 -23.13
C LYS D 161 -23.50 25.39 -24.20
N LYS D 162 -22.89 26.56 -24.42
CA LYS D 162 -21.83 26.70 -25.41
C LYS D 162 -20.61 25.87 -25.07
N ILE D 163 -19.92 25.41 -26.11
CA ILE D 163 -18.69 24.63 -25.99
C ILE D 163 -17.52 25.61 -26.02
N LYS D 164 -16.66 25.52 -25.02
CA LYS D 164 -15.61 26.52 -24.84
C LYS D 164 -14.64 26.53 -26.02
N GLU D 165 -14.33 27.75 -26.49
CA GLU D 165 -13.32 28.00 -27.52
C GLU D 165 -13.67 27.37 -28.86
N THR D 166 -14.94 27.06 -29.10
CA THR D 166 -15.42 26.57 -30.38
C THR D 166 -16.75 27.26 -30.69
N PRO D 167 -17.11 27.39 -31.96
CA PRO D 167 -18.41 27.99 -32.31
C PRO D 167 -19.61 27.09 -32.09
N TYR D 168 -19.42 25.89 -31.54
CA TYR D 168 -20.48 24.90 -31.49
C TYR D 168 -21.23 24.95 -30.16
N LEU D 169 -22.40 24.33 -30.15
CA LEU D 169 -23.32 24.36 -29.02
C LEU D 169 -23.67 22.94 -28.60
N TYR D 170 -23.70 22.70 -27.29
CA TYR D 170 -24.04 21.40 -26.72
C TYR D 170 -25.49 21.40 -26.25
N VAL D 171 -26.32 20.56 -26.84
CA VAL D 171 -27.74 20.46 -26.52
C VAL D 171 -28.00 19.13 -25.85
N ARG D 172 -28.34 19.16 -24.56
CA ARG D 172 -28.63 17.95 -23.79
C ARG D 172 -30.13 17.79 -23.61
N VAL D 173 -30.68 16.69 -24.13
CA VAL D 173 -32.08 16.32 -23.91
C VAL D 173 -32.08 15.06 -23.05
N SER D 174 -32.42 15.21 -21.77
CA SER D 174 -32.37 14.09 -20.84
C SER D 174 -33.58 13.17 -20.99
N GLY D 175 -34.70 13.70 -21.47
CA GLY D 175 -35.90 12.90 -21.63
C GLY D 175 -36.96 13.72 -22.32
N PHE D 176 -37.90 13.02 -22.95
CA PHE D 176 -38.90 13.68 -23.78
C PHE D 176 -40.11 14.04 -22.92
N ASP D 177 -39.98 15.19 -22.25
CA ASP D 177 -41.06 15.80 -21.49
C ASP D 177 -41.80 16.82 -22.35
N LYS D 178 -42.88 17.36 -21.79
CA LYS D 178 -43.77 18.27 -22.50
C LYS D 178 -43.09 19.58 -22.89
N ASN D 179 -41.83 19.76 -22.49
CA ASN D 179 -41.10 21.01 -22.72
C ASN D 179 -39.95 20.86 -23.71
N VAL D 180 -39.77 19.70 -24.33
CA VAL D 180 -38.53 19.42 -25.07
C VAL D 180 -38.40 20.34 -26.28
N THR D 181 -39.40 20.32 -27.16
CA THR D 181 -39.27 21.06 -28.42
C THR D 181 -39.15 22.56 -28.19
N LYS D 182 -39.90 23.09 -27.21
CA LYS D 182 -39.80 24.52 -26.91
C LYS D 182 -38.47 24.86 -26.26
N SER D 183 -38.00 24.02 -25.32
CA SER D 183 -36.74 24.32 -24.64
C SER D 183 -35.56 24.26 -25.60
N VAL D 184 -35.62 23.38 -26.61
CA VAL D 184 -34.57 23.34 -27.63
C VAL D 184 -34.67 24.57 -28.53
N LEU D 185 -35.88 24.87 -29.00
CA LEU D 185 -36.05 25.99 -29.92
C LEU D 185 -35.66 27.33 -29.28
N GLU D 186 -36.01 27.51 -27.99
CA GLU D 186 -35.60 28.72 -27.31
C GLU D 186 -34.10 28.73 -27.03
N GLY D 187 -33.51 27.57 -26.79
CA GLY D 187 -32.07 27.48 -26.60
C GLY D 187 -31.30 27.75 -27.88
N LEU D 188 -31.85 27.36 -29.03
CA LEU D 188 -31.21 27.66 -30.30
C LEU D 188 -31.35 29.13 -30.67
N LYS D 189 -32.48 29.74 -30.29
CA LYS D 189 -32.65 31.17 -30.50
C LYS D 189 -31.73 31.99 -29.61
N ALA D 190 -31.45 31.50 -28.40
CA ALA D 190 -30.57 32.20 -27.47
C ALA D 190 -29.11 32.18 -27.90
N ASN D 191 -28.74 31.36 -28.89
CA ASN D 191 -27.37 31.28 -29.40
C ASN D 191 -27.44 31.45 -30.92
N PRO D 192 -27.66 32.66 -31.40
CA PRO D 192 -27.92 32.86 -32.84
C PRO D 192 -26.71 32.67 -33.73
N LYS D 193 -25.50 32.66 -33.19
CA LYS D 193 -24.28 32.58 -33.99
C LYS D 193 -23.56 31.25 -33.82
N ALA D 194 -24.29 30.20 -33.47
CA ALA D 194 -23.70 28.87 -33.32
C ALA D 194 -23.61 28.19 -34.68
N LYS D 195 -22.46 27.57 -34.93
CA LYS D 195 -22.20 26.91 -36.22
C LYS D 195 -22.53 25.42 -36.22
N GLY D 196 -23.07 24.90 -35.12
CA GLY D 196 -23.40 23.48 -35.05
C GLY D 196 -23.81 23.06 -33.65
N ILE D 197 -24.62 22.02 -33.54
CA ILE D 197 -25.12 21.53 -32.25
C ILE D 197 -24.72 20.08 -32.07
N VAL D 198 -24.36 19.73 -30.84
CA VAL D 198 -24.19 18.33 -30.42
C VAL D 198 -25.45 17.95 -29.65
N LEU D 199 -26.32 17.19 -30.30
CA LEU D 199 -27.58 16.74 -29.70
C LEU D 199 -27.30 15.47 -28.92
N ASP D 200 -27.24 15.58 -27.60
CA ASP D 200 -26.88 14.46 -26.73
C ASP D 200 -28.15 13.77 -26.26
N LEU D 201 -28.43 12.59 -26.82
CA LEU D 201 -29.58 11.78 -26.41
C LEU D 201 -29.15 10.51 -25.68
N ARG D 202 -27.93 10.47 -25.16
CA ARG D 202 -27.45 9.28 -24.47
C ARG D 202 -28.24 9.03 -23.19
N GLY D 203 -28.46 7.75 -22.89
CA GLY D 203 -29.18 7.37 -21.69
C GLY D 203 -30.57 7.94 -21.57
N ASN D 204 -31.17 8.34 -22.69
CA ASN D 204 -32.47 8.98 -22.69
C ASN D 204 -33.52 7.89 -22.94
N PRO D 205 -34.33 7.53 -21.95
CA PRO D 205 -35.24 6.39 -22.14
C PRO D 205 -36.42 6.66 -23.05
N GLY D 206 -36.52 7.85 -23.63
CA GLY D 206 -37.62 8.15 -24.54
C GLY D 206 -38.63 9.10 -23.94
N GLY D 207 -39.91 8.88 -24.26
CA GLY D 207 -40.96 9.73 -23.74
C GLY D 207 -42.11 9.97 -24.69
N LEU D 208 -42.60 11.21 -24.72
CA LEU D 208 -43.77 11.54 -25.51
C LEU D 208 -43.45 11.50 -27.01
N LEU D 209 -44.27 10.78 -27.77
CA LEU D 209 -44.11 10.74 -29.22
C LEU D 209 -44.29 12.12 -29.84
N ASN D 210 -45.19 12.93 -29.27
CA ASN D 210 -45.45 14.26 -29.82
C ASN D 210 -44.21 15.14 -29.79
N GLN D 211 -43.31 14.91 -28.84
CA GLN D 211 -42.09 15.69 -28.75
C GLN D 211 -40.97 15.13 -29.64
N ALA D 212 -40.95 13.82 -29.88
CA ALA D 212 -40.00 13.26 -30.83
C ALA D 212 -40.29 13.76 -32.25
N VAL D 213 -41.57 13.74 -32.64
CA VAL D 213 -41.95 14.30 -33.93
C VAL D 213 -41.69 15.80 -33.95
N GLY D 214 -42.01 16.47 -32.84
CA GLY D 214 -41.82 17.92 -32.78
C GLY D 214 -40.36 18.31 -32.90
N LEU D 215 -39.48 17.62 -32.18
CA LEU D 215 -38.06 17.97 -32.21
C LEU D 215 -37.44 17.68 -33.56
N SER D 216 -37.81 16.55 -34.18
CA SER D 216 -37.27 16.24 -35.51
C SER D 216 -37.82 17.19 -36.55
N ASN D 217 -39.08 17.60 -36.42
CA ASN D 217 -39.66 18.55 -37.38
C ASN D 217 -39.03 19.92 -37.26
N LEU D 218 -38.38 20.21 -36.14
CA LEU D 218 -37.66 21.47 -35.99
C LEU D 218 -36.45 21.54 -36.92
N PHE D 219 -35.97 20.40 -37.41
CA PHE D 219 -34.76 20.34 -38.24
C PHE D 219 -35.00 19.87 -39.66
N ILE D 220 -36.11 19.19 -39.94
CA ILE D 220 -36.38 18.60 -41.25
C ILE D 220 -37.48 19.39 -41.93
N LYS D 221 -37.21 19.87 -43.15
CA LYS D 221 -38.17 20.68 -43.89
C LYS D 221 -39.15 19.86 -44.72
N GLU D 222 -38.79 18.63 -45.09
CA GLU D 222 -39.57 17.87 -46.05
C GLU D 222 -39.40 16.37 -45.79
N GLY D 223 -40.51 15.65 -45.81
CA GLY D 223 -40.49 14.20 -45.76
C GLY D 223 -41.22 13.65 -44.56
N VAL D 224 -41.39 12.33 -44.57
CA VAL D 224 -42.00 11.62 -43.47
C VAL D 224 -41.02 11.54 -42.30
N LEU D 225 -41.51 11.74 -41.08
CA LEU D 225 -40.70 11.61 -39.88
C LEU D 225 -40.82 10.25 -39.22
N VAL D 226 -42.03 9.70 -39.09
CA VAL D 226 -42.22 8.36 -38.56
C VAL D 226 -43.61 7.88 -38.97
N SER D 227 -43.74 6.55 -39.12
CA SER D 227 -45.00 5.92 -39.50
C SER D 227 -45.38 4.85 -38.48
N GLN D 228 -46.69 4.67 -38.28
CA GLN D 228 -47.24 3.71 -37.32
C GLN D 228 -48.19 2.74 -38.01
N LYS D 229 -48.16 1.47 -37.59
CA LYS D 229 -49.11 0.47 -38.08
C LYS D 229 -49.54 -0.41 -36.93
N GLY D 230 -50.87 -0.50 -36.73
CA GLY D 230 -51.42 -1.36 -35.70
C GLY D 230 -52.58 -2.24 -36.13
N LYS D 231 -53.24 -1.88 -37.23
CA LYS D 231 -54.40 -2.63 -37.71
C LYS D 231 -54.43 -2.56 -39.23
N ASN D 232 -54.17 -3.68 -39.88
CA ASN D 232 -54.15 -3.79 -41.35
C ASN D 232 -53.11 -2.76 -41.80
N LYS D 233 -53.47 -1.80 -42.65
CA LYS D 233 -52.59 -0.71 -43.03
C LYS D 233 -53.48 0.42 -43.58
N GLU D 234 -54.54 0.73 -42.84
CA GLU D 234 -55.58 1.65 -43.28
C GLU D 234 -55.48 2.92 -42.44
N GLU D 235 -55.57 2.82 -41.12
CA GLU D 235 -55.22 3.95 -40.28
C GLU D 235 -53.80 4.39 -40.55
N SER D 236 -52.84 3.47 -40.37
CA SER D 236 -51.43 3.61 -40.75
C SER D 236 -50.93 5.04 -40.63
N LEU D 237 -50.94 5.57 -39.41
CA LEU D 237 -50.69 7.00 -39.24
C LEU D 237 -49.27 7.32 -39.69
N GLU D 238 -49.11 8.46 -40.37
CA GLU D 238 -47.82 8.89 -40.87
C GLU D 238 -47.62 10.36 -40.52
N TYR D 239 -46.45 10.68 -39.97
CA TYR D 239 -46.11 12.04 -39.56
C TYR D 239 -45.16 12.64 -40.60
N LYS D 240 -45.66 13.59 -41.37
CA LYS D 240 -44.86 14.31 -42.34
C LYS D 240 -44.44 15.66 -41.75
N ALA D 241 -43.31 16.17 -42.24
CA ALA D 241 -42.82 17.46 -41.77
C ALA D 241 -43.73 18.58 -42.25
N ASN D 242 -43.98 19.56 -41.38
CA ASN D 242 -44.88 20.66 -41.70
C ASN D 242 -44.24 21.72 -42.58
N GLY D 243 -42.98 21.53 -42.99
CA GLY D 243 -42.30 22.46 -43.87
C GLY D 243 -41.87 23.76 -43.22
N ARG D 244 -42.22 24.01 -41.97
CA ARG D 244 -41.85 25.24 -41.28
C ARG D 244 -40.62 25.06 -40.39
N ALA D 245 -39.68 24.20 -40.80
CA ALA D 245 -38.49 23.94 -40.01
C ALA D 245 -37.49 25.08 -40.18
N PRO D 246 -37.13 25.80 -39.11
CA PRO D 246 -36.16 26.90 -39.27
C PRO D 246 -34.73 26.44 -39.50
N TYR D 247 -34.29 25.37 -38.83
CA TYR D 247 -32.87 25.01 -38.81
C TYR D 247 -32.64 23.79 -39.69
N THR D 248 -32.71 24.04 -41.00
CA THR D 248 -32.58 23.01 -42.03
C THR D 248 -31.14 22.74 -42.43
N ASN D 249 -30.24 23.72 -42.27
CA ASN D 249 -28.87 23.62 -42.76
C ASN D 249 -27.84 23.41 -41.66
N LEU D 250 -28.20 23.68 -40.41
CA LEU D 250 -27.21 23.73 -39.34
C LEU D 250 -26.66 22.33 -39.07
N PRO D 251 -25.34 22.18 -38.91
CA PRO D 251 -24.77 20.87 -38.59
C PRO D 251 -25.29 20.34 -37.28
N ILE D 252 -25.61 19.04 -37.26
CA ILE D 252 -26.08 18.36 -36.07
C ILE D 252 -25.29 17.07 -35.91
N ALA D 253 -24.79 16.84 -34.70
CA ALA D 253 -24.15 15.57 -34.33
C ALA D 253 -24.92 15.00 -33.15
N VAL D 254 -25.46 13.80 -33.31
CA VAL D 254 -26.33 13.19 -32.32
C VAL D 254 -25.55 12.12 -31.58
N LEU D 255 -25.58 12.18 -30.25
CA LEU D 255 -24.96 11.16 -29.40
C LEU D 255 -26.04 10.21 -28.89
N VAL D 256 -25.83 8.91 -29.11
CA VAL D 256 -26.74 7.87 -28.65
C VAL D 256 -25.93 6.73 -28.07
N ASN D 257 -26.56 5.97 -27.18
CA ASN D 257 -25.92 4.81 -26.56
C ASN D 257 -27.00 3.80 -26.19
N GLY D 258 -26.59 2.75 -25.49
CA GLY D 258 -27.50 1.65 -25.15
C GLY D 258 -28.67 2.06 -24.26
N GLY D 259 -28.63 3.25 -23.66
CA GLY D 259 -29.75 3.75 -22.90
C GLY D 259 -30.72 4.59 -23.68
N SER D 260 -30.40 4.93 -24.93
CA SER D 260 -31.30 5.66 -25.79
C SER D 260 -32.38 4.73 -26.32
N ALA D 261 -33.64 5.10 -26.13
CA ALA D 261 -34.74 4.22 -26.50
C ALA D 261 -35.95 5.04 -26.92
N SER D 262 -36.82 4.40 -27.71
CA SER D 262 -38.14 4.92 -28.06
C SER D 262 -38.06 6.27 -28.76
N ALA D 263 -38.53 7.32 -28.08
CA ALA D 263 -38.53 8.66 -28.67
C ALA D 263 -37.13 9.12 -29.06
N SER D 264 -36.11 8.70 -28.29
CA SER D 264 -34.73 9.07 -28.64
C SER D 264 -34.29 8.43 -29.95
N GLU D 265 -34.78 7.23 -30.24
CA GLU D 265 -34.42 6.54 -31.47
C GLU D 265 -35.23 7.04 -32.67
N ILE D 266 -36.42 7.59 -32.43
CA ILE D 266 -37.18 8.20 -33.51
C ILE D 266 -36.48 9.45 -34.02
N VAL D 267 -36.04 10.31 -33.09
CA VAL D 267 -35.31 11.52 -33.48
C VAL D 267 -34.01 11.14 -34.17
N ALA D 268 -33.24 10.23 -33.57
CA ALA D 268 -31.99 9.80 -34.17
C ALA D 268 -32.21 9.08 -35.49
N GLY D 269 -33.27 8.27 -35.58
CA GLY D 269 -33.54 7.53 -36.81
C GLY D 269 -34.01 8.43 -37.93
N ALA D 270 -34.85 9.42 -37.61
CA ALA D 270 -35.32 10.35 -38.64
C ALA D 270 -34.17 11.19 -39.17
N LEU D 271 -33.34 11.74 -38.27
CA LEU D 271 -32.18 12.51 -38.71
C LEU D 271 -31.22 11.66 -39.51
N GLN D 272 -31.08 10.38 -39.16
CA GLN D 272 -30.19 9.49 -39.89
C GLN D 272 -30.73 9.21 -41.29
N ASP D 273 -32.01 8.86 -41.39
CA ASP D 273 -32.57 8.48 -42.69
C ASP D 273 -32.62 9.66 -43.65
N HIS D 274 -32.83 10.87 -43.14
CA HIS D 274 -32.77 12.06 -43.98
C HIS D 274 -31.34 12.54 -44.17
N LYS D 275 -30.37 11.85 -43.56
CA LYS D 275 -28.97 12.28 -43.56
C LYS D 275 -28.83 13.74 -43.14
N ARG D 276 -29.72 14.16 -42.23
CA ARG D 276 -29.71 15.51 -41.67
C ARG D 276 -28.70 15.66 -40.56
N ALA D 277 -28.32 14.57 -39.91
CA ALA D 277 -27.34 14.60 -38.83
C ALA D 277 -26.51 13.32 -38.88
N VAL D 278 -25.40 13.34 -38.15
CA VAL D 278 -24.51 12.18 -38.03
C VAL D 278 -24.76 11.53 -36.67
N ILE D 279 -25.02 10.23 -36.68
CA ILE D 279 -25.32 9.49 -35.46
C ILE D 279 -24.02 8.93 -34.92
N ILE D 280 -23.69 9.28 -33.67
CA ILE D 280 -22.41 8.95 -33.06
C ILE D 280 -22.66 8.32 -31.70
N GLY D 281 -21.89 7.27 -31.40
CA GLY D 281 -21.98 6.61 -30.11
C GLY D 281 -21.90 5.11 -30.21
N GLU D 282 -22.99 4.43 -29.86
CA GLU D 282 -23.05 2.98 -29.94
C GLU D 282 -24.51 2.58 -30.11
N LYS D 283 -24.73 1.34 -30.55
CA LYS D 283 -26.08 0.93 -30.94
C LYS D 283 -27.03 0.99 -29.75
N THR D 284 -28.23 1.51 -30.02
CA THR D 284 -29.21 1.88 -29.01
C THR D 284 -29.98 0.68 -28.47
N PHE D 285 -30.95 0.99 -27.60
CA PHE D 285 -31.73 -0.02 -26.90
C PHE D 285 -32.56 -0.84 -27.88
N GLY D 286 -33.12 -0.20 -28.90
CA GLY D 286 -33.93 -0.91 -29.86
C GLY D 286 -35.38 -1.10 -29.47
N LYS D 287 -36.03 -0.05 -28.99
CA LYS D 287 -37.47 -0.08 -28.72
C LYS D 287 -38.19 0.47 -29.95
N GLY D 288 -38.94 -0.40 -30.63
CA GLY D 288 -39.57 -0.02 -31.88
C GLY D 288 -41.08 -0.11 -31.80
N SER D 289 -41.62 0.28 -30.64
CA SER D 289 -43.05 0.19 -30.38
C SER D 289 -43.53 1.50 -29.78
N VAL D 290 -44.84 1.73 -29.89
CA VAL D 290 -45.48 2.92 -29.36
C VAL D 290 -46.46 2.50 -28.27
N GLN D 291 -46.25 2.99 -27.06
CA GLN D 291 -47.16 2.71 -25.96
C GLN D 291 -48.20 3.81 -25.83
N MET D 292 -49.41 3.41 -25.43
CA MET D 292 -50.46 4.34 -25.05
C MET D 292 -51.04 3.87 -23.73
N LEU D 293 -51.35 4.81 -22.84
CA LEU D 293 -51.98 4.48 -21.57
C LEU D 293 -53.37 5.09 -21.54
N LEU D 294 -54.36 4.27 -21.24
CA LEU D 294 -55.74 4.71 -21.12
C LEU D 294 -56.17 4.54 -19.67
N PRO D 295 -56.57 5.62 -19.00
CA PRO D 295 -56.91 5.50 -17.58
C PRO D 295 -58.17 4.68 -17.38
N VAL D 296 -58.13 3.84 -16.34
CA VAL D 296 -59.24 2.97 -16.00
C VAL D 296 -59.91 3.51 -14.74
N ASN D 297 -59.22 3.41 -13.60
CA ASN D 297 -59.72 3.99 -12.36
C ASN D 297 -59.57 5.51 -12.39
N LYS D 298 -60.03 6.15 -11.32
CA LYS D 298 -59.82 7.60 -11.18
C LYS D 298 -58.35 7.94 -11.01
N ASP D 299 -57.54 6.99 -10.54
CA ASP D 299 -56.14 7.22 -10.25
C ASP D 299 -55.24 6.11 -10.79
N GLU D 300 -55.77 5.19 -11.60
CA GLU D 300 -55.01 4.07 -12.12
C GLU D 300 -55.18 4.02 -13.63
N ALA D 301 -54.18 3.48 -14.31
CA ALA D 301 -54.21 3.41 -15.77
C ALA D 301 -53.65 2.09 -16.26
N ILE D 302 -53.94 1.80 -17.52
CA ILE D 302 -53.46 0.61 -18.23
C ILE D 302 -52.57 1.08 -19.37
N LYS D 303 -51.38 0.49 -19.49
CA LYS D 303 -50.43 0.84 -20.53
C LYS D 303 -50.36 -0.30 -21.53
N ILE D 304 -50.58 0.02 -22.80
CA ILE D 304 -50.69 -0.98 -23.86
C ILE D 304 -49.75 -0.64 -25.00
N THR D 305 -49.06 -1.65 -25.52
CA THR D 305 -48.35 -1.49 -26.78
C THR D 305 -49.39 -1.43 -27.90
N THR D 306 -49.46 -0.28 -28.59
CA THR D 306 -50.55 -0.04 -29.52
C THR D 306 -50.15 -0.11 -30.99
N ALA D 307 -48.87 0.08 -31.31
CA ALA D 307 -48.46 0.08 -32.71
C ALA D 307 -46.95 -0.12 -32.78
N ARG D 308 -46.46 -0.32 -34.00
CA ARG D 308 -45.04 -0.36 -34.30
C ARG D 308 -44.70 0.86 -35.13
N TYR D 309 -43.59 1.52 -34.80
CA TYR D 309 -43.19 2.72 -35.51
C TYR D 309 -42.03 2.39 -36.46
N TYR D 310 -42.08 2.98 -37.65
CA TYR D 310 -41.10 2.74 -38.70
C TYR D 310 -40.43 4.05 -39.09
N LEU D 311 -39.13 3.97 -39.34
CA LEU D 311 -38.33 5.14 -39.67
C LEU D 311 -38.69 5.63 -41.07
N PRO D 312 -38.26 6.84 -41.44
CA PRO D 312 -38.65 7.38 -42.76
C PRO D 312 -38.29 6.48 -43.93
N SER D 313 -37.20 5.72 -43.84
CA SER D 313 -36.84 4.77 -44.87
C SER D 313 -37.70 3.52 -44.85
N GLY D 314 -38.66 3.43 -43.93
CA GLY D 314 -39.49 2.25 -43.77
C GLY D 314 -38.85 1.12 -42.99
N ARG D 315 -37.57 1.22 -42.65
CA ARG D 315 -36.92 0.17 -41.89
C ARG D 315 -37.40 0.19 -40.45
N THR D 316 -37.53 -1.01 -39.85
CA THR D 316 -37.92 -1.14 -38.46
C THR D 316 -36.68 -1.17 -37.57
N ILE D 317 -36.84 -0.66 -36.35
CA ILE D 317 -35.76 -0.65 -35.37
C ILE D 317 -35.97 -1.70 -34.28
N GLN D 318 -37.13 -2.35 -34.25
CA GLN D 318 -37.50 -3.27 -33.20
C GLN D 318 -36.47 -4.38 -33.02
N ALA D 319 -35.95 -4.52 -31.80
CA ALA D 319 -34.97 -5.52 -31.38
C ALA D 319 -33.61 -5.35 -32.05
N LYS D 320 -33.46 -4.42 -32.97
CA LYS D 320 -32.18 -4.15 -33.63
C LYS D 320 -31.46 -2.94 -33.04
N GLY D 321 -32.16 -1.83 -32.87
CA GLY D 321 -31.55 -0.59 -32.47
C GLY D 321 -30.90 0.14 -33.64
N ILE D 322 -30.47 1.37 -33.37
CA ILE D 322 -29.84 2.20 -34.38
C ILE D 322 -28.35 1.90 -34.38
N THR D 323 -27.81 1.51 -35.53
CA THR D 323 -26.37 1.42 -35.68
C THR D 323 -25.84 2.80 -36.04
N PRO D 324 -25.08 3.44 -35.17
CA PRO D 324 -24.64 4.81 -35.45
C PRO D 324 -23.67 4.86 -36.62
N ASP D 325 -23.59 6.05 -37.23
CA ASP D 325 -22.65 6.27 -38.31
C ASP D 325 -21.21 6.17 -37.83
N ILE D 326 -20.95 6.54 -36.58
CA ILE D 326 -19.61 6.50 -36.00
C ILE D 326 -19.70 5.84 -34.62
N VAL D 327 -19.15 4.65 -34.49
CA VAL D 327 -19.10 3.88 -33.24
C VAL D 327 -17.84 4.29 -32.50
N ILE D 328 -17.91 4.39 -31.16
CA ILE D 328 -16.74 4.86 -30.43
C ILE D 328 -16.60 4.24 -29.03
N TYR D 329 -17.70 4.11 -28.28
CA TYR D 329 -17.71 3.60 -26.91
C TYR D 329 -16.99 4.55 -25.94
N PRO D 330 -17.40 4.60 -24.68
CA PRO D 330 -16.89 5.64 -23.78
C PRO D 330 -15.42 5.44 -23.41
N GLY D 331 -14.82 6.51 -22.90
CA GLY D 331 -13.43 6.50 -22.50
C GLY D 331 -12.89 7.91 -22.41
N LYS D 332 -11.67 8.00 -21.86
CA LYS D 332 -10.94 9.26 -21.80
C LYS D 332 -10.06 9.41 -23.04
N VAL D 333 -9.92 10.67 -23.49
CA VAL D 333 -9.15 10.96 -24.69
C VAL D 333 -7.65 10.85 -24.40
N PRO D 334 -6.87 10.26 -25.30
CA PRO D 334 -5.42 10.22 -25.10
C PRO D 334 -4.81 11.61 -25.19
N GLU D 335 -3.69 11.80 -24.48
CA GLU D 335 -2.95 13.06 -24.55
C GLU D 335 -1.57 12.84 -23.95
N ASN D 336 -0.57 13.52 -24.51
CA ASN D 336 0.80 13.38 -24.05
C ASN D 336 1.66 14.51 -24.61
N GLU D 337 2.77 14.76 -23.94
CA GLU D 337 3.82 15.63 -24.48
C GLU D 337 4.94 14.77 -25.08
N LYS D 378 -20.69 26.88 -16.72
CA LYS D 378 -21.79 27.26 -17.61
C LYS D 378 -21.42 27.00 -19.06
N GLU D 379 -20.21 26.47 -19.26
CA GLU D 379 -19.74 26.10 -20.59
C GLU D 379 -19.06 24.73 -20.52
N VAL D 380 -19.00 24.05 -21.66
CA VAL D 380 -18.32 22.76 -21.75
C VAL D 380 -16.83 23.05 -21.87
N THR D 381 -16.10 22.90 -20.78
CA THR D 381 -14.68 23.19 -20.76
C THR D 381 -13.90 22.04 -21.40
N PRO D 382 -12.70 22.30 -21.90
CA PRO D 382 -11.89 21.21 -22.46
C PRO D 382 -11.58 20.11 -21.47
N LYS D 383 -11.66 20.39 -20.16
CA LYS D 383 -11.50 19.32 -19.18
C LYS D 383 -12.69 18.37 -19.20
N MET D 384 -13.88 18.86 -19.57
CA MET D 384 -15.04 17.98 -19.72
C MET D 384 -14.96 17.18 -21.01
N ILE D 385 -14.42 17.76 -22.08
CA ILE D 385 -14.31 17.04 -23.34
C ILE D 385 -13.27 15.93 -23.22
N ASN D 386 -12.21 16.18 -22.46
CA ASN D 386 -11.15 15.19 -22.31
C ASN D 386 -11.56 13.99 -21.48
N ASP D 387 -12.70 14.04 -20.80
CA ASP D 387 -13.24 12.89 -20.09
C ASP D 387 -14.29 12.14 -20.89
N ASP D 388 -14.65 12.64 -22.08
CA ASP D 388 -15.71 12.06 -22.91
C ASP D 388 -15.20 11.93 -24.34
N ILE D 389 -14.64 10.76 -24.68
CA ILE D 389 -14.22 10.51 -26.06
C ILE D 389 -15.41 10.57 -27.01
N GLN D 390 -16.61 10.25 -26.52
CA GLN D 390 -17.80 10.35 -27.36
C GLN D 390 -18.13 11.81 -27.67
N LEU D 391 -18.04 12.69 -26.67
CA LEU D 391 -18.28 14.11 -26.92
C LEU D 391 -17.19 14.69 -27.82
N LYS D 392 -15.96 14.24 -27.65
CA LYS D 392 -14.89 14.68 -28.53
C LYS D 392 -15.14 14.23 -29.97
N THR D 393 -15.62 13.00 -30.14
CA THR D 393 -15.91 12.50 -31.49
C THR D 393 -17.05 13.28 -32.12
N ALA D 394 -18.05 13.65 -31.33
CA ALA D 394 -19.19 14.41 -31.86
C ALA D 394 -18.76 15.81 -32.28
N ILE D 395 -17.89 16.45 -31.51
CA ILE D 395 -17.42 17.79 -31.87
C ILE D 395 -16.55 17.74 -33.12
N ASP D 396 -15.68 16.72 -33.22
CA ASP D 396 -14.81 16.61 -34.39
C ASP D 396 -15.60 16.39 -35.67
N SER D 397 -16.75 15.70 -35.60
CA SER D 397 -17.56 15.55 -36.80
C SER D 397 -18.18 16.87 -37.22
N LEU D 398 -18.45 17.76 -36.26
CA LEU D 398 -18.90 19.10 -36.62
C LEU D 398 -17.77 19.92 -37.22
N LYS D 399 -16.54 19.71 -36.75
CA LYS D 399 -15.40 20.40 -37.36
C LYS D 399 -15.23 19.98 -38.81
N THR D 400 -15.34 18.68 -39.09
CA THR D 400 -15.25 18.21 -40.47
C THR D 400 -16.40 18.76 -41.31
N TRP D 401 -17.63 18.70 -40.79
CA TRP D 401 -18.78 19.25 -41.50
C TRP D 401 -18.57 20.73 -41.81
N SER D 402 -18.07 21.49 -40.83
CA SER D 402 -17.86 22.92 -41.06
C SER D 402 -16.80 23.18 -42.12
N ILE D 403 -15.84 22.27 -42.27
CA ILE D 403 -14.84 22.44 -43.33
C ILE D 403 -15.42 22.07 -44.68
N VAL D 404 -16.23 21.01 -44.74
CA VAL D 404 -16.76 20.54 -46.02
C VAL D 404 -17.67 21.57 -46.65
N ASP D 405 -18.49 22.24 -45.84
CA ASP D 405 -19.37 23.27 -46.39
C ASP D 405 -18.65 24.56 -46.75
N GLU D 406 -17.43 24.75 -46.24
CA GLU D 406 -16.61 25.89 -46.66
C GLU D 406 -15.94 25.62 -48.00
N LYS D 407 -15.66 24.35 -48.30
CA LYS D 407 -15.22 23.97 -49.63
C LYS D 407 -16.29 24.30 -50.68
N MET D 408 -17.56 24.30 -50.26
CA MET D 408 -18.66 24.61 -51.17
C MET D 408 -18.86 26.11 -51.34
N ASP D 409 -18.51 26.90 -50.33
CA ASP D 409 -18.58 28.37 -50.43
C ASP D 409 -17.25 28.92 -50.94
N GLU D 410 -16.91 28.54 -52.18
CA GLU D 410 -15.67 28.98 -52.80
C GLU D 410 -15.87 29.07 -54.31
N LYS D 411 -14.99 29.84 -54.94
CA LYS D 411 -14.92 29.93 -56.40
C LYS D 411 -13.62 30.58 -56.83
N PHE E 9 40.69 43.23 -40.96
CA PHE E 9 39.40 43.75 -40.52
C PHE E 9 38.38 43.68 -41.66
N SER E 10 38.85 43.27 -42.84
CA SER E 10 38.00 43.28 -44.02
C SER E 10 37.11 42.04 -44.10
N ARG E 11 37.55 40.91 -43.53
CA ARG E 11 36.76 39.67 -43.61
C ARG E 11 35.39 39.84 -42.96
N PHE E 12 35.28 40.71 -41.97
CA PHE E 12 33.98 40.93 -41.32
C PHE E 12 33.03 41.69 -42.23
N SER E 13 33.54 42.66 -42.99
CA SER E 13 32.67 43.51 -43.79
C SER E 13 32.02 42.72 -44.94
N ASN E 14 32.77 41.81 -45.55
CA ASN E 14 32.22 41.04 -46.67
C ASN E 14 31.15 40.06 -46.20
N VAL E 15 31.29 39.50 -45.00
CA VAL E 15 30.24 38.65 -44.45
C VAL E 15 28.99 39.48 -44.16
N VAL E 16 29.17 40.67 -43.59
CA VAL E 16 28.04 41.56 -43.34
C VAL E 16 27.40 41.97 -44.66
N SER E 17 28.21 42.15 -45.71
CA SER E 17 27.69 42.56 -47.00
C SER E 17 26.78 41.49 -47.59
N GLU E 18 27.22 40.24 -47.58
CA GLU E 18 26.38 39.15 -48.09
C GLU E 18 25.09 39.03 -47.27
N ILE E 19 25.17 39.28 -45.97
CA ILE E 19 23.96 39.31 -45.16
C ILE E 19 23.07 40.49 -45.57
N GLU E 20 23.68 41.61 -45.95
CA GLU E 20 22.90 42.74 -46.43
C GLU E 20 22.21 42.41 -47.75
N LYS E 21 22.92 41.75 -48.67
CA LYS E 21 22.35 41.48 -49.98
C LYS E 21 21.36 40.31 -49.93
N LYS E 22 21.81 39.16 -49.42
CA LYS E 22 21.17 37.89 -49.72
C LYS E 22 20.39 37.28 -48.58
N TYR E 23 20.46 37.83 -47.36
CA TYR E 23 19.74 37.25 -46.24
C TYR E 23 18.24 37.35 -46.47
N VAL E 24 17.48 36.56 -45.72
CA VAL E 24 16.05 36.45 -45.96
C VAL E 24 15.30 37.68 -45.45
N ASP E 25 15.73 38.24 -44.33
CA ASP E 25 14.98 39.31 -43.66
C ASP E 25 15.75 40.62 -43.70
N LYS E 26 15.02 41.71 -43.91
CA LYS E 26 15.60 43.05 -43.90
C LYS E 26 16.00 43.41 -42.46
N ILE E 27 17.28 43.39 -42.17
CA ILE E 27 17.80 43.83 -40.89
C ILE E 27 18.91 44.85 -41.12
N SER E 28 18.99 45.82 -40.22
CA SER E 28 19.90 46.95 -40.38
C SER E 28 21.25 46.67 -39.73
N ILE E 29 22.24 47.49 -40.10
CA ILE E 29 23.57 47.37 -39.51
C ILE E 29 23.52 47.54 -38.00
N SER E 30 22.59 48.36 -37.50
CA SER E 30 22.43 48.52 -36.07
C SER E 30 22.17 47.19 -35.39
N GLU E 31 21.35 46.33 -36.01
CA GLU E 31 21.12 44.99 -35.48
C GLU E 31 22.27 44.04 -35.82
N ILE E 32 22.91 44.23 -36.97
CA ILE E 32 24.02 43.36 -37.34
C ILE E 32 25.18 43.55 -36.37
N MET E 33 25.43 44.78 -35.96
CA MET E 33 26.55 45.04 -35.03
C MET E 33 26.20 44.58 -33.63
N THR E 34 24.96 44.78 -33.19
CA THR E 34 24.54 44.26 -31.89
C THR E 34 24.63 42.74 -31.86
N LYS E 35 24.23 42.08 -32.95
CA LYS E 35 24.32 40.63 -33.01
C LYS E 35 25.78 40.17 -33.12
N ALA E 36 26.63 40.96 -33.77
CA ALA E 36 28.03 40.59 -33.88
C ALA E 36 28.78 40.81 -32.57
N ILE E 37 28.47 41.90 -31.87
CA ILE E 37 29.10 42.14 -30.57
C ILE E 37 28.62 41.12 -29.54
N GLU E 38 27.30 40.90 -29.49
CA GLU E 38 26.75 39.90 -28.57
C GLU E 38 27.23 38.51 -28.91
N GLY E 39 27.46 38.23 -30.19
CA GLY E 39 27.96 36.93 -30.60
C GLY E 39 29.44 36.76 -30.31
N LEU E 40 30.22 37.81 -30.54
CA LEU E 40 31.66 37.75 -30.28
C LEU E 40 31.94 37.51 -28.80
N LEU E 41 31.27 38.28 -27.93
CA LEU E 41 31.48 38.11 -26.49
C LEU E 41 31.03 36.74 -26.02
N SER E 42 30.00 36.17 -26.66
CA SER E 42 29.56 34.83 -26.30
C SER E 42 30.48 33.74 -26.83
N ASN E 43 31.46 34.08 -27.67
CA ASN E 43 32.35 33.11 -28.28
C ASN E 43 33.77 33.16 -27.72
N LEU E 44 33.95 33.74 -26.54
CA LEU E 44 35.27 33.76 -25.90
C LEU E 44 35.12 33.82 -24.39
N ASP E 45 34.08 33.19 -23.84
CA ASP E 45 33.64 33.60 -22.53
C ASP E 45 33.12 32.46 -21.67
N ALA E 46 33.13 32.74 -20.37
CA ALA E 46 32.11 32.29 -19.43
C ALA E 46 31.65 33.55 -18.70
N HIS E 47 30.34 33.76 -18.65
CA HIS E 47 29.73 34.91 -17.97
C HIS E 47 30.12 36.25 -18.58
N SER E 48 30.25 36.33 -19.91
CA SER E 48 30.40 37.62 -20.56
C SER E 48 29.05 38.09 -21.11
N ALA E 49 28.93 39.39 -21.30
CA ALA E 49 27.67 39.98 -21.71
C ALA E 49 27.90 41.35 -22.34
N TYR E 50 26.89 41.80 -23.06
CA TYR E 50 26.84 43.14 -23.66
C TYR E 50 25.80 43.93 -22.89
N LEU E 51 26.23 44.57 -21.80
CA LEU E 51 25.32 45.27 -20.92
C LEU E 51 25.46 46.78 -21.04
N PHE E 67 11.07 40.85 4.24
CA PHE E 67 10.13 39.82 3.79
C PHE E 67 9.50 39.15 5.01
N GLY E 68 8.24 38.73 4.87
CA GLY E 68 7.54 38.17 6.00
C GLY E 68 6.76 36.90 5.70
N GLY E 69 7.25 36.10 4.75
CA GLY E 69 6.59 34.86 4.41
C GLY E 69 6.76 33.76 5.42
N LEU E 70 6.69 32.51 4.98
CA LEU E 70 6.86 31.37 5.90
C LEU E 70 8.31 30.96 6.07
N GLY E 71 9.15 31.19 5.06
CA GLY E 71 10.56 30.88 5.15
C GLY E 71 11.00 29.59 4.51
N ILE E 72 10.31 29.12 3.47
CA ILE E 72 10.71 27.94 2.71
C ILE E 72 11.23 28.39 1.36
N THR E 73 12.44 27.94 1.02
CA THR E 73 12.97 28.13 -0.33
C THR E 73 12.27 27.13 -1.25
N VAL E 74 11.55 27.63 -2.25
CA VAL E 74 10.68 26.79 -3.05
C VAL E 74 10.96 26.98 -4.53
N GLY E 75 10.74 25.92 -5.30
CA GLY E 75 10.77 25.95 -6.74
C GLY E 75 9.83 24.89 -7.26
N MET E 76 9.59 24.93 -8.58
CA MET E 76 8.70 23.93 -9.17
C MET E 76 9.35 22.56 -9.20
N ARG E 77 10.55 22.47 -9.76
CA ARG E 77 11.33 21.22 -9.84
C ARG E 77 10.50 20.17 -10.58
N ASP E 78 10.15 19.04 -9.97
CA ASP E 78 9.58 17.90 -10.69
C ASP E 78 8.06 17.90 -10.52
N GLY E 79 7.38 18.63 -11.39
CA GLY E 79 5.93 18.56 -11.50
C GLY E 79 5.15 19.17 -10.35
N VAL E 80 5.76 19.29 -9.18
CA VAL E 80 5.09 19.81 -8.00
C VAL E 80 6.10 20.60 -7.18
N LEU E 81 5.67 21.75 -6.67
CA LEU E 81 6.54 22.63 -5.90
C LEU E 81 7.11 21.90 -4.69
N THR E 82 8.42 22.00 -4.50
CA THR E 82 9.12 21.30 -3.43
C THR E 82 9.88 22.30 -2.56
N VAL E 83 10.00 21.96 -1.28
CA VAL E 83 10.76 22.76 -0.33
C VAL E 83 12.25 22.48 -0.53
N ILE E 84 13.00 23.49 -0.97
CA ILE E 84 14.44 23.32 -1.12
C ILE E 84 15.12 23.29 0.23
N ALA E 85 14.88 24.32 1.05
CA ALA E 85 15.49 24.40 2.38
C ALA E 85 14.75 25.41 3.26
N PRO E 86 14.31 25.01 4.45
CA PRO E 86 13.76 25.99 5.38
C PRO E 86 14.86 26.88 5.96
N LEU E 87 14.55 28.16 6.10
CA LEU E 87 15.53 29.14 6.56
C LEU E 87 15.59 29.15 8.09
N GLU E 88 16.64 29.80 8.60
CA GLU E 88 16.89 29.81 10.04
C GLU E 88 15.86 30.68 10.77
N GLY E 89 15.30 30.14 11.84
CA GLY E 89 14.38 30.89 12.68
C GLY E 89 13.00 31.12 12.10
N THR E 90 12.69 30.53 10.96
CA THR E 90 11.39 30.73 10.33
C THR E 90 10.33 29.83 10.95
N PRO E 91 9.06 30.19 10.83
CA PRO E 91 7.99 29.32 11.35
C PRO E 91 7.98 27.94 10.71
N ALA E 92 8.25 27.87 9.40
CA ALA E 92 8.30 26.58 8.72
C ALA E 92 9.45 25.72 9.26
N TYR E 93 10.59 26.35 9.57
CA TYR E 93 11.69 25.62 10.18
C TYR E 93 11.32 25.17 11.59
N LYS E 94 10.56 25.99 12.32
CA LYS E 94 10.13 25.62 13.67
C LYS E 94 9.02 24.58 13.63
N ALA E 95 8.19 24.58 12.59
CA ALA E 95 7.06 23.67 12.52
C ALA E 95 7.46 22.26 12.12
N GLY E 96 8.62 22.08 11.50
CA GLY E 96 9.07 20.77 11.07
C GLY E 96 8.99 20.51 9.58
N VAL E 97 9.00 21.55 8.75
CA VAL E 97 9.04 21.35 7.30
C VAL E 97 10.42 20.86 6.91
N LYS E 98 10.46 19.86 6.03
CA LYS E 98 11.69 19.21 5.63
C LYS E 98 12.00 19.50 4.17
N SER E 99 13.25 19.25 3.79
CA SER E 99 13.65 19.42 2.40
C SER E 99 12.98 18.38 1.52
N GLY E 100 12.71 18.77 0.28
CA GLY E 100 12.00 17.90 -0.64
C GLY E 100 10.51 17.79 -0.40
N ASP E 101 9.98 18.46 0.62
CA ASP E 101 8.55 18.42 0.90
C ASP E 101 7.78 19.08 -0.24
N ASN E 102 6.74 18.41 -0.70
CA ASN E 102 5.95 18.89 -1.84
C ASN E 102 4.80 19.75 -1.35
N ILE E 103 4.67 20.94 -1.93
CA ILE E 103 3.58 21.85 -1.60
C ILE E 103 2.31 21.35 -2.28
N LEU E 104 1.26 21.13 -1.49
CA LEU E 104 -0.03 20.65 -2.00
C LEU E 104 -1.14 21.67 -1.86
N LYS E 105 -1.15 22.45 -0.78
CA LYS E 105 -2.19 23.43 -0.53
C LYS E 105 -1.60 24.61 0.25
N ILE E 106 -1.99 25.82 -0.16
CA ILE E 106 -1.62 27.03 0.57
C ILE E 106 -2.89 27.84 0.79
N ASN E 107 -2.86 28.71 1.80
CA ASN E 107 -4.02 29.51 2.18
C ASN E 107 -5.23 28.61 2.41
N ASN E 108 -6.11 28.53 1.41
CA ASN E 108 -7.19 27.55 1.36
C ASN E 108 -7.39 27.08 -0.07
N GLU E 109 -6.35 27.16 -0.90
CA GLU E 109 -6.41 26.87 -2.32
C GLU E 109 -5.31 25.89 -2.69
N SER E 110 -5.66 24.88 -3.48
CA SER E 110 -4.67 23.91 -3.94
C SER E 110 -3.75 24.54 -4.99
N THR E 111 -2.47 24.20 -4.90
CA THR E 111 -1.46 24.73 -5.82
C THR E 111 -1.36 23.92 -7.11
N LEU E 112 -2.49 23.56 -7.71
CA LEU E 112 -2.49 22.77 -8.94
C LEU E 112 -1.97 23.64 -10.08
N SER E 113 -0.79 23.27 -10.60
CA SER E 113 -0.18 23.95 -11.75
C SER E 113 0.05 25.43 -11.47
N MET E 114 0.53 25.74 -10.26
CA MET E 114 0.91 27.10 -9.90
C MET E 114 2.43 27.19 -9.80
N SER E 115 2.97 28.34 -10.20
CA SER E 115 4.41 28.57 -10.21
C SER E 115 4.68 30.03 -9.91
N ILE E 116 5.98 30.38 -9.98
CA ILE E 116 6.53 31.73 -9.80
C ILE E 116 5.79 32.44 -8.66
N ASP E 117 5.54 33.75 -8.79
CA ASP E 117 4.94 34.52 -7.70
C ASP E 117 3.46 34.24 -7.51
N ASP E 118 2.85 33.32 -8.27
CA ASP E 118 1.45 32.98 -8.04
C ASP E 118 1.27 32.32 -6.69
N ALA E 119 2.18 31.41 -6.32
CA ALA E 119 2.11 30.77 -5.02
C ALA E 119 2.71 31.63 -3.92
N ILE E 120 3.72 32.43 -4.24
CA ILE E 120 4.35 33.29 -3.24
C ILE E 120 3.39 34.39 -2.79
N ASN E 121 2.53 34.88 -3.70
CA ASN E 121 1.61 35.95 -3.36
C ASN E 121 0.60 35.53 -2.30
N LEU E 122 0.26 34.24 -2.25
CA LEU E 122 -0.67 33.75 -1.24
C LEU E 122 0.02 33.51 0.10
N MET E 123 1.31 33.17 0.08
CA MET E 123 2.01 32.82 1.31
C MET E 123 2.52 34.05 2.04
N ARG E 124 3.03 35.04 1.31
CA ARG E 124 3.57 36.24 1.94
C ARG E 124 2.45 37.08 2.55
N GLY E 125 2.76 37.71 3.68
CA GLY E 125 1.78 38.50 4.39
C GLY E 125 2.43 39.24 5.54
N LYS E 126 1.59 39.94 6.31
CA LYS E 126 2.09 40.71 7.43
C LYS E 126 2.64 39.78 8.51
N PRO E 127 3.72 40.18 9.18
CA PRO E 127 4.51 39.20 9.96
C PRO E 127 3.87 38.73 11.26
N LYS E 128 2.54 38.58 11.31
CA LYS E 128 1.89 37.96 12.45
C LYS E 128 0.56 37.29 12.10
N THR E 129 0.34 36.94 10.83
CA THR E 129 -0.92 36.43 10.30
C THR E 129 -0.85 34.92 10.12
N PRO E 130 -1.88 34.18 10.54
CA PRO E 130 -1.87 32.72 10.37
C PRO E 130 -2.11 32.30 8.93
N ILE E 131 -1.63 31.09 8.63
CA ILE E 131 -1.81 30.48 7.32
C ILE E 131 -1.62 28.98 7.47
N GLN E 132 -2.35 28.22 6.66
CA GLN E 132 -2.29 26.76 6.68
C GLN E 132 -1.70 26.26 5.37
N ILE E 133 -0.82 25.26 5.48
CA ILE E 133 -0.15 24.67 4.33
C ILE E 133 -0.23 23.15 4.45
N THR E 134 -0.55 22.49 3.34
CA THR E 134 -0.61 21.03 3.28
C THR E 134 0.61 20.52 2.50
N ILE E 135 1.22 19.46 3.02
CA ILE E 135 2.50 18.98 2.54
C ILE E 135 2.42 17.47 2.30
N VAL E 136 3.01 17.01 1.20
CA VAL E 136 3.18 15.59 0.91
C VAL E 136 4.66 15.27 1.00
N ARG E 137 5.00 14.23 1.77
CA ARG E 137 6.38 13.90 2.10
C ARG E 137 6.70 12.50 1.59
N LYS E 138 7.97 12.28 1.25
CA LYS E 138 8.39 11.04 0.61
C LYS E 138 8.22 9.85 1.55
N ASN E 139 8.86 9.90 2.72
CA ASN E 139 8.87 8.78 3.66
C ASN E 139 7.77 8.91 4.72
N GLU E 140 6.69 9.61 4.39
CA GLU E 140 5.55 9.73 5.31
C GLU E 140 4.27 9.58 4.49
N PRO E 141 3.56 8.46 4.63
CA PRO E 141 2.43 8.19 3.73
C PRO E 141 1.26 9.15 3.88
N LYS E 142 1.09 9.79 5.03
CA LYS E 142 -0.06 10.68 5.18
C LYS E 142 0.36 12.12 4.98
N PRO E 143 -0.38 12.90 4.20
CA PRO E 143 -0.02 14.31 4.00
C PRO E 143 -0.05 15.08 5.31
N LEU E 144 0.91 16.00 5.46
CA LEU E 144 1.06 16.79 6.67
C LEU E 144 0.43 18.17 6.50
N VAL E 145 -0.16 18.69 7.57
CA VAL E 145 -0.81 20.00 7.57
C VAL E 145 -0.14 20.85 8.62
N PHE E 146 0.39 22.00 8.20
CA PHE E 146 1.10 22.93 9.09
C PHE E 146 0.30 24.22 9.22
N ASN E 147 -0.07 24.57 10.45
CA ASN E 147 -0.68 25.84 10.76
C ASN E 147 0.39 26.73 11.38
N ILE E 148 0.82 27.75 10.65
CA ILE E 148 1.94 28.58 11.06
C ILE E 148 1.59 30.05 10.81
N ILE E 149 2.19 30.92 11.60
CA ILE E 149 1.97 32.36 11.49
C ILE E 149 3.10 32.97 10.66
N ARG E 150 2.77 34.03 9.93
CA ARG E 150 3.79 34.79 9.22
C ARG E 150 4.70 35.49 10.23
N ASP E 151 5.92 35.78 9.80
CA ASP E 151 6.88 36.42 10.70
C ASP E 151 7.98 37.06 9.87
N ILE E 152 8.67 38.03 10.50
CA ILE E 152 9.79 38.71 9.84
C ILE E 152 10.87 37.69 9.51
N ILE E 153 11.24 37.61 8.24
CA ILE E 153 12.18 36.59 7.77
C ILE E 153 13.60 37.07 7.97
N LYS E 154 14.43 36.23 8.58
CA LYS E 154 15.85 36.51 8.76
C LYS E 154 16.62 36.01 7.55
N LEU E 155 17.56 36.84 7.07
CA LEU E 155 18.47 36.46 5.99
C LEU E 155 19.91 36.83 6.34
N PRO E 156 20.45 36.31 7.45
CA PRO E 156 21.84 36.63 7.79
C PRO E 156 22.80 35.88 6.88
N SER E 157 23.75 36.61 6.29
CA SER E 157 24.75 35.97 5.45
C SER E 157 25.63 35.02 6.26
N VAL E 158 25.80 35.29 7.55
CA VAL E 158 26.60 34.45 8.44
C VAL E 158 25.83 34.24 9.73
N TYR E 159 25.89 33.03 10.28
CA TYR E 159 25.42 32.77 11.63
C TYR E 159 26.27 31.66 12.23
N VAL E 160 26.51 31.76 13.54
CA VAL E 160 27.35 30.81 14.26
C VAL E 160 26.52 30.16 15.36
N LYS E 161 26.50 28.83 15.37
CA LYS E 161 25.81 28.06 16.39
C LYS E 161 26.81 27.18 17.13
N LYS E 162 26.62 27.02 18.43
CA LYS E 162 27.35 26.01 19.16
C LYS E 162 26.79 24.64 18.79
N ILE E 163 27.64 23.62 18.86
CA ILE E 163 27.25 22.25 18.54
C ILE E 163 27.10 21.49 19.85
N LYS E 164 25.94 20.85 20.02
CA LYS E 164 25.57 20.28 21.31
C LYS E 164 26.52 19.15 21.72
N GLU E 165 26.91 19.17 22.99
CA GLU E 165 27.72 18.11 23.60
C GLU E 165 29.10 17.98 22.95
N THR E 166 29.63 19.08 22.41
CA THR E 166 30.98 19.08 21.86
C THR E 166 31.53 20.50 21.94
N PRO E 167 32.84 20.65 22.11
CA PRO E 167 33.44 21.99 22.18
C PRO E 167 33.46 22.76 20.87
N TYR E 168 32.83 22.25 19.81
CA TYR E 168 32.96 22.86 18.48
C TYR E 168 31.75 23.72 18.17
N LEU E 169 31.92 24.62 17.21
CA LEU E 169 30.84 25.49 16.75
C LEU E 169 30.74 25.46 15.23
N TYR E 170 29.52 25.71 14.75
CA TYR E 170 29.18 25.60 13.33
C TYR E 170 29.02 27.00 12.76
N VAL E 171 29.91 27.38 11.85
CA VAL E 171 29.89 28.69 11.20
C VAL E 171 29.33 28.51 9.80
N ARG E 172 28.15 29.07 9.56
CA ARG E 172 27.50 29.02 8.26
C ARG E 172 27.74 30.34 7.53
N VAL E 173 28.38 30.26 6.36
CA VAL E 173 28.56 31.43 5.51
C VAL E 173 27.79 31.21 4.21
N SER E 174 26.55 31.68 4.18
CA SER E 174 25.71 31.49 2.99
C SER E 174 26.27 32.23 1.78
N GLY E 175 26.68 33.47 1.98
CA GLY E 175 27.26 34.27 0.92
C GLY E 175 28.18 35.31 1.51
N PHE E 176 28.97 35.93 0.65
CA PHE E 176 29.97 36.90 1.08
C PHE E 176 29.40 38.31 0.97
N ASP E 177 28.64 38.69 2.00
CA ASP E 177 28.24 40.07 2.21
C ASP E 177 29.38 40.86 2.82
N LYS E 178 29.24 42.19 2.82
CA LYS E 178 30.25 43.05 3.43
C LYS E 178 30.39 42.83 4.92
N ASN E 179 29.49 42.06 5.55
CA ASN E 179 29.50 41.83 6.98
C ASN E 179 30.13 40.50 7.37
N VAL E 180 30.66 39.74 6.41
CA VAL E 180 31.08 38.37 6.68
C VAL E 180 32.23 38.34 7.69
N THR E 181 33.32 39.02 7.39
CA THR E 181 34.50 38.93 8.23
C THR E 181 34.23 39.47 9.64
N LYS E 182 33.41 40.53 9.74
CA LYS E 182 33.04 41.03 11.05
C LYS E 182 32.11 40.04 11.76
N SER E 183 31.17 39.44 11.03
CA SER E 183 30.22 38.51 11.64
C SER E 183 30.93 37.27 12.18
N VAL E 184 31.84 36.70 11.40
CA VAL E 184 32.56 35.52 11.85
C VAL E 184 33.44 35.85 13.05
N LEU E 185 34.20 36.94 12.96
CA LEU E 185 35.02 37.36 14.10
C LEU E 185 34.18 37.68 15.31
N GLU E 186 32.97 38.20 15.11
CA GLU E 186 32.06 38.46 16.22
C GLU E 186 31.61 37.15 16.86
N GLY E 187 31.22 36.17 16.04
CA GLY E 187 30.72 34.91 16.58
C GLY E 187 31.79 34.15 17.35
N LEU E 188 33.03 34.18 16.88
CA LEU E 188 34.11 33.50 17.58
C LEU E 188 34.48 34.21 18.88
N LYS E 189 34.37 35.54 18.91
CA LYS E 189 34.68 36.28 20.13
C LYS E 189 33.60 36.08 21.19
N ALA E 190 32.35 35.83 20.77
CA ALA E 190 31.25 35.71 21.72
C ALA E 190 31.32 34.42 22.54
N ASN E 191 32.05 33.41 22.06
CA ASN E 191 32.20 32.14 22.78
C ASN E 191 33.68 31.75 22.76
N PRO E 192 34.47 32.31 23.69
CA PRO E 192 35.93 32.05 23.67
C PRO E 192 36.32 30.65 24.10
N LYS E 193 35.42 29.86 24.66
CA LYS E 193 35.77 28.54 25.19
C LYS E 193 35.75 27.44 24.14
N ALA E 194 35.50 27.77 22.88
CA ALA E 194 35.43 26.75 21.85
C ALA E 194 36.83 26.33 21.41
N LYS E 195 36.89 25.27 20.59
CA LYS E 195 38.15 24.80 20.04
C LYS E 195 37.91 24.00 18.75
N GLY E 196 36.96 24.43 17.94
CA GLY E 196 36.70 23.80 16.66
C GLY E 196 35.67 24.55 15.83
N ILE E 197 35.97 24.77 14.55
CA ILE E 197 35.07 25.47 13.64
C ILE E 197 34.66 24.53 12.52
N VAL E 198 33.37 24.46 12.25
CA VAL E 198 32.86 23.84 11.04
C VAL E 198 32.42 24.96 10.09
N LEU E 199 33.33 25.38 9.20
CA LEU E 199 33.06 26.50 8.30
C LEU E 199 32.31 25.96 7.09
N ASP E 200 31.00 26.19 7.05
CA ASP E 200 30.14 25.60 6.02
C ASP E 200 30.02 26.59 4.86
N LEU E 201 30.68 26.28 3.74
CA LEU E 201 30.61 27.08 2.53
C LEU E 201 29.81 26.39 1.44
N ARG E 202 28.98 25.41 1.79
CA ARG E 202 28.20 24.69 0.80
C ARG E 202 27.15 25.61 0.16
N GLY E 203 26.99 25.47 -1.15
CA GLY E 203 26.02 26.27 -1.88
C GLY E 203 26.27 27.75 -1.85
N ASN E 204 27.51 28.18 -1.58
CA ASN E 204 27.83 29.59 -1.51
C ASN E 204 28.39 30.02 -2.85
N PRO E 205 27.70 30.84 -3.63
CA PRO E 205 28.17 31.19 -4.98
C PRO E 205 29.33 32.16 -5.01
N GLY E 206 29.76 32.69 -3.86
CA GLY E 206 30.83 33.66 -3.83
C GLY E 206 30.37 35.04 -3.43
N GLY E 207 31.05 36.06 -3.90
CA GLY E 207 30.67 37.43 -3.58
C GLY E 207 31.91 38.33 -3.58
N LEU E 208 31.97 39.22 -2.60
CA LEU E 208 33.05 40.19 -2.52
C LEU E 208 34.38 39.49 -2.25
N LEU E 209 35.41 39.86 -3.02
CA LEU E 209 36.73 39.31 -2.79
C LEU E 209 37.34 39.83 -1.50
N ASN E 210 36.94 41.03 -1.06
CA ASN E 210 37.43 41.57 0.20
C ASN E 210 37.14 40.62 1.36
N GLN E 211 35.97 39.97 1.33
CA GLN E 211 35.60 39.07 2.41
C GLN E 211 36.26 37.71 2.25
N ALA E 212 36.45 37.24 1.02
CA ALA E 212 37.22 36.02 0.80
C ALA E 212 38.62 36.16 1.36
N VAL E 213 39.27 37.28 1.06
CA VAL E 213 40.59 37.55 1.65
C VAL E 213 40.45 37.86 3.14
N GLY E 214 39.43 38.63 3.51
CA GLY E 214 39.27 39.01 4.90
C GLY E 214 38.98 37.83 5.81
N LEU E 215 38.04 36.98 5.41
CA LEU E 215 37.73 35.80 6.21
C LEU E 215 38.91 34.84 6.25
N SER E 216 39.61 34.69 5.13
CA SER E 216 40.77 33.79 5.09
C SER E 216 41.90 34.31 5.97
N ASN E 217 42.03 35.63 6.11
CA ASN E 217 43.12 36.21 6.88
C ASN E 217 42.93 36.08 8.38
N LEU E 218 41.73 35.71 8.84
CA LEU E 218 41.53 35.44 10.27
C LEU E 218 42.27 34.19 10.72
N PHE E 219 42.63 33.30 9.80
CA PHE E 219 43.17 31.99 10.15
C PHE E 219 44.56 31.73 9.63
N ILE E 220 45.01 32.45 8.60
CA ILE E 220 46.33 32.26 8.01
C ILE E 220 47.22 33.40 8.47
N LYS E 221 48.39 33.06 9.00
CA LYS E 221 49.26 34.05 9.64
C LYS E 221 50.26 34.66 8.68
N GLU E 222 50.67 33.93 7.64
CA GLU E 222 51.58 34.49 6.64
C GLU E 222 51.44 33.69 5.36
N GLY E 223 51.85 34.31 4.26
CA GLY E 223 51.82 33.68 2.96
C GLY E 223 50.80 34.31 2.03
N VAL E 224 50.86 33.88 0.78
CA VAL E 224 49.94 34.37 -0.25
C VAL E 224 48.59 33.71 -0.07
N LEU E 225 47.53 34.52 -0.02
CA LEU E 225 46.18 33.99 0.08
C LEU E 225 45.60 33.66 -1.29
N VAL E 226 45.74 34.57 -2.26
CA VAL E 226 45.23 34.37 -3.60
C VAL E 226 45.94 35.35 -4.53
N SER E 227 46.20 34.91 -5.76
CA SER E 227 46.78 35.74 -6.79
C SER E 227 45.77 35.95 -7.91
N GLN E 228 45.74 37.17 -8.44
CA GLN E 228 44.85 37.55 -9.54
C GLN E 228 45.72 38.05 -10.69
N LYS E 229 45.70 37.31 -11.80
CA LYS E 229 46.60 37.57 -12.91
C LYS E 229 45.82 37.69 -14.21
N GLY E 230 45.93 38.85 -14.86
CA GLY E 230 45.53 38.97 -16.25
C GLY E 230 46.67 38.50 -17.13
N LYS E 231 46.44 37.43 -17.90
CA LYS E 231 47.54 36.72 -18.53
C LYS E 231 48.34 37.58 -19.51
N ASN E 232 47.81 38.72 -19.92
CA ASN E 232 48.59 39.73 -20.63
C ASN E 232 48.67 40.98 -19.76
N LYS E 233 49.79 41.70 -19.89
CA LYS E 233 50.10 42.89 -19.10
C LYS E 233 50.32 42.54 -17.63
N GLU E 234 51.15 43.32 -16.94
CA GLU E 234 51.41 43.11 -15.52
C GLU E 234 50.48 43.96 -14.66
N GLU E 235 49.18 43.69 -14.81
CA GLU E 235 48.16 44.15 -13.89
C GLU E 235 47.87 43.12 -12.81
N SER E 236 48.78 42.18 -12.61
CA SER E 236 48.52 41.06 -11.70
C SER E 236 48.60 41.52 -10.25
N LEU E 237 47.69 40.98 -9.43
CA LEU E 237 47.61 41.30 -8.02
C LEU E 237 48.03 40.09 -7.19
N GLU E 238 48.58 40.36 -6.01
CA GLU E 238 48.99 39.31 -5.08
C GLU E 238 48.47 39.67 -3.70
N TYR E 239 47.62 38.81 -3.14
CA TYR E 239 46.96 39.05 -1.86
C TYR E 239 47.66 38.23 -0.80
N LYS E 240 48.50 38.88 0.00
CA LYS E 240 49.23 38.22 1.07
C LYS E 240 48.57 38.52 2.41
N ALA E 241 48.69 37.57 3.33
CA ALA E 241 48.11 37.74 4.66
C ALA E 241 48.92 38.74 5.47
N ASN E 242 48.21 39.60 6.21
CA ASN E 242 48.84 40.70 6.93
C ASN E 242 49.48 40.28 8.25
N GLY E 243 49.42 39.01 8.63
CA GLY E 243 49.96 38.57 9.90
C GLY E 243 49.10 38.87 11.10
N ARG E 244 48.07 39.71 10.94
CA ARG E 244 47.20 40.13 12.04
C ARG E 244 46.12 39.09 12.36
N ALA E 245 46.41 37.80 12.19
CA ALA E 245 45.40 36.75 12.33
C ALA E 245 45.24 36.34 13.79
N PRO E 246 44.02 36.38 14.33
CA PRO E 246 43.82 35.95 15.73
C PRO E 246 43.86 34.44 15.89
N TYR E 247 42.94 33.75 15.21
CA TYR E 247 42.70 32.33 15.41
C TYR E 247 43.60 31.53 14.46
N THR E 248 44.85 31.36 14.87
CA THR E 248 45.84 30.66 14.06
C THR E 248 45.94 29.18 14.38
N ASN E 249 45.65 28.78 15.62
CA ASN E 249 45.82 27.41 16.05
C ASN E 249 44.50 26.67 16.18
N LEU E 250 43.39 27.33 15.88
CA LEU E 250 42.07 26.77 16.13
C LEU E 250 41.73 25.76 15.03
N PRO E 251 41.41 24.52 15.37
CA PRO E 251 41.06 23.53 14.32
C PRO E 251 39.80 23.95 13.58
N ILE E 252 39.87 23.93 12.26
CA ILE E 252 38.77 24.33 11.40
C ILE E 252 38.60 23.32 10.28
N ALA E 253 37.36 22.90 10.04
CA ALA E 253 37.01 22.02 8.93
C ALA E 253 36.02 22.76 8.03
N VAL E 254 36.28 22.74 6.72
CA VAL E 254 35.50 23.49 5.75
C VAL E 254 34.64 22.54 4.95
N LEU E 255 33.34 22.84 4.87
CA LEU E 255 32.39 22.06 4.09
C LEU E 255 32.13 22.76 2.76
N VAL E 256 32.40 22.05 1.67
CA VAL E 256 32.18 22.57 0.32
C VAL E 256 31.38 21.55 -0.47
N ASN E 257 30.72 22.04 -1.52
CA ASN E 257 29.96 21.18 -2.41
C ASN E 257 30.01 21.79 -3.82
N GLY E 258 29.21 21.23 -4.73
CA GLY E 258 29.19 21.70 -6.11
C GLY E 258 28.71 23.13 -6.27
N GLY E 259 28.01 23.67 -5.27
CA GLY E 259 27.54 25.04 -5.31
C GLY E 259 28.52 26.07 -4.81
N SER E 260 29.63 25.64 -4.21
CA SER E 260 30.65 26.56 -3.71
C SER E 260 31.50 27.03 -4.86
N ALA E 261 31.51 28.34 -5.10
CA ALA E 261 32.21 28.91 -6.24
C ALA E 261 32.84 30.24 -5.87
N SER E 262 33.83 30.64 -6.68
CA SER E 262 34.48 31.95 -6.58
C SER E 262 35.08 32.19 -5.20
N ALA E 263 34.49 33.11 -4.44
CA ALA E 263 35.03 33.46 -3.12
C ALA E 263 35.03 32.26 -2.18
N SER E 264 34.06 31.36 -2.32
CA SER E 264 34.04 30.16 -1.49
C SER E 264 35.21 29.25 -1.81
N GLU E 265 35.63 29.20 -3.08
CA GLU E 265 36.78 28.38 -3.46
C GLU E 265 38.10 29.04 -3.13
N ILE E 266 38.13 30.36 -2.97
CA ILE E 266 39.34 31.04 -2.56
C ILE E 266 39.59 30.82 -1.08
N VAL E 267 38.55 30.95 -0.25
CA VAL E 267 38.69 30.72 1.19
C VAL E 267 39.13 29.28 1.45
N ALA E 268 38.36 28.31 0.94
CA ALA E 268 38.68 26.92 1.16
C ALA E 268 39.97 26.52 0.45
N GLY E 269 40.19 27.05 -0.75
CA GLY E 269 41.40 26.71 -1.48
C GLY E 269 42.66 27.24 -0.82
N ALA E 270 42.59 28.43 -0.22
CA ALA E 270 43.74 28.98 0.47
C ALA E 270 43.97 28.30 1.81
N LEU E 271 42.90 27.98 2.53
CA LEU E 271 43.04 27.23 3.76
C LEU E 271 43.57 25.83 3.49
N GLN E 272 43.30 25.29 2.29
CA GLN E 272 43.81 23.98 1.94
C GLN E 272 45.29 24.02 1.59
N ASP E 273 45.71 25.04 0.83
CA ASP E 273 47.09 25.10 0.36
C ASP E 273 48.07 25.31 1.51
N HIS E 274 47.68 26.08 2.53
CA HIS E 274 48.50 26.26 3.72
C HIS E 274 48.36 25.13 4.72
N LYS E 275 47.61 24.07 4.37
CA LYS E 275 47.34 22.97 5.29
C LYS E 275 46.70 23.48 6.59
N ARG E 276 45.95 24.58 6.48
CA ARG E 276 45.38 25.21 7.66
C ARG E 276 44.05 24.59 8.07
N ALA E 277 43.30 24.05 7.11
CA ALA E 277 42.03 23.41 7.39
C ALA E 277 41.91 22.17 6.52
N VAL E 278 40.98 21.29 6.90
CA VAL E 278 40.62 20.13 6.09
C VAL E 278 39.38 20.48 5.28
N ILE E 279 39.39 20.11 4.00
CA ILE E 279 38.30 20.42 3.09
C ILE E 279 37.45 19.17 2.93
N ILE E 280 36.18 19.26 3.29
CA ILE E 280 35.29 18.10 3.38
C ILE E 280 34.05 18.37 2.55
N GLY E 281 33.64 17.36 1.78
CA GLY E 281 32.42 17.47 0.99
C GLY E 281 32.53 16.85 -0.38
N GLU E 282 32.37 17.68 -1.41
CA GLU E 282 32.47 17.21 -2.79
C GLU E 282 33.05 18.34 -3.63
N LYS E 283 33.57 17.97 -4.81
CA LYS E 283 34.29 18.91 -5.65
C LYS E 283 33.44 20.15 -5.94
N THR E 284 34.07 21.31 -5.85
CA THR E 284 33.38 22.59 -5.95
C THR E 284 33.01 22.90 -7.40
N PHE E 285 32.32 24.03 -7.57
CA PHE E 285 31.88 24.46 -8.89
C PHE E 285 33.07 24.64 -9.84
N GLY E 286 34.04 25.46 -9.43
CA GLY E 286 35.18 25.72 -10.28
C GLY E 286 35.00 26.96 -11.14
N LYS E 287 34.74 28.10 -10.51
CA LYS E 287 34.77 29.40 -11.19
C LYS E 287 35.90 30.21 -10.58
N GLY E 288 37.00 30.34 -11.33
CA GLY E 288 38.13 31.14 -10.87
C GLY E 288 38.38 32.33 -11.75
N SER E 289 37.30 32.99 -12.18
CA SER E 289 37.38 34.12 -13.09
C SER E 289 36.88 35.38 -12.41
N VAL E 290 37.48 36.51 -12.77
CA VAL E 290 37.00 37.83 -12.37
C VAL E 290 36.63 38.59 -13.64
N GLN E 291 35.37 38.97 -13.74
CA GLN E 291 34.86 39.72 -14.88
C GLN E 291 34.86 41.21 -14.55
N MET E 292 35.07 42.03 -15.57
CA MET E 292 35.12 43.48 -15.43
C MET E 292 34.11 44.12 -16.38
N LEU E 293 33.35 45.08 -15.86
CA LEU E 293 32.47 45.88 -16.69
C LEU E 293 33.28 47.02 -17.28
N LEU E 294 33.47 47.01 -18.59
CA LEU E 294 34.25 48.03 -19.28
C LEU E 294 33.31 48.99 -20.01
N PRO E 295 33.04 50.18 -19.48
CA PRO E 295 32.16 51.12 -20.18
C PRO E 295 32.91 51.95 -21.20
N VAL E 296 34.00 51.40 -21.75
CA VAL E 296 34.87 52.16 -22.65
C VAL E 296 34.20 52.31 -24.01
N ASN E 297 32.98 52.84 -24.00
CA ASN E 297 32.29 53.31 -25.18
C ASN E 297 31.53 54.57 -24.76
N LYS E 298 30.84 55.21 -25.70
CA LYS E 298 30.11 56.42 -25.37
C LYS E 298 28.94 56.12 -24.43
N ASP E 299 28.11 55.13 -24.78
CA ASP E 299 26.90 54.83 -24.02
C ASP E 299 27.03 53.57 -23.18
N GLU E 300 27.34 52.44 -23.80
CA GLU E 300 27.13 51.13 -23.20
C GLU E 300 28.45 50.47 -22.85
N ALA E 301 28.37 49.48 -21.96
CA ALA E 301 29.50 48.74 -21.44
C ALA E 301 29.47 47.29 -21.90
N ILE E 302 30.61 46.62 -21.75
CA ILE E 302 30.72 45.19 -21.99
C ILE E 302 31.29 44.53 -20.75
N LYS E 303 30.83 43.31 -20.48
CA LYS E 303 31.36 42.50 -19.39
C LYS E 303 32.18 41.37 -20.01
N ILE E 304 33.48 41.39 -19.77
CA ILE E 304 34.37 40.33 -20.23
C ILE E 304 35.27 39.93 -19.07
N THR E 305 35.75 38.69 -19.13
CA THR E 305 36.72 38.25 -18.15
C THR E 305 38.03 39.01 -18.34
N THR E 306 38.56 39.57 -17.26
CA THR E 306 39.78 40.37 -17.30
C THR E 306 40.97 39.66 -16.70
N ALA E 307 40.78 38.91 -15.62
CA ALA E 307 41.82 38.09 -15.03
C ALA E 307 41.19 36.81 -14.50
N ARG E 308 42.03 35.91 -13.99
CA ARG E 308 41.56 34.70 -13.35
C ARG E 308 42.37 34.43 -12.09
N TYR E 309 41.74 33.76 -11.13
CA TYR E 309 42.32 33.57 -9.81
C TYR E 309 43.26 32.37 -9.78
N TYR E 310 44.32 32.49 -8.97
CA TYR E 310 45.31 31.45 -8.80
C TYR E 310 45.51 31.18 -7.31
N LEU E 311 45.57 29.89 -6.96
CA LEU E 311 45.73 29.48 -5.57
C LEU E 311 47.17 29.77 -5.11
N PRO E 312 47.40 29.75 -3.80
CA PRO E 312 48.78 29.93 -3.29
C PRO E 312 49.78 28.95 -3.88
N SER E 313 49.35 27.74 -4.22
CA SER E 313 50.19 26.76 -4.89
C SER E 313 50.34 27.03 -6.38
N GLY E 314 49.67 28.06 -6.90
CA GLY E 314 49.72 28.36 -8.32
C GLY E 314 48.67 27.64 -9.15
N ARG E 315 47.92 26.72 -8.56
CA ARG E 315 46.91 25.98 -9.31
C ARG E 315 45.73 26.86 -9.65
N THR E 316 45.16 26.65 -10.83
CA THR E 316 44.02 27.43 -11.28
C THR E 316 42.73 26.91 -10.68
N ILE E 317 41.81 27.85 -10.40
CA ILE E 317 40.44 27.49 -10.06
C ILE E 317 39.57 27.42 -11.33
N GLN E 318 40.08 27.94 -12.44
CA GLN E 318 39.26 28.23 -13.63
C GLN E 318 38.35 27.07 -14.01
N ALA E 319 38.95 25.92 -14.32
CA ALA E 319 38.17 24.73 -14.65
C ALA E 319 38.46 23.55 -13.73
N LYS E 320 39.44 23.66 -12.84
CA LYS E 320 39.78 22.55 -11.97
C LYS E 320 38.88 22.51 -10.74
N GLY E 321 38.61 23.66 -10.14
CA GLY E 321 37.98 23.70 -8.83
C GLY E 321 38.91 23.10 -7.80
N ILE E 322 38.41 23.04 -6.57
CA ILE E 322 39.13 22.41 -5.46
C ILE E 322 38.46 21.08 -5.15
N THR E 323 39.27 20.04 -4.97
CA THR E 323 38.78 18.71 -4.65
C THR E 323 38.97 18.45 -3.18
N PRO E 324 37.90 18.12 -2.43
CA PRO E 324 38.02 18.00 -0.98
C PRO E 324 39.08 17.00 -0.55
N ASP E 325 39.70 17.30 0.60
CA ASP E 325 40.57 16.32 1.24
C ASP E 325 39.80 15.06 1.62
N ILE E 326 38.53 15.23 2.01
CA ILE E 326 37.65 14.12 2.36
C ILE E 326 36.36 14.29 1.59
N VAL E 327 35.98 13.28 0.81
CA VAL E 327 34.82 13.34 -0.06
C VAL E 327 33.64 12.67 0.63
N ILE E 328 32.54 13.40 0.77
CA ILE E 328 31.32 12.90 1.41
C ILE E 328 30.12 13.42 0.62
N TYR E 329 29.32 12.51 0.05
CA TYR E 329 28.11 12.96 -0.61
C TYR E 329 26.94 12.99 0.37
N PRO E 330 25.98 13.89 0.16
CA PRO E 330 24.91 14.07 1.15
C PRO E 330 24.07 12.82 1.34
N GLY E 331 23.39 12.76 2.48
CA GLY E 331 22.61 11.61 2.87
C GLY E 331 22.50 11.53 4.37
N LYS E 332 21.59 10.68 4.83
CA LYS E 332 21.33 10.51 6.24
C LYS E 332 22.30 9.50 6.85
N VAL E 333 22.70 9.75 8.09
CA VAL E 333 23.67 8.89 8.78
C VAL E 333 23.04 7.54 9.05
N PRO E 334 23.78 6.44 8.88
CA PRO E 334 23.22 5.13 9.24
C PRO E 334 22.83 5.07 10.71
N GLU E 335 21.67 4.46 10.97
CA GLU E 335 21.03 4.54 12.27
C GLU E 335 21.44 3.38 13.17
N ASN E 336 21.13 3.53 14.45
CA ASN E 336 21.26 2.45 15.41
C ASN E 336 20.05 1.52 15.30
N GLU E 337 20.11 0.40 16.00
CA GLU E 337 19.05 -0.60 15.92
C GLU E 337 18.61 -1.08 17.30
N GLU E 379 19.80 29.11 18.96
CA GLU E 379 19.63 27.69 19.25
C GLU E 379 20.90 26.91 18.91
N VAL E 380 21.14 25.84 19.66
CA VAL E 380 22.33 25.02 19.54
C VAL E 380 22.13 24.09 18.34
N THR E 381 23.00 23.09 18.17
CA THR E 381 22.89 22.10 17.09
C THR E 381 22.58 20.73 17.69
N PRO E 382 21.30 20.42 17.97
CA PRO E 382 20.94 19.19 18.70
C PRO E 382 20.84 17.93 17.83
N LYS E 383 22.01 17.37 17.51
CA LYS E 383 22.11 16.17 16.67
C LYS E 383 21.31 16.31 15.38
N MET E 384 21.26 17.53 14.85
CA MET E 384 20.82 17.75 13.48
C MET E 384 21.79 17.11 12.48
N ILE E 385 22.98 16.73 12.94
CA ILE E 385 24.01 16.15 12.09
C ILE E 385 23.63 14.77 11.55
N ASN E 386 22.59 14.15 12.10
CA ASN E 386 22.13 12.87 11.59
C ASN E 386 21.36 13.00 10.28
N ASP E 387 20.96 14.21 9.90
CA ASP E 387 20.26 14.42 8.64
C ASP E 387 21.19 14.71 7.47
N ASP E 388 22.39 15.21 7.72
CA ASP E 388 23.41 15.37 6.68
C ASP E 388 24.72 14.78 7.19
N ILE E 389 25.14 13.67 6.56
CA ILE E 389 26.36 13.00 6.95
C ILE E 389 27.59 13.86 6.68
N GLN E 390 27.45 14.87 5.83
CA GLN E 390 28.57 15.78 5.57
C GLN E 390 28.94 16.58 6.81
N LEU E 391 27.94 17.00 7.58
CA LEU E 391 28.21 17.75 8.81
C LEU E 391 28.86 16.87 9.87
N LYS E 392 28.40 15.61 9.98
CA LYS E 392 28.99 14.69 10.94
C LYS E 392 30.46 14.40 10.60
N THR E 393 30.77 14.26 9.31
CA THR E 393 32.14 14.03 8.91
C THR E 393 33.03 15.21 9.30
N ALA E 394 32.51 16.42 9.20
CA ALA E 394 33.28 17.60 9.59
C ALA E 394 33.60 17.57 11.08
N ILE E 395 32.59 17.27 11.91
CA ILE E 395 32.81 17.22 13.35
C ILE E 395 33.77 16.09 13.70
N ASP E 396 33.66 14.96 13.00
CA ASP E 396 34.56 13.84 13.27
C ASP E 396 36.00 14.18 12.90
N SER E 397 36.20 15.07 11.92
CA SER E 397 37.55 15.50 11.58
C SER E 397 38.10 16.48 12.61
N LEU E 398 37.24 17.28 13.25
CA LEU E 398 37.70 18.11 14.36
C LEU E 398 38.02 17.27 15.58
N LYS E 399 37.31 16.16 15.77
CA LYS E 399 37.62 15.28 16.89
C LYS E 399 38.99 14.64 16.71
N THR E 400 39.38 14.35 15.47
CA THR E 400 40.73 13.85 15.22
C THR E 400 41.76 14.96 15.40
N TRP E 401 41.43 16.17 14.97
CA TRP E 401 42.25 17.35 15.26
C TRP E 401 42.63 17.42 16.73
N SER E 402 41.61 17.43 17.60
CA SER E 402 41.84 17.68 19.02
C SER E 402 42.66 16.58 19.67
N ILE E 403 42.49 15.33 19.23
CA ILE E 403 43.29 14.24 19.79
C ILE E 403 44.76 14.44 19.44
N VAL E 404 45.06 14.80 18.20
CA VAL E 404 46.44 15.03 17.79
C VAL E 404 47.05 16.19 18.58
N ASP E 405 46.24 17.22 18.86
CA ASP E 405 46.73 18.33 19.67
C ASP E 405 46.86 17.93 21.13
N GLU E 406 46.01 17.00 21.62
CA GLU E 406 46.12 16.53 22.98
C GLU E 406 47.34 15.65 23.20
N LYS E 407 47.85 15.01 22.14
CA LYS E 407 49.01 14.13 22.29
C LYS E 407 50.25 14.90 22.73
N MET E 408 50.31 16.19 22.44
CA MET E 408 51.49 16.99 22.72
C MET E 408 51.33 17.81 23.99
N MET F 8 33.06 52.45 -41.08
CA MET F 8 31.60 52.54 -41.04
C MET F 8 31.05 52.23 -39.65
N PHE F 9 31.36 51.03 -39.15
CA PHE F 9 30.85 50.55 -37.86
C PHE F 9 31.91 50.78 -36.80
N SER F 10 31.79 51.90 -36.07
CA SER F 10 32.77 52.24 -35.05
C SER F 10 32.55 51.49 -33.75
N ARG F 11 31.29 51.24 -33.39
CA ARG F 11 31.01 50.52 -32.15
C ARG F 11 31.65 49.14 -32.13
N PHE F 12 31.73 48.48 -33.29
CA PHE F 12 32.39 47.18 -33.37
C PHE F 12 33.88 47.31 -33.11
N SER F 13 34.52 48.33 -33.69
CA SER F 13 35.96 48.53 -33.48
C SER F 13 36.28 48.86 -32.03
N ASN F 14 35.39 49.56 -31.33
CA ASN F 14 35.65 49.88 -29.93
C ASN F 14 35.54 48.64 -29.06
N VAL F 15 34.61 47.74 -29.37
CA VAL F 15 34.53 46.48 -28.64
C VAL F 15 35.75 45.61 -28.93
N VAL F 16 36.17 45.55 -30.20
CA VAL F 16 37.34 44.76 -30.57
C VAL F 16 38.59 45.29 -29.87
N SER F 17 38.70 46.62 -29.75
CA SER F 17 39.89 47.20 -29.14
C SER F 17 39.96 46.88 -27.65
N GLU F 18 38.81 46.87 -26.97
CA GLU F 18 38.83 46.65 -25.53
C GLU F 18 39.16 45.21 -25.17
N ILE F 19 38.62 44.25 -25.93
CA ILE F 19 38.99 42.86 -25.69
C ILE F 19 40.43 42.62 -26.11
N GLU F 20 40.91 43.31 -27.15
CA GLU F 20 42.32 43.24 -27.49
C GLU F 20 43.18 43.91 -26.42
N LYS F 21 42.60 44.83 -25.65
CA LYS F 21 43.33 45.56 -24.62
C LYS F 21 43.27 44.87 -23.26
N LYS F 22 42.08 44.43 -22.84
CA LYS F 22 41.84 44.07 -21.45
C LYS F 22 41.37 42.63 -21.24
N TYR F 23 41.25 41.82 -22.28
CA TYR F 23 40.86 40.43 -22.08
C TYR F 23 42.00 39.66 -21.43
N VAL F 24 41.64 38.54 -20.78
CA VAL F 24 42.64 37.74 -20.06
C VAL F 24 43.70 37.22 -21.02
N ASP F 25 43.28 36.50 -22.04
CA ASP F 25 44.19 35.79 -22.92
C ASP F 25 44.67 36.68 -24.05
N LYS F 26 45.93 36.49 -24.42
CA LYS F 26 46.53 37.19 -25.55
C LYS F 26 45.79 36.80 -26.84
N ILE F 27 45.00 37.73 -27.38
CA ILE F 27 44.14 37.44 -28.52
C ILE F 27 44.36 38.51 -29.58
N SER F 28 44.28 38.10 -30.84
CA SER F 28 44.55 38.94 -31.99
C SER F 28 43.32 39.00 -32.91
N ILE F 29 43.45 39.83 -33.95
CA ILE F 29 42.34 40.12 -34.85
C ILE F 29 41.86 38.86 -35.56
N SER F 30 42.78 37.93 -35.86
CA SER F 30 42.41 36.76 -36.66
C SER F 30 41.35 35.91 -35.96
N GLU F 31 41.48 35.70 -34.65
CA GLU F 31 40.43 35.00 -33.93
C GLU F 31 39.21 35.87 -33.69
N ILE F 32 39.43 37.15 -33.37
CA ILE F 32 38.30 38.03 -33.04
C ILE F 32 37.35 38.14 -34.21
N MET F 33 37.88 38.26 -35.42
CA MET F 33 37.02 38.35 -36.60
C MET F 33 36.30 37.04 -36.85
N THR F 34 37.00 35.91 -36.64
CA THR F 34 36.36 34.62 -36.79
C THR F 34 35.26 34.42 -35.75
N LYS F 35 35.52 34.78 -34.50
CA LYS F 35 34.50 34.66 -33.47
C LYS F 35 33.34 35.62 -33.67
N ALA F 36 33.59 36.75 -34.32
CA ALA F 36 32.52 37.70 -34.63
C ALA F 36 31.64 37.19 -35.76
N ILE F 37 32.25 36.59 -36.79
CA ILE F 37 31.48 36.03 -37.89
C ILE F 37 30.64 34.87 -37.41
N GLU F 38 31.25 33.95 -36.64
CA GLU F 38 30.50 32.83 -36.07
C GLU F 38 29.44 33.32 -35.11
N GLY F 39 29.73 34.39 -34.36
CA GLY F 39 28.74 34.92 -33.43
C GLY F 39 27.61 35.63 -34.14
N LEU F 40 27.92 36.40 -35.17
CA LEU F 40 26.89 37.09 -35.94
C LEU F 40 25.93 36.10 -36.59
N LEU F 41 26.48 35.06 -37.24
CA LEU F 41 25.62 34.07 -37.88
C LEU F 41 24.84 33.24 -36.87
N SER F 42 25.43 32.96 -35.71
CA SER F 42 24.71 32.20 -34.68
C SER F 42 23.54 32.97 -34.12
N ASN F 43 23.55 34.30 -34.22
CA ASN F 43 22.48 35.13 -33.69
C ASN F 43 21.47 35.57 -34.76
N LEU F 44 21.63 35.13 -36.01
CA LEU F 44 20.63 35.44 -37.02
C LEU F 44 19.60 34.33 -37.12
N ASP F 45 20.07 33.10 -37.27
CA ASP F 45 19.21 31.93 -37.40
C ASP F 45 20.01 30.71 -36.95
N ALA F 46 19.29 29.64 -36.64
CA ALA F 46 19.91 28.40 -36.19
C ALA F 46 20.35 27.49 -37.34
N HIS F 47 20.11 27.88 -38.58
CA HIS F 47 20.49 27.05 -39.72
C HIS F 47 21.72 27.56 -40.46
N SER F 48 22.37 28.60 -39.93
CA SER F 48 23.54 29.20 -40.58
C SER F 48 24.83 28.52 -40.14
N ALA F 49 25.84 28.62 -41.02
CA ALA F 49 27.18 28.14 -40.70
C ALA F 49 28.18 28.95 -41.52
N TYR F 50 29.34 29.19 -40.94
CA TYR F 50 30.44 29.87 -41.60
C TYR F 50 31.54 28.86 -41.89
N LEU F 51 32.01 28.83 -43.14
CA LEU F 51 32.97 27.83 -43.61
C LEU F 51 34.32 28.51 -43.85
N ASN F 52 35.29 28.23 -42.98
CA ASN F 52 36.63 28.75 -43.15
C ASN F 52 37.29 28.13 -44.37
N GLU F 53 38.35 28.78 -44.86
CA GLU F 53 39.03 28.34 -46.08
C GLU F 53 39.34 26.85 -46.04
N LYS F 54 39.86 26.36 -44.92
CA LYS F 54 40.24 24.96 -44.82
C LYS F 54 39.01 24.07 -44.63
N LYS F 55 38.00 24.55 -43.90
CA LYS F 55 36.76 23.79 -43.76
C LYS F 55 35.84 23.94 -44.97
N PHE F 56 36.05 24.96 -45.79
CA PHE F 56 35.32 25.07 -47.05
C PHE F 56 35.82 24.04 -48.05
N LYS F 57 37.14 23.82 -48.10
CA LYS F 57 37.70 22.83 -49.01
C LYS F 57 37.50 21.41 -48.51
N GLU F 58 37.35 21.22 -47.19
CA GLU F 58 36.88 19.93 -46.69
C GLU F 58 35.43 19.70 -47.09
N PHE F 59 34.59 20.74 -46.98
CA PHE F 59 33.19 20.62 -47.38
C PHE F 59 33.09 20.34 -48.88
N GLN F 60 34.00 20.90 -49.67
CA GLN F 60 34.03 20.65 -51.11
C GLN F 60 34.48 19.23 -51.44
N ALA F 61 35.04 18.51 -50.47
CA ALA F 61 35.48 17.13 -50.70
C ALA F 61 35.10 16.23 -49.52
N GLY F 68 25.04 5.20 -49.00
CA GLY F 68 24.33 4.58 -47.90
C GLY F 68 24.29 5.44 -46.66
N GLY F 69 23.28 5.21 -45.83
CA GLY F 69 23.11 6.01 -44.63
C GLY F 69 22.32 5.27 -43.57
N LEU F 70 21.93 6.02 -42.55
CA LEU F 70 21.17 5.48 -41.43
C LEU F 70 19.67 5.65 -41.61
N GLY F 71 19.25 6.73 -42.26
CA GLY F 71 17.83 7.03 -42.40
C GLY F 71 17.29 8.03 -41.42
N ILE F 72 18.14 8.88 -40.83
CA ILE F 72 17.71 9.91 -39.90
C ILE F 72 17.67 11.25 -40.62
N THR F 73 16.53 11.91 -40.57
CA THR F 73 16.42 13.30 -40.96
C THR F 73 16.62 14.16 -39.72
N VAL F 74 17.65 15.00 -39.73
CA VAL F 74 18.02 15.77 -38.56
C VAL F 74 17.73 17.24 -38.83
N GLY F 75 17.31 17.94 -37.77
CA GLY F 75 17.06 19.37 -37.84
C GLY F 75 17.38 19.99 -36.51
N MET F 76 17.09 21.29 -36.39
CA MET F 76 17.38 22.04 -35.17
C MET F 76 16.12 22.73 -34.69
N ARG F 77 15.82 22.56 -33.39
CA ARG F 77 14.70 23.21 -32.73
C ARG F 77 15.06 23.37 -31.26
N ASP F 78 14.60 24.48 -30.68
CA ASP F 78 15.02 24.89 -29.33
C ASP F 78 16.53 25.04 -29.23
N GLY F 79 17.16 25.41 -30.35
CA GLY F 79 18.60 25.63 -30.40
C GLY F 79 19.47 24.40 -30.30
N VAL F 80 18.90 23.20 -30.39
CA VAL F 80 19.67 21.97 -30.26
C VAL F 80 19.34 21.03 -31.41
N LEU F 81 20.33 20.21 -31.77
CA LEU F 81 20.18 19.25 -32.86
C LEU F 81 19.19 18.17 -32.46
N THR F 82 18.10 18.05 -33.23
CA THR F 82 17.04 17.10 -32.92
C THR F 82 16.68 16.28 -34.14
N VAL F 83 16.29 15.03 -33.90
CA VAL F 83 15.79 14.16 -34.95
C VAL F 83 14.36 14.58 -35.30
N ILE F 84 14.15 14.96 -36.56
CA ILE F 84 12.78 15.21 -37.02
C ILE F 84 11.99 13.91 -37.07
N ALA F 85 12.45 12.95 -37.87
CA ALA F 85 11.86 11.62 -37.94
C ALA F 85 12.80 10.67 -38.66
N PRO F 86 12.95 9.43 -38.19
CA PRO F 86 13.64 8.42 -39.01
C PRO F 86 12.73 7.90 -40.10
N LEU F 87 13.32 7.68 -41.28
CA LEU F 87 12.52 7.26 -42.43
C LEU F 87 12.03 5.83 -42.25
N GLU F 88 10.82 5.59 -42.75
CA GLU F 88 10.18 4.30 -42.56
C GLU F 88 10.97 3.17 -43.22
N GLY F 89 11.27 2.13 -42.45
CA GLY F 89 11.96 0.96 -42.95
C GLY F 89 13.46 1.08 -43.04
N THR F 90 14.05 2.18 -42.61
CA THR F 90 15.49 2.38 -42.66
C THR F 90 16.14 1.81 -41.40
N PRO F 91 17.46 1.55 -41.45
CA PRO F 91 18.15 1.01 -40.26
C PRO F 91 17.90 1.79 -38.97
N ALA F 92 17.87 3.12 -39.04
CA ALA F 92 17.63 3.89 -37.82
C ALA F 92 16.21 3.67 -37.30
N TYR F 93 15.23 3.58 -38.20
CA TYR F 93 13.86 3.32 -37.78
C TYR F 93 13.76 1.95 -37.11
N LYS F 94 14.41 0.94 -37.69
CA LYS F 94 14.41 -0.38 -37.08
C LYS F 94 15.21 -0.40 -35.78
N ALA F 95 16.20 0.50 -35.64
CA ALA F 95 17.01 0.52 -34.43
C ALA F 95 16.28 1.12 -33.24
N GLY F 96 15.22 1.89 -33.49
CA GLY F 96 14.42 2.45 -32.42
C GLY F 96 14.64 3.90 -32.06
N VAL F 97 15.27 4.70 -32.92
CA VAL F 97 15.30 6.14 -32.69
C VAL F 97 13.94 6.71 -33.08
N LYS F 98 13.50 7.72 -32.34
CA LYS F 98 12.16 8.27 -32.49
C LYS F 98 12.24 9.77 -32.73
N SER F 99 11.10 10.35 -33.08
CA SER F 99 11.04 11.79 -33.34
C SER F 99 11.28 12.58 -32.07
N GLY F 100 11.86 13.77 -32.24
CA GLY F 100 12.17 14.63 -31.12
C GLY F 100 13.41 14.25 -30.33
N ASP F 101 14.05 13.13 -30.67
CA ASP F 101 15.26 12.73 -29.99
C ASP F 101 16.36 13.77 -30.18
N ASN F 102 16.96 14.22 -29.09
CA ASN F 102 18.07 15.17 -29.12
C ASN F 102 19.39 14.39 -29.17
N ILE F 103 20.19 14.62 -30.20
CA ILE F 103 21.47 13.94 -30.36
C ILE F 103 22.55 14.69 -29.59
N LEU F 104 23.22 13.99 -28.68
CA LEU F 104 24.29 14.58 -27.88
C LEU F 104 25.68 14.18 -28.36
N LYS F 105 25.85 12.95 -28.83
CA LYS F 105 27.13 12.46 -29.29
C LYS F 105 26.94 11.52 -30.47
N ILE F 106 27.80 11.68 -31.48
CA ILE F 106 27.95 10.71 -32.55
C ILE F 106 29.41 10.26 -32.56
N ASN F 107 29.62 8.95 -32.44
CA ASN F 107 30.96 8.38 -32.33
C ASN F 107 31.75 9.04 -31.22
N ASN F 108 32.77 9.83 -31.59
CA ASN F 108 33.65 10.47 -30.63
C ASN F 108 33.21 11.89 -30.27
N GLU F 109 32.48 12.56 -31.16
CA GLU F 109 32.28 14.00 -31.09
C GLU F 109 30.93 14.33 -30.46
N SER F 110 30.92 15.37 -29.62
CA SER F 110 29.68 15.89 -29.06
C SER F 110 29.04 16.86 -30.05
N THR F 111 27.71 16.83 -30.10
CA THR F 111 26.96 17.61 -31.08
C THR F 111 26.38 18.90 -30.50
N LEU F 112 26.73 19.25 -29.27
CA LEU F 112 26.17 20.46 -28.65
C LEU F 112 26.70 21.74 -29.27
N SER F 113 27.52 21.65 -30.32
CA SER F 113 28.04 22.82 -31.02
C SER F 113 28.55 22.35 -32.39
N MET F 114 27.73 21.55 -33.06
CA MET F 114 28.05 20.98 -34.37
C MET F 114 26.98 21.40 -35.36
N SER F 115 27.38 21.54 -36.62
CA SER F 115 26.48 22.01 -37.66
C SER F 115 25.67 20.85 -38.23
N ILE F 116 24.52 21.20 -38.83
CA ILE F 116 23.64 20.21 -39.40
C ILE F 116 24.34 19.38 -40.48
N ASP F 117 25.13 20.04 -41.33
CA ASP F 117 25.81 19.34 -42.40
C ASP F 117 26.94 18.48 -41.86
N ASP F 118 27.58 18.90 -40.76
CA ASP F 118 28.60 18.07 -40.14
C ASP F 118 28.00 16.80 -39.57
N ALA F 119 26.76 16.86 -39.07
CA ALA F 119 26.09 15.66 -38.58
C ALA F 119 25.68 14.75 -39.72
N ILE F 120 25.19 15.33 -40.82
CA ILE F 120 24.80 14.52 -41.97
C ILE F 120 26.03 13.83 -42.58
N ASN F 121 27.16 14.53 -42.63
CA ASN F 121 28.36 13.94 -43.19
C ASN F 121 28.92 12.84 -42.32
N LEU F 122 28.73 12.93 -41.01
CA LEU F 122 29.17 11.87 -40.11
C LEU F 122 28.26 10.65 -40.16
N MET F 123 26.95 10.84 -40.36
CA MET F 123 26.04 9.72 -40.32
C MET F 123 26.05 8.93 -41.62
N ARG F 124 26.08 9.62 -42.77
CA ARG F 124 26.15 8.95 -44.05
C ARG F 124 27.56 8.47 -44.33
N GLY F 125 27.67 7.39 -45.11
CA GLY F 125 28.98 6.85 -45.41
C GLY F 125 28.87 5.51 -46.11
N LYS F 126 29.95 4.74 -46.00
CA LYS F 126 30.07 3.47 -46.71
C LYS F 126 29.09 2.45 -46.15
N PRO F 127 28.40 1.69 -46.99
CA PRO F 127 27.38 0.76 -46.50
C PRO F 127 27.96 -0.31 -45.58
N LYS F 128 27.13 -0.79 -44.66
CA LYS F 128 27.46 -1.86 -43.73
C LYS F 128 28.68 -1.51 -42.88
N THR F 129 28.72 -0.26 -42.40
CA THR F 129 29.72 0.16 -41.44
C THR F 129 29.02 0.65 -40.16
N PRO F 130 29.57 0.36 -38.99
CA PRO F 130 28.90 0.73 -37.74
C PRO F 130 29.06 2.20 -37.37
N ILE F 131 28.05 2.70 -36.65
CA ILE F 131 28.07 4.04 -36.06
C ILE F 131 27.45 3.95 -34.67
N GLN F 132 27.97 4.76 -33.75
CA GLN F 132 27.41 4.90 -32.41
C GLN F 132 26.93 6.33 -32.21
N ILE F 133 25.67 6.46 -31.80
CA ILE F 133 25.07 7.77 -31.51
C ILE F 133 24.40 7.69 -30.14
N THR F 134 24.51 8.77 -29.37
CA THR F 134 23.91 8.86 -28.03
C THR F 134 22.90 9.99 -27.99
N ILE F 135 21.70 9.69 -27.50
CA ILE F 135 20.58 10.62 -27.52
C ILE F 135 19.95 10.71 -26.14
N VAL F 136 19.18 11.78 -25.94
CA VAL F 136 18.44 12.01 -24.70
C VAL F 136 16.96 12.16 -25.05
N ARG F 137 16.10 11.69 -24.15
CA ARG F 137 14.67 11.67 -24.37
C ARG F 137 13.91 12.34 -23.22
N LYS F 138 12.60 12.49 -23.40
CA LYS F 138 11.72 13.01 -22.37
C LYS F 138 11.06 11.94 -21.52
N ASN F 139 11.11 10.68 -21.95
CA ASN F 139 10.52 9.58 -21.20
C ASN F 139 11.46 8.85 -20.26
N GLU F 140 12.76 8.92 -20.49
CA GLU F 140 13.71 8.12 -19.73
C GLU F 140 14.80 9.00 -19.12
N PRO F 141 15.26 8.65 -17.92
CA PRO F 141 16.32 9.46 -17.28
C PRO F 141 17.69 9.16 -17.86
N LYS F 142 17.87 7.95 -18.38
CA LYS F 142 19.17 7.51 -18.86
C LYS F 142 19.39 7.97 -20.30
N PRO F 143 20.63 8.32 -20.67
CA PRO F 143 20.92 8.53 -22.09
C PRO F 143 20.97 7.20 -22.83
N LEU F 144 20.45 7.19 -24.05
CA LEU F 144 20.43 6.01 -24.88
C LEU F 144 21.61 6.01 -25.86
N VAL F 145 22.24 4.85 -26.01
CA VAL F 145 23.35 4.66 -26.94
C VAL F 145 22.89 3.67 -28.00
N PHE F 146 22.90 4.09 -29.26
CA PHE F 146 22.46 3.26 -30.36
C PHE F 146 23.65 2.89 -31.23
N ASN F 147 23.88 1.59 -31.40
CA ASN F 147 24.91 1.07 -32.29
C ASN F 147 24.20 0.60 -33.56
N ILE F 148 24.26 1.41 -34.61
CA ILE F 148 23.52 1.16 -35.83
C ILE F 148 24.47 1.15 -37.02
N ILE F 149 24.16 0.32 -38.01
CA ILE F 149 25.01 0.09 -39.16
C ILE F 149 24.35 0.71 -40.40
N ARG F 150 25.13 1.44 -41.18
CA ARG F 150 24.64 2.08 -42.39
C ARG F 150 24.19 1.04 -43.41
N ASP F 151 23.37 1.48 -44.36
CA ASP F 151 22.85 0.58 -45.38
C ASP F 151 22.44 1.39 -46.60
N ILE F 152 22.29 0.69 -47.73
CA ILE F 152 21.79 1.32 -48.94
C ILE F 152 20.33 1.70 -48.72
N ILE F 153 20.02 2.98 -48.97
CA ILE F 153 18.70 3.52 -48.65
C ILE F 153 17.75 3.14 -49.77
N LYS F 154 16.90 2.13 -49.53
CA LYS F 154 15.83 1.75 -50.42
C LYS F 154 14.50 1.99 -49.70
N LEU F 155 13.55 2.60 -50.41
CA LEU F 155 12.27 2.90 -49.77
C LEU F 155 11.15 2.98 -50.81
N PRO F 156 10.24 2.00 -50.83
CA PRO F 156 8.96 2.21 -51.53
C PRO F 156 8.19 3.33 -50.87
N SER F 157 8.24 4.52 -51.47
CA SER F 157 7.76 5.72 -50.79
C SER F 157 6.25 5.70 -50.57
N VAL F 158 5.50 4.99 -51.40
CA VAL F 158 4.04 5.00 -51.33
C VAL F 158 3.51 3.58 -51.45
N TYR F 159 2.57 3.23 -50.58
CA TYR F 159 1.74 2.04 -50.76
C TYR F 159 0.30 2.42 -50.44
N VAL F 160 -0.63 1.73 -51.11
CA VAL F 160 -2.04 2.04 -51.03
C VAL F 160 -2.80 0.78 -50.62
N LYS F 161 -3.67 0.90 -49.62
CA LYS F 161 -4.43 -0.22 -49.08
C LYS F 161 -5.90 0.12 -48.98
N LYS F 162 -6.75 -0.83 -49.34
CA LYS F 162 -8.17 -0.71 -49.11
C LYS F 162 -8.48 -0.90 -47.62
N ILE F 163 -9.42 -0.12 -47.11
CA ILE F 163 -9.81 -0.18 -45.70
C ILE F 163 -11.03 -1.10 -45.61
N LYS F 164 -10.91 -2.14 -44.79
CA LYS F 164 -11.93 -3.19 -44.78
C LYS F 164 -13.24 -2.68 -44.18
N GLU F 165 -14.36 -3.13 -44.76
CA GLU F 165 -15.71 -2.79 -44.36
C GLU F 165 -16.07 -1.33 -44.60
N THR F 166 -15.20 -0.57 -45.26
CA THR F 166 -15.46 0.80 -45.66
C THR F 166 -15.12 0.96 -47.11
N PRO F 167 -15.72 1.94 -47.80
CA PRO F 167 -15.31 2.22 -49.18
C PRO F 167 -13.98 2.96 -49.28
N TYR F 168 -13.43 3.40 -48.15
CA TYR F 168 -12.32 4.35 -48.16
C TYR F 168 -11.00 3.64 -48.39
N LEU F 169 -9.99 4.44 -48.72
CA LEU F 169 -8.68 3.94 -49.13
C LEU F 169 -7.58 4.61 -48.33
N TYR F 170 -6.59 3.81 -47.94
CA TYR F 170 -5.46 4.26 -47.13
C TYR F 170 -4.27 4.55 -48.03
N VAL F 171 -3.82 5.80 -48.07
CA VAL F 171 -2.67 6.19 -48.86
C VAL F 171 -1.55 6.58 -47.91
N ARG F 172 -0.48 5.80 -47.90
CA ARG F 172 0.67 6.03 -47.04
C ARG F 172 1.83 6.59 -47.86
N VAL F 173 2.30 7.77 -47.50
CA VAL F 173 3.48 8.38 -48.11
C VAL F 173 4.58 8.41 -47.06
N SER F 174 5.57 7.52 -47.22
CA SER F 174 6.65 7.42 -46.24
C SER F 174 7.65 8.55 -46.36
N GLY F 175 7.83 9.10 -47.56
CA GLY F 175 8.75 10.19 -47.80
C GLY F 175 8.62 10.69 -49.22
N PHE F 176 8.96 11.95 -49.44
CA PHE F 176 8.79 12.58 -50.75
C PHE F 176 10.01 12.32 -51.61
N ASP F 177 10.01 11.17 -52.29
CA ASP F 177 11.03 10.85 -53.28
C ASP F 177 10.50 11.21 -54.68
N LYS F 178 11.35 11.01 -55.69
CA LYS F 178 11.05 11.45 -57.05
C LYS F 178 9.85 10.75 -57.70
N ASN F 179 9.07 9.91 -57.01
CA ASN F 179 7.99 9.18 -57.68
C ASN F 179 6.70 9.14 -56.88
N VAL F 180 6.54 10.03 -55.89
CA VAL F 180 5.38 9.94 -54.99
C VAL F 180 4.09 10.27 -55.74
N THR F 181 4.11 11.35 -56.53
CA THR F 181 2.89 11.77 -57.21
C THR F 181 2.40 10.71 -58.19
N LYS F 182 3.33 10.05 -58.88
CA LYS F 182 2.94 9.02 -59.83
C LYS F 182 2.33 7.81 -59.14
N SER F 183 2.94 7.35 -58.04
CA SER F 183 2.45 6.17 -57.34
C SER F 183 1.06 6.41 -56.74
N VAL F 184 0.78 7.64 -56.33
CA VAL F 184 -0.55 7.97 -55.82
C VAL F 184 -1.59 7.96 -56.93
N LEU F 185 -1.29 8.63 -58.04
CA LEU F 185 -2.25 8.72 -59.14
C LEU F 185 -2.60 7.35 -59.69
N GLU F 186 -1.62 6.46 -59.80
CA GLU F 186 -1.89 5.12 -60.32
C GLU F 186 -2.75 4.32 -59.34
N GLY F 187 -2.50 4.47 -58.04
CA GLY F 187 -3.29 3.77 -57.05
C GLY F 187 -4.73 4.25 -56.99
N LEU F 188 -4.96 5.54 -57.23
CA LEU F 188 -6.33 6.04 -57.26
C LEU F 188 -7.07 5.61 -58.51
N LYS F 189 -6.37 5.46 -59.64
CA LYS F 189 -7.00 4.93 -60.84
C LYS F 189 -7.34 3.45 -60.68
N ALA F 190 -6.51 2.70 -59.96
CA ALA F 190 -6.77 1.28 -59.72
C ALA F 190 -7.95 1.05 -58.80
N ASN F 191 -8.43 2.07 -58.10
CA ASN F 191 -9.57 1.97 -57.19
C ASN F 191 -10.56 3.08 -57.53
N PRO F 192 -11.28 2.95 -58.65
CA PRO F 192 -12.17 4.03 -59.08
C PRO F 192 -13.43 4.20 -58.23
N LYS F 193 -13.65 3.33 -57.24
CA LYS F 193 -14.84 3.40 -56.40
C LYS F 193 -14.48 3.74 -54.95
N ALA F 194 -13.38 4.48 -54.76
CA ALA F 194 -12.84 4.68 -53.41
C ALA F 194 -13.75 5.58 -52.56
N LYS F 195 -14.21 6.69 -53.13
CA LYS F 195 -15.07 7.65 -52.45
C LYS F 195 -14.41 8.31 -51.23
N GLY F 196 -13.11 8.13 -51.04
CA GLY F 196 -12.41 8.78 -49.94
C GLY F 196 -10.99 8.31 -49.69
N ILE F 197 -10.13 9.21 -49.21
CA ILE F 197 -8.71 8.92 -49.00
C ILE F 197 -8.34 9.25 -47.57
N VAL F 198 -7.63 8.34 -46.91
CA VAL F 198 -6.90 8.62 -45.69
C VAL F 198 -5.45 8.80 -46.09
N LEU F 199 -5.00 10.04 -46.25
CA LEU F 199 -3.64 10.33 -46.70
C LEU F 199 -2.74 10.42 -45.48
N ASP F 200 -1.98 9.35 -45.22
CA ASP F 200 -1.16 9.24 -44.01
C ASP F 200 0.26 9.64 -44.39
N LEU F 201 0.66 10.84 -43.98
CA LEU F 201 2.03 11.31 -44.13
C LEU F 201 2.67 11.57 -42.77
N ARG F 202 2.24 10.83 -41.75
CA ARG F 202 2.84 10.95 -40.42
C ARG F 202 4.27 10.43 -40.43
N GLY F 203 5.10 11.05 -39.59
CA GLY F 203 6.51 10.68 -39.53
C GLY F 203 7.25 10.86 -40.82
N ASN F 204 6.75 11.71 -41.71
CA ASN F 204 7.35 11.94 -43.01
C ASN F 204 8.10 13.25 -42.96
N PRO F 205 9.44 13.25 -42.90
CA PRO F 205 10.19 14.49 -42.73
C PRO F 205 10.31 15.34 -43.99
N GLY F 206 9.66 14.96 -45.08
CA GLY F 206 9.65 15.77 -46.28
C GLY F 206 10.45 15.20 -47.43
N GLY F 207 11.06 16.06 -48.22
CA GLY F 207 11.78 15.63 -49.39
C GLY F 207 11.68 16.69 -50.49
N LEU F 208 11.49 16.22 -51.72
CA LEU F 208 11.56 17.10 -52.88
C LEU F 208 10.35 18.03 -52.94
N LEU F 209 10.62 19.31 -53.19
CA LEU F 209 9.54 20.29 -53.30
C LEU F 209 8.66 20.02 -54.52
N ASN F 210 9.24 19.48 -55.60
CA ASN F 210 8.47 19.22 -56.81
C ASN F 210 7.38 18.19 -56.58
N GLN F 211 7.57 17.27 -55.63
CA GLN F 211 6.55 16.29 -55.34
C GLN F 211 5.49 16.81 -54.38
N ALA F 212 5.85 17.76 -53.51
CA ALA F 212 4.85 18.41 -52.68
C ALA F 212 3.88 19.21 -53.53
N VAL F 213 4.41 20.00 -54.47
CA VAL F 213 3.55 20.73 -55.40
C VAL F 213 2.82 19.76 -56.31
N GLY F 214 3.52 18.70 -56.76
CA GLY F 214 2.89 17.74 -57.66
C GLY F 214 1.76 16.98 -56.99
N LEU F 215 1.98 16.52 -55.76
CA LEU F 215 0.93 15.78 -55.05
C LEU F 215 -0.24 16.68 -54.69
N SER F 216 0.03 17.92 -54.27
CA SER F 216 -1.05 18.85 -53.98
C SER F 216 -1.80 19.24 -55.24
N ASN F 217 -1.09 19.41 -56.35
CA ASN F 217 -1.74 19.78 -57.61
C ASN F 217 -2.60 18.64 -58.13
N LEU F 218 -2.37 17.41 -57.65
CA LEU F 218 -3.25 16.30 -57.99
C LEU F 218 -4.65 16.46 -57.42
N PHE F 219 -4.82 17.26 -56.37
CA PHE F 219 -6.10 17.41 -55.70
C PHE F 219 -6.69 18.81 -55.75
N ILE F 220 -5.89 19.84 -56.02
CA ILE F 220 -6.34 21.23 -55.97
C ILE F 220 -6.46 21.76 -57.40
N LYS F 221 -7.62 22.34 -57.71
CA LYS F 221 -7.92 22.77 -59.07
C LYS F 221 -7.32 24.14 -59.39
N GLU F 222 -7.38 25.08 -58.45
CA GLU F 222 -7.01 26.46 -58.73
C GLU F 222 -6.46 27.11 -57.47
N GLY F 223 -5.48 27.98 -57.64
CA GLY F 223 -4.95 28.79 -56.58
C GLY F 223 -3.49 28.49 -56.30
N VAL F 224 -2.90 29.36 -55.48
CA VAL F 224 -1.51 29.20 -55.06
C VAL F 224 -1.39 28.01 -54.10
N LEU F 225 -0.36 27.19 -54.32
CA LEU F 225 -0.09 26.04 -53.46
C LEU F 225 0.92 26.35 -52.37
N VAL F 226 2.02 27.03 -52.73
CA VAL F 226 3.02 27.46 -51.76
C VAL F 226 3.83 28.58 -52.42
N SER F 227 4.37 29.46 -51.60
CA SER F 227 5.19 30.56 -52.09
C SER F 227 6.56 30.53 -51.41
N GLN F 228 7.57 30.95 -52.16
CA GLN F 228 8.93 31.11 -51.65
C GLN F 228 9.24 32.60 -51.70
N LYS F 229 9.63 33.17 -50.55
CA LYS F 229 9.71 34.62 -50.44
C LYS F 229 10.89 35.04 -49.57
N GLY F 230 11.64 36.02 -50.05
CA GLY F 230 12.72 36.62 -49.29
C GLY F 230 12.55 38.13 -49.23
N LYS F 231 13.62 38.86 -48.93
CA LYS F 231 13.50 40.32 -48.86
C LYS F 231 13.31 40.93 -50.25
N ASN F 232 14.12 40.51 -51.22
CA ASN F 232 13.98 41.01 -52.58
C ASN F 232 12.75 40.40 -53.22
N LYS F 233 11.77 41.24 -53.57
CA LYS F 233 10.51 40.75 -54.11
C LYS F 233 10.61 40.25 -55.54
N GLU F 234 11.77 40.36 -56.19
CA GLU F 234 11.94 39.75 -57.51
C GLU F 234 12.20 38.25 -57.40
N GLU F 235 13.02 37.85 -56.43
CA GLU F 235 13.31 36.44 -56.19
C GLU F 235 12.11 35.65 -55.70
N SER F 236 11.02 36.34 -55.33
CA SER F 236 9.84 35.67 -54.79
C SER F 236 9.16 34.80 -55.84
N LEU F 237 8.96 33.53 -55.52
CA LEU F 237 8.35 32.55 -56.41
C LEU F 237 7.02 32.09 -55.83
N GLU F 238 6.04 31.88 -56.69
CA GLU F 238 4.75 31.34 -56.29
C GLU F 238 4.42 30.13 -57.14
N TYR F 239 4.06 29.03 -56.49
CA TYR F 239 3.77 27.76 -57.16
C TYR F 239 2.26 27.65 -57.30
N LYS F 240 1.77 27.92 -58.50
CA LYS F 240 0.34 27.87 -58.77
C LYS F 240 -0.06 26.48 -59.25
N ALA F 241 -1.27 26.07 -58.91
CA ALA F 241 -1.77 24.79 -59.38
C ALA F 241 -2.19 24.92 -60.83
N ASN F 242 -1.92 23.87 -61.60
CA ASN F 242 -2.41 23.81 -62.97
C ASN F 242 -3.87 23.34 -62.99
N GLY F 243 -4.56 23.65 -64.08
CA GLY F 243 -5.93 23.21 -64.23
C GLY F 243 -6.11 21.73 -64.45
N ARG F 244 -5.03 20.95 -64.49
CA ARG F 244 -5.09 19.53 -64.80
C ARG F 244 -5.30 18.66 -63.58
N ALA F 245 -6.01 19.15 -62.56
CA ALA F 245 -6.18 18.41 -61.32
C ALA F 245 -7.37 17.47 -61.42
N PRO F 246 -7.17 16.15 -61.37
CA PRO F 246 -8.31 15.24 -61.22
C PRO F 246 -8.66 15.14 -59.75
N TYR F 247 -9.57 14.24 -59.39
CA TYR F 247 -9.99 14.03 -58.00
C TYR F 247 -10.17 15.35 -57.25
N THR F 248 -11.08 16.17 -57.77
CA THR F 248 -11.30 17.48 -57.18
C THR F 248 -12.35 17.47 -56.08
N ASN F 249 -13.26 16.49 -56.09
CA ASN F 249 -14.38 16.49 -55.17
C ASN F 249 -14.30 15.44 -54.07
N LEU F 250 -13.51 14.39 -54.25
CA LEU F 250 -13.61 13.25 -53.35
C LEU F 250 -13.03 13.60 -51.98
N PRO F 251 -13.66 13.14 -50.90
CA PRO F 251 -13.14 13.44 -49.55
C PRO F 251 -11.74 12.89 -49.35
N ILE F 252 -10.90 13.69 -48.69
CA ILE F 252 -9.53 13.32 -48.35
C ILE F 252 -9.24 13.80 -46.94
N ALA F 253 -8.66 12.92 -46.12
CA ALA F 253 -8.27 13.25 -44.75
C ALA F 253 -6.77 12.98 -44.58
N VAL F 254 -6.05 13.99 -44.10
CA VAL F 254 -4.60 13.95 -44.00
C VAL F 254 -4.21 13.76 -42.55
N LEU F 255 -3.33 12.79 -42.30
CA LEU F 255 -2.77 12.54 -40.97
C LEU F 255 -1.37 13.11 -40.88
N VAL F 256 -1.11 13.90 -39.84
CA VAL F 256 0.20 14.50 -39.61
C VAL F 256 0.53 14.36 -38.12
N ASN F 257 1.83 14.45 -37.82
CA ASN F 257 2.29 14.41 -36.44
C ASN F 257 3.58 15.21 -36.35
N GLY F 258 4.25 15.13 -35.19
CA GLY F 258 5.46 15.90 -34.96
C GLY F 258 6.61 15.56 -35.89
N GLY F 259 6.53 14.44 -36.61
CA GLY F 259 7.55 14.09 -37.57
C GLY F 259 7.29 14.56 -38.97
N SER F 260 6.12 15.13 -39.23
CA SER F 260 5.80 15.66 -40.55
C SER F 260 6.46 17.03 -40.70
N ALA F 261 7.26 17.19 -41.75
CA ALA F 261 8.00 18.43 -41.95
C ALA F 261 8.25 18.66 -43.44
N SER F 262 8.56 19.91 -43.78
CA SER F 262 9.00 20.31 -45.13
C SER F 262 7.89 19.98 -46.12
N ALA F 263 8.11 19.10 -47.11
CA ALA F 263 7.08 18.79 -48.08
C ALA F 263 5.81 18.25 -47.42
N SER F 264 5.96 17.54 -46.30
CA SER F 264 4.80 17.01 -45.59
C SER F 264 3.92 18.12 -45.06
N GLU F 265 4.51 19.26 -44.68
CA GLU F 265 3.73 20.39 -44.18
C GLU F 265 3.19 21.25 -45.31
N ILE F 266 3.88 21.26 -46.46
CA ILE F 266 3.38 22.02 -47.60
C ILE F 266 2.12 21.38 -48.16
N VAL F 267 2.13 20.05 -48.31
CA VAL F 267 0.94 19.35 -48.78
C VAL F 267 -0.20 19.51 -47.78
N ALA F 268 0.10 19.35 -46.50
CA ALA F 268 -0.94 19.49 -45.48
C ALA F 268 -1.44 20.93 -45.39
N GLY F 269 -0.52 21.90 -45.40
CA GLY F 269 -0.95 23.29 -45.27
C GLY F 269 -1.70 23.79 -46.48
N ALA F 270 -1.30 23.35 -47.68
CA ALA F 270 -2.00 23.76 -48.89
C ALA F 270 -3.41 23.20 -48.91
N LEU F 271 -3.56 21.91 -48.62
CA LEU F 271 -4.89 21.31 -48.58
C LEU F 271 -5.72 21.95 -47.48
N GLN F 272 -5.09 22.30 -46.36
CA GLN F 272 -5.81 22.94 -45.27
C GLN F 272 -6.30 24.34 -45.65
N ASP F 273 -5.42 25.14 -46.25
CA ASP F 273 -5.79 26.53 -46.55
C ASP F 273 -6.84 26.60 -47.64
N HIS F 274 -6.84 25.64 -48.57
CA HIS F 274 -7.86 25.59 -49.61
C HIS F 274 -9.13 24.89 -49.14
N LYS F 275 -9.21 24.51 -47.87
CA LYS F 275 -10.33 23.75 -47.33
C LYS F 275 -10.62 22.51 -48.17
N ARG F 276 -9.56 21.93 -48.73
CA ARG F 276 -9.68 20.74 -49.57
C ARG F 276 -9.64 19.45 -48.77
N ALA F 277 -9.05 19.47 -47.58
CA ALA F 277 -8.97 18.29 -46.74
C ALA F 277 -9.03 18.72 -45.28
N VAL F 278 -9.27 17.75 -44.40
CA VAL F 278 -9.23 17.95 -42.96
C VAL F 278 -7.94 17.32 -42.44
N ILE F 279 -7.20 18.09 -41.65
CA ILE F 279 -5.92 17.65 -41.12
C ILE F 279 -6.14 17.06 -39.73
N ILE F 280 -5.66 15.84 -39.53
CA ILE F 280 -5.90 15.08 -38.32
C ILE F 280 -4.56 14.70 -37.71
N GLY F 281 -4.46 14.83 -36.39
CA GLY F 281 -3.28 14.38 -35.69
C GLY F 281 -2.76 15.34 -34.64
N GLU F 282 -1.55 15.83 -34.82
CA GLU F 282 -0.92 16.72 -33.85
C GLU F 282 0.00 17.68 -34.59
N LYS F 283 0.37 18.76 -33.89
CA LYS F 283 1.10 19.86 -34.51
C LYS F 283 2.43 19.39 -35.09
N THR F 284 2.72 19.85 -36.31
CA THR F 284 3.85 19.37 -37.09
C THR F 284 5.16 20.01 -36.64
N PHE F 285 6.26 19.59 -37.26
CA PHE F 285 7.59 20.02 -36.83
C PHE F 285 7.85 21.49 -37.15
N GLY F 286 7.47 21.94 -38.35
CA GLY F 286 7.78 23.30 -38.74
C GLY F 286 9.14 23.46 -39.41
N LYS F 287 9.32 22.88 -40.60
CA LYS F 287 10.48 23.14 -41.44
C LYS F 287 10.03 23.78 -42.74
N GLY F 288 10.32 25.08 -42.90
CA GLY F 288 9.88 25.82 -44.06
C GLY F 288 10.83 26.89 -44.52
N SER F 289 12.12 26.59 -44.62
CA SER F 289 13.13 27.57 -44.98
C SER F 289 14.07 27.03 -46.05
N VAL F 290 14.70 27.96 -46.77
CA VAL F 290 15.66 27.63 -47.83
C VAL F 290 17.01 28.24 -47.44
N GLN F 291 18.01 27.39 -47.24
CA GLN F 291 19.37 27.82 -47.01
C GLN F 291 20.16 27.78 -48.31
N MET F 292 21.18 28.64 -48.40
CA MET F 292 22.01 28.73 -49.59
C MET F 292 23.46 28.96 -49.18
N LEU F 293 24.39 28.42 -49.96
CA LEU F 293 25.81 28.62 -49.73
C LEU F 293 26.30 29.77 -50.59
N LEU F 294 26.93 30.76 -49.96
CA LEU F 294 27.42 31.95 -50.63
C LEU F 294 28.92 32.05 -50.44
N PRO F 295 29.72 32.03 -51.51
CA PRO F 295 31.17 32.20 -51.33
C PRO F 295 31.48 33.63 -50.90
N VAL F 296 32.12 33.75 -49.74
CA VAL F 296 32.40 35.04 -49.13
C VAL F 296 33.92 35.23 -49.09
N ASN F 297 34.33 36.49 -48.92
CA ASN F 297 35.74 36.86 -48.89
C ASN F 297 36.45 36.40 -50.16
N LYS F 298 37.21 35.31 -50.06
CA LYS F 298 37.90 34.79 -51.24
C LYS F 298 37.73 33.28 -51.36
N ASP F 299 38.22 32.51 -50.38
CA ASP F 299 38.05 31.07 -50.36
C ASP F 299 37.24 30.62 -49.15
N GLU F 300 36.36 31.48 -48.65
CA GLU F 300 35.42 31.16 -47.59
C GLU F 300 33.99 31.21 -48.12
N ALA F 301 33.08 30.53 -47.41
CA ALA F 301 31.67 30.56 -47.75
C ALA F 301 30.84 30.61 -46.48
N ILE F 302 29.64 31.17 -46.60
CA ILE F 302 28.67 31.21 -45.50
C ILE F 302 27.37 30.59 -45.98
N LYS F 303 26.72 29.85 -45.09
CA LYS F 303 25.40 29.27 -45.35
C LYS F 303 24.37 30.06 -44.55
N ILE F 304 23.41 30.66 -45.25
CA ILE F 304 22.37 31.44 -44.59
C ILE F 304 21.03 31.17 -45.27
N THR F 305 19.96 31.33 -44.49
CA THR F 305 18.61 31.24 -45.02
C THR F 305 18.33 32.41 -45.97
N THR F 306 17.91 32.09 -47.19
CA THR F 306 17.64 33.11 -48.20
C THR F 306 16.16 33.32 -48.48
N ALA F 307 15.30 32.35 -48.13
CA ALA F 307 13.87 32.51 -48.33
C ALA F 307 13.13 31.57 -47.38
N ARG F 308 11.83 31.82 -47.24
CA ARG F 308 10.96 30.99 -46.41
C ARG F 308 9.75 30.57 -47.23
N TYR F 309 9.13 29.47 -46.81
CA TYR F 309 7.96 28.95 -47.49
C TYR F 309 6.71 29.52 -46.83
N TYR F 310 5.76 29.98 -47.63
CA TYR F 310 4.53 30.59 -47.16
C TYR F 310 3.34 29.82 -47.72
N LEU F 311 2.36 29.55 -46.86
CA LEU F 311 1.18 28.80 -47.25
C LEU F 311 0.27 29.71 -48.09
N PRO F 312 -0.77 29.13 -48.72
CA PRO F 312 -1.69 29.98 -49.49
C PRO F 312 -2.36 31.07 -48.68
N SER F 313 -2.57 30.85 -47.38
CA SER F 313 -3.12 31.89 -46.51
C SER F 313 -2.11 32.96 -46.12
N GLY F 314 -0.87 32.87 -46.59
CA GLY F 314 0.18 33.78 -46.18
C GLY F 314 0.87 33.42 -44.89
N ARG F 315 0.42 32.37 -44.20
CA ARG F 315 1.06 31.94 -42.96
C ARG F 315 2.38 31.23 -43.26
N THR F 316 3.33 31.39 -42.34
CA THR F 316 4.64 30.76 -42.49
C THR F 316 4.62 29.35 -41.92
N ILE F 317 5.50 28.51 -42.46
CA ILE F 317 5.60 27.11 -42.01
C ILE F 317 6.71 26.96 -40.97
N GLN F 318 7.70 27.85 -41.02
CA GLN F 318 8.96 27.62 -40.32
C GLN F 318 8.78 27.42 -38.82
N ALA F 319 8.72 28.51 -38.05
CA ALA F 319 8.67 28.36 -36.60
C ALA F 319 7.31 27.93 -36.09
N LYS F 320 6.29 27.90 -36.95
CA LYS F 320 4.90 27.69 -36.53
C LYS F 320 4.41 26.27 -36.80
N GLY F 321 4.61 25.75 -38.01
CA GLY F 321 4.11 24.43 -38.36
C GLY F 321 2.61 24.43 -38.60
N ILE F 322 2.10 23.25 -38.92
CA ILE F 322 0.69 23.05 -39.22
C ILE F 322 -0.05 22.61 -37.96
N THR F 323 -1.07 23.38 -37.56
CA THR F 323 -1.96 22.95 -36.49
C THR F 323 -3.15 22.23 -37.09
N PRO F 324 -3.37 20.96 -36.76
CA PRO F 324 -4.46 20.21 -37.40
C PRO F 324 -5.83 20.69 -36.97
N ASP F 325 -6.82 20.48 -37.84
CA ASP F 325 -8.19 20.85 -37.51
C ASP F 325 -8.76 19.96 -36.41
N ILE F 326 -8.28 18.73 -36.28
CA ILE F 326 -8.74 17.79 -35.27
C ILE F 326 -7.51 17.16 -34.62
N VAL F 327 -7.28 17.49 -33.36
CA VAL F 327 -6.11 17.00 -32.63
C VAL F 327 -6.44 15.67 -31.96
N ILE F 328 -5.60 14.65 -32.22
CA ILE F 328 -5.77 13.33 -31.64
C ILE F 328 -4.40 12.72 -31.39
N TYR F 329 -4.00 12.64 -30.13
CA TYR F 329 -2.74 12.02 -29.76
C TYR F 329 -2.85 10.50 -29.86
N PRO F 330 -1.73 9.80 -30.05
CA PRO F 330 -1.79 8.36 -30.31
C PRO F 330 -2.32 7.58 -29.12
N GLY F 331 -2.83 6.40 -29.43
CA GLY F 331 -3.41 5.53 -28.42
C GLY F 331 -4.31 4.50 -29.05
N LYS F 332 -4.77 3.57 -28.21
CA LYS F 332 -5.71 2.55 -28.63
C LYS F 332 -7.13 3.09 -28.52
N VAL F 333 -7.99 2.65 -29.44
CA VAL F 333 -9.40 3.04 -29.45
C VAL F 333 -10.06 2.47 -28.21
N PRO F 334 -11.06 3.14 -27.64
CA PRO F 334 -11.66 2.65 -26.39
C PRO F 334 -12.24 1.26 -26.57
N GLU F 335 -12.26 0.51 -25.46
CA GLU F 335 -12.53 -0.92 -25.49
C GLU F 335 -13.79 -1.24 -26.28
N ASN F 336 -13.76 -2.38 -26.97
CA ASN F 336 -14.85 -2.79 -27.85
C ASN F 336 -16.19 -2.80 -27.14
N GLU F 337 -16.18 -3.04 -25.82
CA GLU F 337 -17.24 -2.80 -24.85
C GLU F 337 -16.79 -3.23 -23.46
N ASN F 338 -17.53 -2.81 -22.43
CA ASN F 338 -17.33 -3.30 -21.07
C ASN F 338 -18.69 -3.46 -20.40
N LYS F 339 -19.62 -4.10 -21.10
CA LYS F 339 -21.01 -4.11 -20.68
C LYS F 339 -21.70 -5.40 -21.10
N PHE F 340 -22.37 -6.03 -20.15
CA PHE F 340 -23.42 -7.02 -20.41
C PHE F 340 -24.79 -6.38 -20.24
N SER F 341 -24.98 -5.28 -20.96
CA SER F 341 -26.13 -4.40 -20.73
C SER F 341 -27.42 -5.02 -21.27
N LEU F 342 -28.53 -4.36 -20.95
CA LEU F 342 -29.87 -4.83 -21.27
C LEU F 342 -30.39 -4.13 -22.52
N LYS F 343 -30.98 -4.91 -23.42
CA LYS F 343 -31.59 -4.42 -24.64
C LYS F 343 -32.99 -4.99 -24.77
N GLU F 344 -33.79 -4.44 -25.69
CA GLU F 344 -35.10 -5.04 -25.91
C GLU F 344 -34.99 -6.37 -26.64
N ALA F 345 -33.84 -6.66 -27.25
CA ALA F 345 -33.65 -7.94 -27.92
C ALA F 345 -33.52 -9.10 -26.94
N ASP F 346 -33.40 -8.82 -25.63
CA ASP F 346 -33.35 -9.88 -24.63
C ASP F 346 -34.26 -9.56 -23.45
N LEU F 347 -35.42 -8.97 -23.75
CA LEU F 347 -36.47 -8.76 -22.75
C LEU F 347 -37.58 -9.80 -22.89
N LYS F 348 -38.41 -9.87 -21.87
CA LYS F 348 -39.55 -10.77 -21.89
C LYS F 348 -40.54 -10.37 -22.98
N HIS F 349 -41.06 -11.36 -23.71
CA HIS F 349 -42.20 -11.18 -24.60
C HIS F 349 -41.98 -10.07 -25.62
N HIS F 350 -40.73 -9.78 -25.97
CA HIS F 350 -40.45 -8.64 -26.84
C HIS F 350 -40.91 -8.95 -28.26
N LEU F 351 -41.50 -7.95 -28.92
CA LEU F 351 -41.83 -8.09 -30.32
C LEU F 351 -40.55 -8.21 -31.14
N GLU F 352 -40.58 -9.08 -32.15
CA GLU F 352 -39.38 -9.34 -32.93
C GLU F 352 -39.64 -9.25 -34.43
N GLU F 379 -6.50 -4.22 -47.15
CA GLU F 379 -5.52 -4.85 -46.27
C GLU F 379 -5.50 -4.21 -44.89
N VAL F 380 -6.22 -3.09 -44.73
CA VAL F 380 -6.33 -2.41 -43.45
C VAL F 380 -7.51 -3.02 -42.70
N THR F 381 -7.20 -3.82 -41.69
CA THR F 381 -8.20 -4.57 -40.94
C THR F 381 -8.63 -3.80 -39.69
N PRO F 382 -9.76 -4.19 -39.08
CA PRO F 382 -10.12 -3.62 -37.77
C PRO F 382 -9.05 -3.81 -36.70
N LYS F 383 -8.16 -4.78 -36.86
CA LYS F 383 -7.07 -4.93 -35.88
C LYS F 383 -6.07 -3.79 -36.00
N MET F 384 -5.87 -3.26 -37.20
CA MET F 384 -4.97 -2.14 -37.40
C MET F 384 -5.60 -0.82 -36.97
N ILE F 385 -6.89 -0.62 -37.26
CA ILE F 385 -7.54 0.64 -36.94
C ILE F 385 -7.77 0.78 -35.44
N ASN F 386 -8.01 -0.34 -34.73
CA ASN F 386 -8.27 -0.24 -33.31
C ASN F 386 -7.04 0.09 -32.48
N ASP F 387 -5.84 -0.01 -33.04
CA ASP F 387 -4.64 0.42 -32.33
C ASP F 387 -4.21 1.83 -32.71
N ASP F 388 -4.80 2.41 -33.75
CA ASP F 388 -4.49 3.78 -34.19
C ASP F 388 -5.74 4.63 -34.01
N ILE F 389 -5.85 5.28 -32.85
CA ILE F 389 -6.97 6.21 -32.65
C ILE F 389 -6.85 7.36 -33.63
N GLN F 390 -5.63 7.66 -34.07
CA GLN F 390 -5.43 8.68 -35.10
C GLN F 390 -6.02 8.23 -36.43
N LEU F 391 -5.83 6.96 -36.80
CA LEU F 391 -6.41 6.44 -38.03
C LEU F 391 -7.93 6.35 -37.93
N LYS F 392 -8.45 5.90 -36.78
CA LYS F 392 -9.89 5.84 -36.60
C LYS F 392 -10.52 7.23 -36.72
N THR F 393 -9.89 8.25 -36.13
CA THR F 393 -10.42 9.60 -36.23
C THR F 393 -10.45 10.07 -37.68
N ALA F 394 -9.46 9.67 -38.47
CA ALA F 394 -9.42 10.05 -39.87
C ALA F 394 -10.56 9.37 -40.65
N ILE F 395 -10.81 8.09 -40.38
CA ILE F 395 -11.89 7.40 -41.06
C ILE F 395 -13.24 7.98 -40.66
N ASP F 396 -13.40 8.30 -39.37
CA ASP F 396 -14.66 8.87 -38.91
C ASP F 396 -14.93 10.22 -39.55
N SER F 397 -13.88 10.96 -39.91
CA SER F 397 -14.07 12.23 -40.60
C SER F 397 -14.51 12.03 -42.04
N LEU F 398 -14.09 10.93 -42.67
CA LEU F 398 -14.59 10.62 -44.00
C LEU F 398 -16.03 10.15 -43.95
N LYS F 399 -16.39 9.42 -42.88
CA LYS F 399 -17.77 8.99 -42.71
C LYS F 399 -18.70 10.20 -42.59
N THR F 400 -18.25 11.23 -41.87
CA THR F 400 -19.03 12.46 -41.77
C THR F 400 -19.04 13.22 -43.09
N TRP F 401 -17.88 13.32 -43.76
CA TRP F 401 -17.81 13.99 -45.05
C TRP F 401 -18.77 13.38 -46.05
N SER F 402 -18.76 12.06 -46.18
CA SER F 402 -19.59 11.41 -47.18
C SER F 402 -21.08 11.58 -46.85
N ILE F 403 -21.43 11.75 -45.58
CA ILE F 403 -22.81 12.03 -45.24
C ILE F 403 -23.19 13.46 -45.62
N VAL F 404 -22.29 14.41 -45.38
CA VAL F 404 -22.57 15.80 -45.73
C VAL F 404 -22.71 15.97 -47.24
N ASP F 405 -21.80 15.38 -48.00
CA ASP F 405 -21.87 15.48 -49.45
C ASP F 405 -22.97 14.62 -50.06
N GLU F 406 -23.68 13.83 -49.26
CA GLU F 406 -24.89 13.14 -49.71
C GLU F 406 -26.15 13.92 -49.39
N LYS F 407 -26.19 14.60 -48.23
CA LYS F 407 -27.26 15.55 -47.96
C LYS F 407 -27.35 16.59 -49.06
N MET F 408 -26.19 16.98 -49.61
CA MET F 408 -26.13 18.00 -50.66
C MET F 408 -26.42 17.37 -52.02
N ASP F 409 -27.61 16.79 -52.13
CA ASP F 409 -28.03 16.12 -53.36
C ASP F 409 -28.64 17.10 -54.36
N UNK G 6 16.47 24.97 -20.35
CA UNK G 6 16.94 24.80 -21.72
C UNK G 6 18.22 23.97 -21.78
N UNK G 7 19.12 24.23 -20.83
CA UNK G 7 20.41 23.56 -20.78
C UNK G 7 20.35 22.17 -20.16
N UNK G 8 19.16 21.55 -20.10
CA UNK G 8 19.05 20.20 -19.55
C UNK G 8 19.79 19.18 -20.40
N UNK G 9 19.97 19.46 -21.69
CA UNK G 9 20.72 18.55 -22.55
C UNK G 9 22.22 18.79 -22.45
N UNK G 10 22.65 20.03 -22.19
CA UNK G 10 24.07 20.30 -22.09
C UNK G 10 24.66 19.80 -20.78
N UNK G 11 23.88 19.81 -19.71
CA UNK G 11 24.40 19.40 -18.40
C UNK G 11 24.63 17.90 -18.31
N UNK G 12 24.00 17.10 -19.18
CA UNK G 12 24.17 15.66 -19.16
C UNK G 12 25.38 15.18 -19.94
N UNK G 13 25.97 16.04 -20.77
CA UNK G 13 27.11 15.60 -21.60
C UNK G 13 28.36 15.36 -20.77
N UNK G 14 28.54 16.10 -19.67
CA UNK G 14 29.74 15.94 -18.87
C UNK G 14 29.75 14.63 -18.10
N UNK G 15 28.57 14.11 -17.75
CA UNK G 15 28.49 12.87 -16.99
C UNK G 15 28.92 11.66 -17.82
N UNK G 16 28.87 11.75 -19.14
CA UNK G 16 29.26 10.64 -20.00
C UNK G 16 30.78 10.47 -20.02
N UNK H 1 15.81 3.86 18.49
CA UNK H 1 14.50 3.69 19.12
C UNK H 1 13.41 3.65 18.06
N UNK H 2 12.28 3.02 18.39
CA UNK H 2 11.17 2.92 17.47
C UNK H 2 10.59 4.30 17.16
N UNK H 3 9.74 4.35 16.13
CA UNK H 3 9.17 5.63 15.71
C UNK H 3 8.28 6.25 16.78
N UNK H 4 7.65 5.42 17.62
CA UNK H 4 6.83 5.94 18.71
C UNK H 4 7.64 6.21 19.97
N UNK H 5 8.68 5.41 20.22
CA UNK H 5 9.49 5.61 21.41
C UNK H 5 10.34 6.87 21.32
N UNK H 6 10.71 7.27 20.09
CA UNK H 6 11.48 8.50 19.93
C UNK H 6 10.63 9.74 20.19
N UNK H 7 9.33 9.69 19.91
CA UNK H 7 8.49 10.86 20.11
C UNK H 7 7.97 10.94 21.54
N UNK H 8 7.68 9.80 22.16
CA UNK H 8 7.13 9.79 23.52
C UNK H 8 8.18 10.25 24.53
N UNK H 9 9.41 9.76 24.41
CA UNK H 9 10.46 10.16 25.35
C UNK H 9 10.85 11.62 25.15
N UNK H 10 10.74 12.14 23.93
CA UNK H 10 11.03 13.54 23.69
C UNK H 10 9.90 14.44 24.17
N UNK H 11 8.65 14.03 23.92
CA UNK H 11 7.51 14.82 24.37
C UNK H 11 7.41 14.84 25.89
N UNK H 12 7.77 13.73 26.54
CA UNK H 12 7.76 13.69 27.99
C UNK H 12 8.89 14.53 28.58
N UNK H 13 10.08 14.48 27.97
CA UNK H 13 11.18 15.31 28.42
C UNK H 13 10.92 16.78 28.13
N UNK H 14 10.15 17.09 27.09
CA UNK H 14 9.80 18.47 26.81
C UNK H 14 8.80 19.01 27.82
N UNK H 15 7.98 18.13 28.40
CA UNK H 15 7.06 18.54 29.45
C UNK H 15 7.74 18.60 30.81
N UNK H 16 8.78 17.79 31.03
CA UNK H 16 9.48 17.77 32.31
C UNK H 16 10.47 18.92 32.43
N UNK H 17 11.02 19.40 31.31
CA UNK H 17 11.93 20.54 31.36
C UNK H 17 11.21 21.78 31.87
N UNK H 18 9.96 21.98 31.46
CA UNK H 18 9.17 23.08 32.00
C UNK H 18 8.72 22.78 33.43
N UNK H 19 8.10 21.62 33.63
CA UNK H 19 7.64 21.23 34.96
C UNK H 19 8.83 20.85 35.84
N UNK I 18 2.27 -6.68 32.06
CA UNK I 18 1.47 -5.84 32.95
C UNK I 18 1.59 -6.32 34.40
N UNK I 19 1.69 -5.37 35.32
CA UNK I 19 1.78 -5.65 36.74
C UNK I 19 0.70 -4.85 37.48
N UNK I 20 0.71 -4.96 38.80
CA UNK I 20 -0.27 -4.28 39.65
C UNK I 20 0.44 -3.40 40.66
N UNK I 21 -0.09 -2.21 40.90
CA UNK I 21 0.48 -1.28 41.85
C UNK I 21 -0.60 -0.48 42.56
N UNK J 10 4.43 11.67 -8.02
CA UNK J 10 3.98 11.15 -9.32
C UNK J 10 2.66 11.79 -9.73
N UNK J 11 2.40 11.79 -11.04
CA UNK J 11 1.14 12.35 -11.54
C UNK J 11 -0.06 11.53 -11.06
N UNK J 12 0.10 10.20 -10.99
CA UNK J 12 -1.00 9.37 -10.54
C UNK J 12 -1.17 9.44 -9.03
N UNK J 13 -0.07 9.47 -8.29
CA UNK J 13 -0.14 9.49 -6.83
C UNK J 13 -0.66 10.82 -6.29
N UNK J 14 -0.70 11.86 -7.12
CA UNK J 14 -1.22 13.15 -6.67
C UNK J 14 -2.71 13.07 -6.34
N UNK J 15 -3.43 12.14 -6.96
CA UNK J 15 -4.85 11.98 -6.66
C UNK J 15 -5.05 11.32 -5.30
N UNK J 16 -4.07 10.56 -4.82
CA UNK J 16 -4.20 9.91 -3.52
C UNK J 16 -4.10 10.92 -2.38
N UNK J 17 -3.40 12.04 -2.60
CA UNK J 17 -3.30 13.07 -1.58
C UNK J 17 -4.49 14.03 -1.62
N UNK J 18 -5.07 14.25 -2.80
CA UNK J 18 -6.22 15.14 -2.92
C UNK J 18 -7.50 14.50 -2.38
N UNK J 19 -7.53 13.18 -2.26
CA UNK J 19 -8.70 12.48 -1.73
C UNK J 19 -8.82 12.66 -0.23
N UNK K 19 -31.30 8.65 -8.72
CA UNK K 19 -32.66 8.99 -8.37
C UNK K 19 -32.76 10.40 -7.79
N UNK K 20 -33.92 11.03 -7.97
CA UNK K 20 -34.17 12.36 -7.45
C UNK K 20 -35.34 12.32 -6.48
N UNK K 21 -35.27 13.14 -5.44
CA UNK K 21 -36.31 13.17 -4.42
C UNK K 21 -36.55 14.58 -3.91
N UNK L 19 -52.82 11.01 -25.93
CA UNK L 19 -51.39 11.10 -26.24
C UNK L 19 -50.74 9.73 -26.20
N UNK L 20 -49.69 9.55 -27.00
CA UNK L 20 -48.95 8.31 -27.06
C UNK L 20 -47.49 8.54 -26.68
N UNK L 21 -46.86 7.49 -26.16
CA UNK L 21 -45.47 7.60 -25.72
C UNK L 21 -44.64 6.40 -26.21
N UNK M 1 -15.31 -5.20 2.99
CA UNK M 1 -16.28 -4.13 2.80
C UNK M 1 -15.67 -2.87 3.34
N UNK M 2 -14.53 -3.03 4.02
CA UNK M 2 -13.58 -1.96 4.29
C UNK M 2 -14.17 -0.70 4.93
N UNK M 3 -15.41 -0.36 4.61
CA UNK M 3 -15.92 0.88 5.18
C UNK M 3 -17.44 0.99 5.11
N UNK M 4 -18.16 0.24 5.92
CA UNK M 4 -19.60 0.39 5.92
C UNK M 4 -20.13 -0.25 7.19
N UNK M 5 -19.93 -1.55 7.32
CA UNK M 5 -20.34 -2.27 8.51
C UNK M 5 -19.42 -1.95 9.69
N UNK M 6 -18.78 -0.78 9.63
CA UNK M 6 -18.00 -0.18 10.71
C UNK M 6 -18.36 1.29 10.84
N UNK M 7 -19.55 1.66 10.35
CA UNK M 7 -20.07 3.01 10.42
C UNK M 7 -21.51 3.01 10.96
N UNK M 8 -21.86 1.99 11.75
CA UNK M 8 -23.07 2.06 12.55
C UNK M 8 -22.78 2.70 13.89
N UNK M 9 -21.52 2.66 14.32
CA UNK M 9 -21.09 3.30 15.54
C UNK M 9 -20.91 4.80 15.34
N UNK M 10 -19.70 5.23 14.99
CA UNK M 10 -19.30 6.62 15.17
C UNK M 10 -20.31 7.56 14.49
N UNK M 11 -20.60 7.33 13.22
CA UNK M 11 -21.78 7.95 12.62
C UNK M 11 -23.03 7.21 13.10
N UNK M 12 -23.96 7.96 13.70
CA UNK M 12 -25.05 7.49 14.57
C UNK M 12 -24.53 7.13 15.97
N UNK M 13 -23.24 7.34 16.24
CA UNK M 13 -22.78 7.76 17.56
C UNK M 13 -22.66 9.27 17.61
N UNK M 14 -23.17 9.94 16.59
CA UNK M 14 -23.58 11.32 16.69
C UNK M 14 -25.08 11.45 16.89
N UNK M 15 -25.81 10.36 16.66
CA UNK M 15 -27.24 10.35 16.86
C UNK M 15 -27.59 9.96 18.27
N UNK M 16 -28.70 9.22 18.37
CA UNK M 16 -29.46 8.92 19.58
C UNK M 16 -28.65 9.06 20.86
N UNK M 17 -28.45 10.29 21.30
CA UNK M 17 -27.89 10.50 22.63
C UNK M 17 -28.18 11.93 23.01
N UNK M 18 -28.08 12.81 22.02
CA UNK M 18 -28.21 14.24 22.27
C UNK M 18 -29.69 14.60 22.33
N UNK M 19 -30.55 13.58 22.29
CA UNK M 19 -31.99 13.78 22.29
C UNK M 19 -32.68 13.06 23.44
N UNK M 20 -32.51 11.74 23.57
CA UNK M 20 -33.34 10.97 24.48
C UNK M 20 -32.86 11.07 25.93
N UNK M 21 -32.41 12.25 26.34
CA UNK M 21 -32.04 12.47 27.73
C UNK M 21 -32.27 13.93 28.12
N UNK N 1 1.14 -26.90 51.32
CA UNK N 1 0.38 -26.13 50.34
C UNK N 1 1.30 -25.58 49.26
N UNK N 2 1.37 -24.24 49.16
CA UNK N 2 2.22 -23.50 48.23
C UNK N 2 2.33 -24.17 46.87
N UNK N 3 1.25 -24.79 46.40
CA UNK N 3 1.23 -25.47 45.12
C UNK N 3 -0.19 -25.51 44.57
N UNK O 5 5.09 -21.69 38.07
CA UNK O 5 5.29 -20.55 37.19
C UNK O 5 4.25 -20.52 36.08
N UNK O 6 4.39 -19.58 35.15
CA UNK O 6 3.46 -19.47 34.04
C UNK O 6 4.19 -19.12 32.75
N UNK P 8 -37.40 2.34 -21.55
CA UNK P 8 -36.88 1.43 -20.54
C UNK P 8 -35.40 1.68 -20.29
N UNK P 9 -34.71 2.13 -21.34
CA UNK P 9 -33.28 2.46 -21.27
C UNK P 9 -32.45 1.29 -20.73
#